data_2IUF
#
_entry.id   2IUF
#
_cell.length_a   142.440
_cell.length_b   142.440
_cell.length_c   132.230
_cell.angle_alpha   90.00
_cell.angle_beta   90.00
_cell.angle_gamma   120.00
#
_symmetry.space_group_name_H-M   'P 31 2 1'
#
loop_
_entity.id
_entity.type
_entity.pdbx_description
1 polymer CATALASE
2 branched 2-acetamido-2-deoxy-beta-D-glucopyranose-(1-6)-2-acetamido-2-deoxy-beta-D-glucopyranose
3 non-polymer 'CIS-HEME D HYDROXYCHLORIN GAMMA-SPIROLACTONE'
4 non-polymer 2-acetamido-2-deoxy-beta-D-glucopyranose
5 non-polymer 'OXYGEN ATOM'
6 non-polymer 'CALCIUM ION'
7 non-polymer 'ACETATE ION'
8 non-polymer 'ETHANEPEROXOIC ACID'
9 non-polymer (4S)-2-METHYL-2,4-PENTANEDIOL
10 water water
#
_entity_poly.entity_id   1
_entity_poly.type   'polypeptide(L)'
_entity_poly.pdbx_seq_one_letter_code
;QQFLSQFYLNDQDVYLTSNVGGPIQDENSLSAGQRGATLLQDFIFREKIQRFDHERVPERAVHARGTGAHGTFTSYGDWS
NLTAASFLSAEGKETPMFTRFSTVAGSRGSADTARDVHGFATRFYTDEGNFDIVGNNIPVFFIQDAILFPDLIHAVKPRG
DNQIPQAATAHDSAWDFFSQQPSVLHTLLWA(MHO)AGHGIPRSFRHVNGFGVHTFRLVTDDGKTKLVKFHWKGLQGKAS
FVWEEAQQTAGKNADF(MHO)RQDLFQSIQAGRFPEWELGVQIMQEQDQLKFGFDLLDPTKIVPEELVPVTILGKMQLNR
NP(MHO)NYFAETEQVMFQPGHIVRGVDFTEDPLLQGRLFSYLDTQLNRHGGPNFEQLPINRPRAPIHNNNRDGAGQMFI
PLDPNAYSPNTENKGSPKQANETVGKGFFTAPERTASGKLQRTLSTTFENNWSQPRLFWNSLVNAQKEFIVDA(MHO)RF
ETSNVSSSVVRDDVIIQLNRISDNLATRVASAIGVEAPKPNSSFYHDNTTAHIGAFGEKLAKLDGLKVGLLASVNKPASI
AQGAKLQVALSSVGVDVVVVAER(MHO)ANNVDETYSASDAVQFDAVVVADGAEGLFGADSFTVEPSAGSGASTLYPAGR
PLNILLDAFRFGKTVGALGSGSDALESGQISSERQGVYTGKNAGDAFAKDIKSGLSTFKFLDRFAVDE
;
_entity_poly.pdbx_strand_id   A,E
#
# COMPACT_ATOMS: atom_id res chain seq x y z
N GLN A 1 -28.79 -2.41 -14.96
CA GLN A 1 -28.14 -3.65 -14.42
C GLN A 1 -28.55 -4.90 -15.20
N GLN A 2 -29.60 -4.76 -16.00
CA GLN A 2 -30.00 -5.80 -16.96
C GLN A 2 -28.78 -6.42 -17.67
N PHE A 3 -27.95 -5.55 -18.26
CA PHE A 3 -26.85 -6.06 -19.07
C PHE A 3 -25.91 -6.90 -18.22
N LEU A 4 -25.35 -6.34 -17.15
CA LEU A 4 -24.30 -7.07 -16.40
C LEU A 4 -24.82 -8.27 -15.61
N SER A 5 -26.12 -8.27 -15.33
CA SER A 5 -26.66 -9.36 -14.53
C SER A 5 -26.63 -10.69 -15.24
N GLN A 6 -26.53 -10.68 -16.58
CA GLN A 6 -26.39 -11.94 -17.30
C GLN A 6 -25.12 -12.72 -16.93
N PHE A 7 -24.15 -12.04 -16.31
CA PHE A 7 -22.86 -12.67 -16.01
C PHE A 7 -22.72 -12.97 -14.52
N TYR A 8 -23.75 -12.63 -13.75
CA TYR A 8 -23.74 -12.85 -12.30
C TYR A 8 -23.74 -14.34 -11.95
N LEU A 9 -22.95 -14.70 -10.94
CA LEU A 9 -22.99 -16.06 -10.39
C LEU A 9 -23.51 -15.97 -8.97
N ASN A 10 -24.71 -16.53 -8.77
CA ASN A 10 -25.39 -16.53 -7.48
C ASN A 10 -25.04 -17.81 -6.78
N ASP A 11 -24.36 -17.70 -5.62
CA ASP A 11 -23.91 -18.87 -4.88
C ASP A 11 -24.59 -18.97 -3.52
N GLN A 12 -25.86 -18.57 -3.46
CA GLN A 12 -26.67 -18.73 -2.26
C GLN A 12 -27.26 -20.15 -2.30
N ASP A 13 -27.09 -20.90 -1.25
CA ASP A 13 -27.71 -22.21 -1.16
C ASP A 13 -27.54 -23.16 -2.35
N VAL A 14 -26.30 -23.47 -2.66
CA VAL A 14 -25.97 -24.32 -3.79
C VAL A 14 -24.85 -25.28 -3.37
N TYR A 15 -24.73 -26.36 -4.12
CA TYR A 15 -23.60 -27.29 -4.00
C TYR A 15 -22.40 -26.76 -4.81
N LEU A 16 -21.24 -27.02 -4.23
CA LEU A 16 -19.94 -26.78 -4.85
C LEU A 16 -19.73 -27.63 -6.09
N THR A 17 -19.19 -26.99 -7.13
CA THR A 17 -18.86 -27.66 -8.37
C THR A 17 -17.50 -27.24 -8.90
N SER A 18 -16.93 -28.07 -9.76
CA SER A 18 -15.75 -27.61 -10.56
C SER A 18 -16.17 -26.53 -11.55
N ASN A 19 -15.21 -26.01 -12.29
CA ASN A 19 -15.49 -24.99 -13.30
C ASN A 19 -16.17 -25.58 -14.53
N VAL A 20 -16.31 -26.92 -14.57
CA VAL A 20 -17.01 -27.58 -15.68
C VAL A 20 -18.25 -28.33 -15.13
N GLY A 21 -18.74 -27.88 -13.97
CA GLY A 21 -20.05 -28.29 -13.50
C GLY A 21 -20.16 -29.67 -12.84
N GLY A 22 -19.03 -30.25 -12.45
CA GLY A 22 -18.99 -31.47 -11.68
C GLY A 22 -19.08 -31.17 -10.21
N PRO A 23 -20.11 -31.71 -9.54
CA PRO A 23 -20.16 -31.46 -8.12
C PRO A 23 -18.95 -32.05 -7.40
N ILE A 24 -18.42 -31.28 -6.44
CA ILE A 24 -17.21 -31.65 -5.76
C ILE A 24 -17.23 -31.24 -4.26
N GLN A 25 -16.25 -31.77 -3.52
CA GLN A 25 -15.83 -31.30 -2.23
C GLN A 25 -14.40 -30.81 -2.39
N ASP A 26 -13.95 -29.91 -1.52
CA ASP A 26 -12.67 -29.27 -1.75
C ASP A 26 -11.85 -28.99 -0.47
N GLU A 27 -12.05 -29.80 0.57
CA GLU A 27 -11.42 -29.58 1.86
C GLU A 27 -10.27 -30.51 2.26
N ASN A 28 -10.12 -31.67 1.60
CA ASN A 28 -9.03 -32.60 1.87
C ASN A 28 -8.42 -33.08 0.56
N SER A 29 -7.11 -33.04 0.48
CA SER A 29 -6.39 -33.63 -0.63
C SER A 29 -6.56 -35.16 -0.60
N LEU A 30 -6.51 -35.77 -1.78
CA LEU A 30 -6.54 -37.21 -1.93
C LEU A 30 -5.18 -37.80 -1.58
N SER A 31 -5.19 -38.71 -0.62
CA SER A 31 -3.95 -39.27 -0.11
C SER A 31 -3.98 -40.77 -0.12
N ALA A 32 -2.77 -41.32 -0.09
CA ALA A 32 -2.54 -42.73 -0.05
C ALA A 32 -2.55 -43.12 1.44
N GLY A 33 -3.70 -43.47 1.94
CA GLY A 33 -3.90 -43.72 3.35
C GLY A 33 -4.11 -42.47 4.15
N GLN A 34 -4.38 -42.65 5.43
CA GLN A 34 -4.75 -41.54 6.25
C GLN A 34 -3.66 -40.45 6.38
N ARG A 35 -2.40 -40.88 6.49
CA ARG A 35 -1.27 -39.92 6.65
C ARG A 35 -0.32 -39.99 5.45
N GLY A 36 -0.86 -40.28 4.28
CA GLY A 36 -0.06 -40.47 3.08
C GLY A 36 0.17 -39.23 2.21
N ALA A 37 1.03 -39.41 1.24
CA ALA A 37 1.34 -38.41 0.22
C ALA A 37 0.14 -38.12 -0.67
N THR A 38 0.12 -36.89 -1.17
CA THR A 38 -0.96 -36.44 -2.06
C THR A 38 -0.79 -37.04 -3.47
N LEU A 39 -1.89 -37.50 -4.04
CA LEU A 39 -1.86 -38.07 -5.35
C LEU A 39 -1.99 -37.06 -6.47
N LEU A 40 -1.22 -37.28 -7.52
CA LEU A 40 -1.29 -36.44 -8.73
C LEU A 40 -2.67 -36.51 -9.39
N GLN A 41 -3.37 -37.64 -9.26
CA GLN A 41 -4.68 -37.76 -9.86
C GLN A 41 -5.78 -36.96 -9.18
N ASP A 42 -5.45 -36.25 -8.12
CA ASP A 42 -6.38 -35.35 -7.48
C ASP A 42 -6.58 -34.07 -8.31
N PHE A 43 -7.48 -34.17 -9.29
CA PHE A 43 -7.79 -33.05 -10.18
C PHE A 43 -8.54 -31.96 -9.45
N ILE A 44 -9.22 -32.33 -8.34
CA ILE A 44 -9.97 -31.33 -7.60
C ILE A 44 -9.01 -30.36 -6.94
N PHE A 45 -8.01 -30.92 -6.27
CA PHE A 45 -6.88 -30.14 -5.74
C PHE A 45 -6.26 -29.28 -6.82
N ARG A 46 -5.85 -29.89 -7.91
CA ARG A 46 -5.09 -29.10 -8.89
C ARG A 46 -5.94 -28.01 -9.54
N GLU A 47 -7.22 -28.27 -9.88
CA GLU A 47 -8.00 -27.18 -10.49
C GLU A 47 -8.21 -25.98 -9.56
N LYS A 48 -8.41 -26.27 -8.30
CA LYS A 48 -8.61 -25.28 -7.24
C LYS A 48 -7.34 -24.46 -7.05
N ILE A 49 -6.21 -25.13 -6.94
CA ILE A 49 -4.98 -24.42 -6.67
C ILE A 49 -4.48 -23.72 -7.94
N GLN A 50 -4.73 -24.28 -9.11
CA GLN A 50 -4.35 -23.60 -10.36
C GLN A 50 -5.10 -22.27 -10.52
N ARG A 51 -6.41 -22.28 -10.29
CA ARG A 51 -7.17 -21.01 -10.29
C ARG A 51 -6.54 -20.04 -9.29
N PHE A 52 -6.25 -20.52 -8.10
CA PHE A 52 -5.65 -19.63 -7.08
C PHE A 52 -4.32 -19.06 -7.53
N ASP A 53 -3.44 -19.94 -8.03
CA ASP A 53 -2.08 -19.58 -8.42
C ASP A 53 -2.06 -18.55 -9.52
N HIS A 54 -3.14 -18.47 -10.28
CA HIS A 54 -3.26 -17.55 -11.42
C HIS A 54 -4.26 -16.40 -11.25
N GLU A 55 -4.66 -16.12 -10.01
CA GLU A 55 -5.64 -15.07 -9.78
C GLU A 55 -5.22 -13.70 -10.20
N ARG A 56 -3.92 -13.39 -10.06
CA ARG A 56 -3.45 -12.02 -10.21
C ARG A 56 -3.22 -11.65 -11.66
N VAL A 57 -3.45 -10.36 -11.93
CA VAL A 57 -3.10 -9.76 -13.21
C VAL A 57 -2.20 -8.54 -12.94
N PRO A 58 -1.46 -8.10 -13.95
CA PRO A 58 -0.61 -6.94 -13.70
C PRO A 58 -1.44 -5.75 -13.25
N GLU A 59 -0.97 -5.04 -12.24
CA GLU A 59 -1.61 -3.79 -11.87
C GLU A 59 -1.43 -2.78 -12.99
N ARG A 60 -2.31 -1.77 -13.04
CA ARG A 60 -2.16 -0.75 -14.05
C ARG A 60 -0.76 -0.07 -13.89
N ALA A 61 -0.11 0.28 -14.99
CA ALA A 61 1.23 0.89 -14.96
C ALA A 61 1.26 2.22 -14.23
N VAL A 62 0.16 2.94 -14.28
CA VAL A 62 -0.13 4.11 -13.44
C VAL A 62 -1.56 4.02 -13.01
N HIS A 63 -1.91 4.73 -11.96
CA HIS A 63 -3.28 4.71 -11.39
C HIS A 63 -3.68 3.31 -10.90
N ALA A 64 -2.71 2.56 -10.43
CA ALA A 64 -2.94 1.23 -9.92
C ALA A 64 -3.91 1.13 -8.75
N ARG A 65 -3.89 2.14 -7.88
CA ARG A 65 -4.73 2.20 -6.70
C ARG A 65 -5.97 3.00 -6.96
N GLY A 66 -7.11 2.34 -7.01
CA GLY A 66 -8.32 3.06 -7.40
C GLY A 66 -9.61 2.34 -7.04
N THR A 67 -10.73 2.98 -7.33
N THR A 67 -10.73 3.07 -7.17
CA THR A 67 -12.02 2.46 -6.90
CA THR A 67 -12.04 2.52 -6.86
C THR A 67 -13.12 2.93 -7.82
C THR A 67 -13.06 2.88 -7.90
N GLY A 68 -14.04 2.01 -8.11
CA GLY A 68 -15.08 2.24 -9.12
C GLY A 68 -16.52 2.21 -8.62
N ALA A 69 -17.42 2.83 -9.41
CA ALA A 69 -18.85 2.77 -9.14
C ALA A 69 -19.58 2.96 -10.46
N HIS A 70 -20.75 2.29 -10.53
CA HIS A 70 -21.72 2.45 -11.59
C HIS A 70 -22.61 3.67 -11.37
N GLY A 71 -23.13 4.20 -12.46
CA GLY A 71 -23.98 5.35 -12.40
C GLY A 71 -24.69 5.62 -13.70
N THR A 72 -25.25 6.81 -13.80
N THR A 72 -25.19 6.84 -13.79
CA THR A 72 -26.01 7.20 -14.97
CA THR A 72 -26.05 7.27 -14.88
C THR A 72 -25.77 8.68 -15.27
C THR A 72 -25.66 8.69 -15.29
N PHE A 73 -25.82 8.98 -16.56
CA PHE A 73 -25.76 10.34 -17.10
C PHE A 73 -27.11 10.74 -17.62
N THR A 74 -27.45 12.00 -17.41
CA THR A 74 -28.66 12.63 -17.94
C THR A 74 -28.29 13.90 -18.70
N SER A 75 -28.61 13.92 -19.99
CA SER A 75 -28.41 15.13 -20.79
C SER A 75 -29.42 16.21 -20.40
N TYR A 76 -28.96 17.46 -20.32
CA TYR A 76 -29.81 18.60 -20.01
C TYR A 76 -30.42 19.20 -21.26
N GLY A 77 -30.00 18.73 -22.43
CA GLY A 77 -30.46 19.37 -23.66
C GLY A 77 -30.27 18.57 -24.90
N ASP A 78 -30.82 19.10 -25.99
CA ASP A 78 -30.51 18.59 -27.33
C ASP A 78 -29.34 19.45 -27.77
N TRP A 79 -28.12 18.88 -27.73
CA TRP A 79 -26.91 19.63 -28.03
C TRP A 79 -26.49 19.47 -29.50
N SER A 80 -27.41 19.07 -30.38
CA SER A 80 -27.04 18.80 -31.77
C SER A 80 -26.44 19.98 -32.54
N ASN A 81 -26.63 21.23 -32.08
CA ASN A 81 -25.98 22.33 -32.78
C ASN A 81 -24.54 22.55 -32.33
N LEU A 82 -24.12 21.76 -31.36
CA LEU A 82 -22.77 21.74 -30.80
C LEU A 82 -22.02 20.46 -31.14
N THR A 83 -22.73 19.33 -31.06
CA THR A 83 -22.12 18.03 -31.25
C THR A 83 -23.12 17.03 -31.77
N ALA A 84 -22.64 16.11 -32.59
CA ALA A 84 -23.46 14.98 -33.10
C ALA A 84 -23.54 13.85 -32.10
N ALA A 85 -22.91 14.00 -30.95
CA ALA A 85 -22.83 12.87 -30.01
C ALA A 85 -24.22 12.39 -29.59
N SER A 86 -24.50 11.10 -29.76
CA SER A 86 -25.82 10.56 -29.49
C SER A 86 -26.26 10.73 -28.04
N PHE A 87 -25.34 10.58 -27.11
CA PHE A 87 -25.69 10.65 -25.70
C PHE A 87 -26.10 12.06 -25.27
N LEU A 88 -25.85 13.04 -26.14
CA LEU A 88 -26.20 14.42 -25.90
C LEU A 88 -27.31 14.93 -26.83
N SER A 89 -28.10 14.03 -27.41
CA SER A 89 -28.98 14.39 -28.53
C SER A 89 -30.37 14.88 -28.08
N ALA A 90 -30.68 14.75 -26.80
CA ALA A 90 -32.02 15.15 -26.29
C ALA A 90 -32.03 15.43 -24.81
N GLU A 91 -32.88 16.37 -24.43
CA GLU A 91 -33.07 16.72 -23.07
C GLU A 91 -33.67 15.50 -22.37
N GLY A 92 -33.04 15.05 -21.31
CA GLY A 92 -33.49 13.92 -20.52
C GLY A 92 -32.98 12.58 -20.97
N LYS A 93 -32.21 12.54 -22.07
N LYS A 93 -32.19 12.56 -22.05
CA LYS A 93 -31.66 11.26 -22.55
CA LYS A 93 -31.60 11.33 -22.53
C LYS A 93 -30.65 10.76 -21.53
C LYS A 93 -30.64 10.78 -21.49
N GLU A 94 -30.78 9.47 -21.20
CA GLU A 94 -29.99 8.81 -20.14
C GLU A 94 -29.07 7.73 -20.69
N THR A 95 -27.86 7.68 -20.14
CA THR A 95 -26.83 6.73 -20.57
C THR A 95 -26.14 6.11 -19.34
N PRO A 96 -25.98 4.78 -19.31
CA PRO A 96 -25.25 4.21 -18.19
C PRO A 96 -23.80 4.62 -18.18
N MET A 97 -23.23 4.61 -16.99
CA MET A 97 -21.83 4.93 -16.80
C MET A 97 -21.13 4.00 -15.84
N PHE A 98 -19.79 4.00 -15.94
CA PHE A 98 -18.92 3.45 -14.94
C PHE A 98 -17.78 4.41 -14.78
N THR A 99 -17.43 4.70 -13.53
CA THR A 99 -16.39 5.65 -13.18
C THR A 99 -15.36 5.03 -12.22
N ARG A 100 -14.09 5.29 -12.47
CA ARG A 100 -13.06 4.87 -11.57
C ARG A 100 -12.20 6.06 -11.19
N PHE A 101 -11.98 6.19 -9.90
CA PHE A 101 -11.13 7.21 -9.31
C PHE A 101 -9.87 6.51 -8.81
N SER A 102 -8.79 7.28 -8.69
CA SER A 102 -7.49 6.68 -8.39
C SER A 102 -6.47 7.69 -7.92
N THR A 103 -5.36 7.17 -7.35
CA THR A 103 -4.11 7.95 -7.32
C THR A 103 -3.33 7.66 -8.61
N VAL A 104 -2.07 8.04 -8.68
CA VAL A 104 -1.24 7.81 -9.90
C VAL A 104 -0.03 6.90 -9.67
N ALA A 105 0.78 7.26 -8.70
CA ALA A 105 2.12 6.69 -8.52
C ALA A 105 2.13 5.36 -7.76
N GLY A 106 1.32 5.24 -6.72
CA GLY A 106 1.40 4.09 -5.84
C GLY A 106 0.92 2.79 -6.49
N SER A 107 1.46 1.69 -5.99
CA SER A 107 1.00 0.38 -6.44
C SER A 107 -0.33 0.02 -5.79
N ARG A 108 -0.86 -1.12 -6.23
N ARG A 108 -0.98 -1.11 -6.13
CA ARG A 108 -1.94 -1.74 -5.50
CA ARG A 108 -2.45 -1.33 -5.78
C ARG A 108 -1.54 -1.93 -4.07
C ARG A 108 -3.06 -1.52 -4.30
N GLY A 109 -2.28 -1.37 -3.25
CA GLY A 109 -2.40 -1.70 -1.90
C GLY A 109 -1.81 -0.47 -1.20
N SER A 110 -1.29 0.51 -1.97
CA SER A 110 -0.81 1.76 -1.36
C SER A 110 -1.96 2.61 -0.78
N ALA A 111 -1.63 3.50 0.13
CA ALA A 111 -2.71 4.27 0.85
C ALA A 111 -3.50 5.18 -0.08
N ASP A 112 -4.80 5.17 0.14
CA ASP A 112 -5.68 6.08 -0.60
C ASP A 112 -5.17 7.53 -0.42
N THR A 113 -4.79 7.90 0.81
CA THR A 113 -4.52 9.29 1.11
C THR A 113 -3.06 9.69 0.95
N ALA A 114 -2.32 8.99 0.08
CA ALA A 114 -1.04 9.48 -0.42
C ALA A 114 -1.29 10.85 -1.05
N ARG A 115 -0.31 11.76 -1.02
CA ARG A 115 -0.44 12.97 -1.86
C ARG A 115 -0.18 12.59 -3.32
N ASP A 116 -1.10 12.96 -4.19
CA ASP A 116 -0.92 12.69 -5.61
C ASP A 116 -1.98 13.41 -6.43
N VAL A 117 -1.74 13.43 -7.73
CA VAL A 117 -2.77 13.71 -8.73
C VAL A 117 -3.76 12.55 -8.59
N HIS A 118 -5.05 12.80 -8.84
CA HIS A 118 -6.05 11.72 -8.82
C HIS A 118 -6.70 11.54 -10.17
N GLY A 119 -6.88 10.28 -10.56
CA GLY A 119 -7.62 9.91 -11.77
C GLY A 119 -9.11 10.06 -11.55
N PHE A 120 -9.82 10.38 -12.65
CA PHE A 120 -11.24 10.63 -12.64
C PHE A 120 -11.71 10.20 -14.04
N ALA A 121 -11.93 8.88 -14.17
CA ALA A 121 -12.12 8.26 -15.46
C ALA A 121 -13.59 7.91 -15.59
N THR A 122 -14.27 8.40 -16.61
CA THR A 122 -15.70 8.23 -16.76
C THR A 122 -16.01 7.62 -18.11
N ARG A 123 -16.70 6.48 -18.08
CA ARG A 123 -17.19 5.79 -19.27
C ARG A 123 -18.70 6.05 -19.43
N PHE A 124 -19.10 6.42 -20.62
CA PHE A 124 -20.49 6.48 -21.04
C PHE A 124 -20.76 5.32 -21.99
N TYR A 125 -21.68 4.44 -21.62
CA TYR A 125 -22.02 3.29 -22.48
C TYR A 125 -23.09 3.75 -23.45
N THR A 126 -22.66 4.54 -24.45
CA THR A 126 -23.66 5.19 -25.33
C THR A 126 -24.20 4.21 -26.33
N ASP A 127 -25.36 4.57 -26.88
CA ASP A 127 -25.99 3.74 -27.90
C ASP A 127 -25.29 3.77 -29.25
N GLU A 128 -24.22 4.59 -29.35
CA GLU A 128 -23.36 4.64 -30.54
C GLU A 128 -21.89 4.39 -30.19
N GLY A 129 -21.69 3.62 -29.14
CA GLY A 129 -20.38 3.13 -28.71
C GLY A 129 -19.92 3.60 -27.36
N ASN A 130 -18.90 2.94 -26.83
CA ASN A 130 -18.37 3.41 -25.54
C ASN A 130 -17.59 4.68 -25.76
N PHE A 131 -17.84 5.66 -24.90
CA PHE A 131 -17.12 6.93 -24.91
C PHE A 131 -16.50 7.13 -23.53
N ASP A 132 -15.17 7.23 -23.49
CA ASP A 132 -14.47 7.42 -22.24
C ASP A 132 -13.84 8.83 -22.21
N ILE A 133 -14.05 9.55 -21.11
CA ILE A 133 -13.29 10.74 -20.80
C ILE A 133 -12.37 10.35 -19.63
N VAL A 134 -11.10 10.18 -19.97
CA VAL A 134 -10.14 9.64 -19.03
C VAL A 134 -9.44 10.85 -18.44
N GLY A 135 -10.01 11.38 -17.34
CA GLY A 135 -9.60 12.66 -16.75
C GLY A 135 -8.89 12.52 -15.41
N ASN A 136 -8.61 13.68 -14.80
CA ASN A 136 -7.97 13.74 -13.48
C ASN A 136 -8.69 14.80 -12.64
N ASN A 137 -8.35 14.90 -11.35
CA ASN A 137 -8.96 15.96 -10.50
C ASN A 137 -8.23 17.33 -10.58
N ILE A 138 -7.25 17.42 -11.46
CA ILE A 138 -6.44 18.63 -11.71
C ILE A 138 -6.47 18.86 -13.21
N PRO A 139 -6.68 20.11 -13.63
CA PRO A 139 -6.93 20.39 -15.08
C PRO A 139 -5.72 20.44 -16.00
N VAL A 140 -4.55 20.38 -15.39
CA VAL A 140 -3.29 20.47 -16.09
C VAL A 140 -2.42 19.29 -15.74
N PHE A 141 -1.58 18.92 -16.69
CA PHE A 141 -0.69 17.80 -16.45
C PHE A 141 0.76 18.25 -16.47
N PHE A 142 1.63 17.37 -15.99
CA PHE A 142 3.04 17.73 -15.74
C PHE A 142 3.91 18.02 -16.97
N ILE A 143 3.58 17.39 -18.10
CA ILE A 143 4.44 17.28 -19.28
C ILE A 143 3.63 17.58 -20.53
N GLN A 144 4.32 17.99 -21.60
CA GLN A 144 3.71 18.53 -22.79
C GLN A 144 3.75 17.54 -23.99
N ASP A 145 4.39 16.39 -23.81
CA ASP A 145 4.50 15.40 -24.89
C ASP A 145 4.46 14.03 -24.29
N ALA A 146 3.62 13.18 -24.85
CA ALA A 146 3.43 11.83 -24.33
C ALA A 146 4.73 11.01 -24.31
N ILE A 147 5.66 11.36 -25.17
CA ILE A 147 6.93 10.61 -25.20
C ILE A 147 7.72 10.74 -23.89
N LEU A 148 7.43 11.81 -23.14
CA LEU A 148 8.06 12.05 -21.84
C LEU A 148 7.41 11.28 -20.64
N PHE A 149 6.36 10.56 -20.89
CA PHE A 149 5.67 9.91 -19.79
C PHE A 149 6.54 8.96 -18.99
N PRO A 150 7.31 8.09 -19.64
CA PRO A 150 8.18 7.24 -18.86
C PRO A 150 9.22 7.97 -18.04
N ASP A 151 9.63 9.13 -18.51
CA ASP A 151 10.57 9.96 -17.74
C ASP A 151 9.91 10.49 -16.49
N LEU A 152 8.76 11.14 -16.65
CA LEU A 152 8.01 11.61 -15.47
C LEU A 152 7.73 10.49 -14.49
N ILE A 153 7.22 9.36 -14.98
CA ILE A 153 6.77 8.31 -14.06
C ILE A 153 7.96 7.59 -13.43
N HIS A 154 9.03 7.34 -14.17
CA HIS A 154 10.19 6.72 -13.56
C HIS A 154 10.77 7.64 -12.48
N ALA A 155 10.69 8.94 -12.69
CA ALA A 155 11.26 9.88 -11.68
C ALA A 155 10.40 9.94 -10.42
N VAL A 156 9.08 9.86 -10.56
CA VAL A 156 8.16 9.94 -9.44
C VAL A 156 8.09 8.63 -8.64
N LYS A 157 8.07 7.52 -9.35
CA LYS A 157 7.93 6.18 -8.77
C LYS A 157 9.24 5.85 -7.99
N PRO A 158 9.22 4.76 -7.24
CA PRO A 158 10.38 4.40 -6.39
C PRO A 158 11.69 4.24 -7.15
N ARG A 159 12.78 4.49 -6.42
N ARG A 159 12.78 4.50 -6.43
CA ARG A 159 14.14 4.27 -6.97
CA ARG A 159 14.12 4.35 -7.00
C ARG A 159 14.27 2.89 -7.61
C ARG A 159 14.36 2.92 -7.54
N GLY A 160 15.04 2.82 -8.69
CA GLY A 160 15.26 1.55 -9.35
C GLY A 160 16.04 0.49 -8.58
N ASP A 161 16.95 0.92 -7.71
CA ASP A 161 17.76 -0.06 -6.96
C ASP A 161 16.99 -0.71 -5.82
N ASN A 162 16.27 0.08 -5.01
CA ASN A 162 15.63 -0.48 -3.82
C ASN A 162 14.14 -0.33 -3.70
N GLN A 163 13.51 0.23 -4.72
CA GLN A 163 12.06 0.46 -4.74
C GLN A 163 11.54 1.21 -3.50
N ILE A 164 12.24 2.30 -3.15
CA ILE A 164 11.80 3.25 -2.12
C ILE A 164 11.78 4.62 -2.79
N PRO A 165 10.81 5.50 -2.48
CA PRO A 165 9.67 5.36 -1.58
C PRO A 165 8.38 5.05 -2.31
N GLN A 166 7.47 4.36 -1.67
CA GLN A 166 6.16 4.07 -2.18
C GLN A 166 5.31 5.31 -2.26
N ALA A 167 4.59 5.49 -3.38
CA ALA A 167 3.52 6.47 -3.53
C ALA A 167 3.90 7.84 -3.01
N ALA A 168 5.05 8.34 -3.50
CA ALA A 168 5.53 9.63 -2.98
C ALA A 168 6.47 10.33 -3.93
N THR A 169 6.35 11.67 -3.98
CA THR A 169 7.32 12.48 -4.67
C THR A 169 8.46 13.00 -3.81
N ALA A 170 8.45 12.68 -2.52
CA ALA A 170 9.44 13.20 -1.56
C ALA A 170 10.80 12.46 -1.64
N HIS A 171 11.43 12.52 -2.81
CA HIS A 171 12.72 11.90 -3.06
C HIS A 171 13.44 12.58 -4.19
N ASP A 172 14.78 12.39 -4.25
CA ASP A 172 15.63 13.17 -5.17
C ASP A 172 15.15 13.11 -6.62
N SER A 173 14.81 11.93 -7.13
CA SER A 173 14.57 11.83 -8.54
C SER A 173 13.38 12.66 -8.97
N ALA A 174 12.34 12.64 -8.18
CA ALA A 174 11.13 13.39 -8.53
C ALA A 174 11.41 14.86 -8.70
N TRP A 175 12.08 15.41 -7.70
CA TRP A 175 12.40 16.83 -7.71
C TRP A 175 13.49 17.21 -8.71
N ASP A 176 14.38 16.26 -9.00
CA ASP A 176 15.33 16.41 -10.11
C ASP A 176 14.56 16.64 -11.40
N PHE A 177 13.61 15.75 -11.67
CA PHE A 177 12.82 15.85 -12.84
C PHE A 177 11.98 17.17 -12.86
N PHE A 178 11.32 17.53 -11.77
CA PHE A 178 10.51 18.71 -11.73
C PHE A 178 11.34 19.97 -12.06
N SER A 179 12.54 20.05 -11.50
CA SER A 179 13.38 21.20 -11.74
C SER A 179 14.07 21.20 -13.08
N GLN A 180 14.31 20.01 -13.64
CA GLN A 180 14.93 19.88 -14.95
C GLN A 180 13.86 20.12 -16.06
N GLN A 181 12.59 19.94 -15.74
CA GLN A 181 11.49 19.99 -16.71
C GLN A 181 10.41 20.89 -16.11
N PRO A 182 10.62 22.20 -16.17
CA PRO A 182 9.74 23.15 -15.45
C PRO A 182 8.30 23.23 -15.97
N SER A 183 8.00 22.61 -17.11
CA SER A 183 6.58 22.44 -17.50
C SER A 183 5.79 21.86 -16.35
N VAL A 184 6.46 21.08 -15.49
CA VAL A 184 5.80 20.39 -14.38
C VAL A 184 5.21 21.27 -13.29
N LEU A 185 5.62 22.55 -13.27
CA LEU A 185 5.37 23.37 -12.13
C LEU A 185 3.90 23.64 -11.88
N HIS A 186 3.09 23.75 -12.92
CA HIS A 186 1.68 24.09 -12.72
C HIS A 186 0.98 22.94 -11.99
N THR A 187 1.08 21.70 -12.51
CA THR A 187 0.51 20.54 -11.83
C THR A 187 1.09 20.36 -10.43
N LEU A 188 2.40 20.60 -10.29
CA LEU A 188 3.06 20.47 -9.00
C LEU A 188 2.38 21.35 -7.93
N LEU A 189 2.09 22.61 -8.28
CA LEU A 189 1.40 23.51 -7.33
C LEU A 189 0.00 23.02 -7.01
N TRP A 190 -0.75 22.56 -8.01
CA TRP A 190 -2.07 21.99 -7.75
C TRP A 190 -1.99 20.83 -6.76
N ALA A 191 -1.04 19.92 -6.99
CA ALA A 191 -0.96 18.73 -6.21
C ALA A 191 -0.47 19.01 -4.79
N ALA A 193 -0.97 21.96 -3.24
CA ALA A 193 -2.12 22.60 -2.61
C ALA A 193 -3.07 21.48 -2.13
N GLY A 194 -4.30 21.81 -1.79
CA GLY A 194 -5.18 20.79 -1.22
C GLY A 194 -5.60 19.71 -2.20
N HIS A 195 -5.45 19.98 -3.50
CA HIS A 195 -5.94 19.03 -4.51
C HIS A 195 -5.20 17.70 -4.49
N GLY A 196 -4.01 17.67 -3.94
CA GLY A 196 -3.26 16.41 -3.84
C GLY A 196 -3.71 15.51 -2.71
N ILE A 197 -4.46 16.07 -1.75
CA ILE A 197 -4.93 15.31 -0.57
C ILE A 197 -6.40 15.56 -0.28
N PRO A 198 -7.29 15.19 -1.25
CA PRO A 198 -8.73 15.39 -1.03
C PRO A 198 -9.32 14.47 0.06
N ARG A 199 -10.41 14.95 0.68
CA ARG A 199 -11.12 14.24 1.72
C ARG A 199 -11.80 12.98 1.20
N SER A 200 -12.28 13.02 -0.03
CA SER A 200 -13.00 11.91 -0.63
C SER A 200 -13.07 12.11 -2.12
N PHE A 201 -13.43 11.04 -2.85
CA PHE A 201 -13.60 11.19 -4.29
C PHE A 201 -14.89 11.99 -4.61
N ARG A 202 -15.79 12.15 -3.63
CA ARG A 202 -17.02 12.91 -3.84
C ARG A 202 -16.77 14.42 -3.72
N HIS A 203 -15.60 14.77 -3.22
CA HIS A 203 -15.24 16.18 -2.88
C HIS A 203 -14.08 16.66 -3.75
N VAL A 204 -14.09 16.21 -5.01
CA VAL A 204 -13.22 16.73 -6.01
C VAL A 204 -14.02 17.05 -7.29
N ASN A 205 -13.44 17.87 -8.14
CA ASN A 205 -13.91 18.01 -9.50
C ASN A 205 -13.09 17.10 -10.42
N GLY A 206 -13.54 16.97 -11.65
CA GLY A 206 -12.79 16.31 -12.73
C GLY A 206 -12.58 17.22 -13.91
N PHE A 207 -11.61 16.82 -14.74
CA PHE A 207 -11.14 17.57 -15.91
C PHE A 207 -10.66 16.60 -16.97
N GLY A 208 -11.02 16.85 -18.23
CA GLY A 208 -10.44 16.10 -19.29
C GLY A 208 -9.01 16.44 -19.63
N VAL A 209 -8.57 17.60 -19.12
CA VAL A 209 -7.24 18.20 -19.31
C VAL A 209 -7.03 18.78 -20.72
N HIS A 210 -7.05 17.91 -21.74
CA HIS A 210 -6.76 18.33 -23.08
C HIS A 210 -7.95 19.13 -23.67
N THR A 211 -7.62 19.96 -24.64
CA THR A 211 -8.57 20.52 -25.55
C THR A 211 -9.00 19.37 -26.50
N PHE A 212 -10.32 19.17 -26.66
CA PHE A 212 -10.88 18.24 -27.63
C PHE A 212 -11.69 19.05 -28.65
N ARG A 213 -12.17 18.38 -29.69
CA ARG A 213 -13.15 18.97 -30.60
C ARG A 213 -14.53 18.36 -30.38
N LEU A 214 -15.55 19.22 -30.45
CA LEU A 214 -16.92 18.78 -30.71
C LEU A 214 -17.25 19.08 -32.15
N VAL A 215 -17.96 18.16 -32.79
N VAL A 215 -17.98 18.16 -32.76
CA VAL A 215 -18.26 18.30 -34.18
CA VAL A 215 -18.20 18.17 -34.18
C VAL A 215 -19.68 17.88 -34.53
C VAL A 215 -19.70 17.94 -34.40
N THR A 216 -20.36 18.77 -35.23
CA THR A 216 -21.74 18.53 -35.63
C THR A 216 -21.80 17.62 -36.86
N ASP A 217 -23.00 17.15 -37.19
CA ASP A 217 -23.15 16.30 -38.35
C ASP A 217 -22.72 16.96 -39.64
N ASP A 218 -22.85 18.27 -39.71
CA ASP A 218 -22.32 18.99 -40.90
C ASP A 218 -20.89 19.46 -40.83
N GLY A 219 -20.14 18.95 -39.85
CA GLY A 219 -18.70 19.11 -39.80
C GLY A 219 -18.22 20.37 -39.10
N LYS A 220 -19.11 21.10 -38.47
CA LYS A 220 -18.74 22.34 -37.82
C LYS A 220 -18.14 21.98 -36.46
N THR A 221 -17.06 22.65 -36.09
CA THR A 221 -16.36 22.32 -34.83
C THR A 221 -16.29 23.47 -33.83
N LYS A 222 -16.12 23.09 -32.57
CA LYS A 222 -15.72 23.96 -31.50
C LYS A 222 -14.59 23.23 -30.79
N LEU A 223 -13.70 24.00 -30.16
CA LEU A 223 -12.70 23.45 -29.26
C LEU A 223 -13.24 23.50 -27.85
N VAL A 224 -13.03 22.47 -27.03
CA VAL A 224 -13.59 22.47 -25.70
C VAL A 224 -12.60 21.93 -24.66
N LYS A 225 -12.78 22.40 -23.44
CA LYS A 225 -12.26 21.74 -22.23
C LYS A 225 -13.46 21.04 -21.55
N PHE A 226 -13.31 19.77 -21.20
CA PHE A 226 -14.31 19.03 -20.44
C PHE A 226 -14.10 19.22 -18.95
N HIS A 227 -15.21 19.41 -18.23
CA HIS A 227 -15.25 19.58 -16.79
C HIS A 227 -16.27 18.63 -16.15
N TRP A 228 -15.96 18.15 -14.96
CA TRP A 228 -16.95 17.51 -14.07
C TRP A 228 -17.03 18.37 -12.82
N LYS A 229 -18.10 19.15 -12.71
CA LYS A 229 -18.27 20.07 -11.55
C LYS A 229 -18.98 19.34 -10.42
N GLY A 230 -18.29 19.06 -9.32
CA GLY A 230 -18.85 18.29 -8.25
C GLY A 230 -19.93 19.05 -7.50
N LEU A 231 -21.00 18.35 -7.15
CA LEU A 231 -22.14 18.96 -6.43
C LEU A 231 -22.13 18.77 -4.92
N GLN A 232 -21.04 18.22 -4.38
CA GLN A 232 -20.89 18.05 -2.92
C GLN A 232 -20.05 19.20 -2.35
N GLY A 233 -18.95 19.48 -3.03
CA GLY A 233 -18.05 20.59 -2.73
C GLY A 233 -16.63 20.12 -2.48
N LYS A 234 -15.68 20.94 -2.89
CA LYS A 234 -14.26 20.61 -2.63
C LYS A 234 -14.00 20.52 -1.16
N ALA A 235 -13.27 19.49 -0.75
CA ALA A 235 -12.81 19.35 0.60
C ALA A 235 -11.49 18.58 0.61
N SER A 236 -10.52 19.09 1.37
CA SER A 236 -9.19 18.50 1.43
C SER A 236 -8.60 18.52 2.82
N PHE A 237 -7.61 17.67 2.99
CA PHE A 237 -6.89 17.53 4.21
C PHE A 237 -5.67 18.49 4.28
N VAL A 238 -5.07 18.52 5.46
CA VAL A 238 -3.67 18.99 5.62
C VAL A 238 -2.77 17.73 5.67
N TRP A 239 -1.50 17.89 5.34
CA TRP A 239 -0.62 16.75 5.12
C TRP A 239 -0.55 15.81 6.30
N GLU A 240 -0.40 16.36 7.50
CA GLU A 240 -0.20 15.48 8.66
C GLU A 240 -1.43 14.63 8.95
N GLU A 241 -2.60 15.13 8.54
CA GLU A 241 -3.82 14.38 8.63
C GLU A 241 -3.94 13.28 7.57
N ALA A 242 -3.47 13.56 6.36
CA ALA A 242 -3.45 12.57 5.30
C ALA A 242 -2.49 11.42 5.65
N GLN A 243 -1.34 11.77 6.23
CA GLN A 243 -0.38 10.74 6.69
C GLN A 243 -1.07 9.87 7.74
N GLN A 244 -1.70 10.49 8.75
CA GLN A 244 -2.26 9.72 9.83
C GLN A 244 -3.37 8.79 9.30
N THR A 245 -4.13 9.25 8.32
CA THR A 245 -5.19 8.46 7.69
C THR A 245 -4.59 7.26 6.94
N ALA A 246 -3.45 7.48 6.31
CA ALA A 246 -2.72 6.35 5.61
C ALA A 246 -2.34 5.23 6.57
N GLY A 247 -2.01 5.57 7.81
CA GLY A 247 -1.65 4.61 8.83
C GLY A 247 -2.84 3.92 9.46
N LYS A 248 -3.97 4.61 9.61
CA LYS A 248 -5.13 4.08 10.29
C LYS A 248 -6.12 3.38 9.36
N ASN A 249 -6.26 3.91 8.16
CA ASN A 249 -7.17 3.36 7.18
C ASN A 249 -6.70 3.62 5.76
N ALA A 250 -5.91 2.68 5.25
CA ALA A 250 -5.46 2.75 3.85
C ALA A 250 -6.61 2.84 2.80
N ASP A 251 -7.80 2.37 3.18
CA ASP A 251 -8.98 2.30 2.34
C ASP A 251 -9.95 3.46 2.57
N PHE A 252 -9.51 4.53 3.25
CA PHE A 252 -10.41 5.62 3.70
C PHE A 252 -11.30 6.18 2.59
N ARG A 254 -11.86 4.90 -0.60
CA ARG A 254 -12.67 3.86 -1.23
C ARG A 254 -13.84 3.47 -0.36
N GLN A 255 -13.61 3.44 0.96
CA GLN A 255 -14.66 3.15 1.92
C GLN A 255 -15.72 4.24 1.97
N ASP A 256 -15.31 5.50 1.95
CA ASP A 256 -16.25 6.62 1.90
C ASP A 256 -17.20 6.48 0.72
N LEU A 257 -16.68 6.12 -0.46
CA LEU A 257 -17.53 6.05 -1.64
C LEU A 257 -18.54 4.91 -1.56
N PHE A 258 -18.04 3.76 -1.16
CA PHE A 258 -18.80 2.53 -1.02
C PHE A 258 -19.92 2.77 0.00
N GLN A 259 -19.55 3.29 1.15
CA GLN A 259 -20.58 3.52 2.18
C GLN A 259 -21.63 4.55 1.77
N SER A 260 -21.20 5.62 1.09
CA SER A 260 -22.13 6.67 0.71
C SER A 260 -23.16 6.13 -0.27
N ILE A 261 -22.72 5.31 -1.23
CA ILE A 261 -23.64 4.70 -2.17
C ILE A 261 -24.57 3.72 -1.45
N GLN A 262 -24.04 2.88 -0.59
CA GLN A 262 -24.91 1.96 0.20
C GLN A 262 -25.96 2.70 0.99
N ALA A 263 -25.62 3.90 1.49
CA ALA A 263 -26.53 4.77 2.29
C ALA A 263 -27.54 5.57 1.40
N GLY A 264 -27.39 5.49 0.08
CA GLY A 264 -28.28 6.24 -0.82
C GLY A 264 -27.88 7.71 -1.00
N ARG A 265 -26.69 8.07 -0.53
CA ARG A 265 -26.13 9.42 -0.66
C ARG A 265 -25.29 9.51 -1.93
N PHE A 266 -25.97 9.54 -3.07
CA PHE A 266 -25.32 9.33 -4.38
C PHE A 266 -24.62 10.60 -4.79
N PRO A 267 -23.29 10.56 -4.99
CA PRO A 267 -22.60 11.77 -5.39
C PRO A 267 -22.83 12.11 -6.86
N GLU A 268 -22.82 13.39 -7.18
CA GLU A 268 -23.13 13.92 -8.49
C GLU A 268 -22.09 14.94 -8.94
N TRP A 269 -21.97 15.00 -10.26
CA TRP A 269 -21.15 15.98 -10.99
C TRP A 269 -21.89 16.43 -12.21
N GLU A 270 -21.72 17.68 -12.56
CA GLU A 270 -22.25 18.19 -13.81
C GLU A 270 -21.14 18.16 -14.87
N LEU A 271 -21.46 17.58 -16.00
CA LEU A 271 -20.58 17.63 -17.17
C LEU A 271 -20.69 19.03 -17.80
N GLY A 272 -19.52 19.68 -18.00
CA GLY A 272 -19.48 21.00 -18.63
C GLY A 272 -18.41 21.06 -19.68
N VAL A 273 -18.58 22.00 -20.60
CA VAL A 273 -17.53 22.36 -21.58
C VAL A 273 -17.30 23.88 -21.64
N GLN A 274 -16.01 24.24 -21.68
CA GLN A 274 -15.62 25.62 -22.10
C GLN A 274 -15.56 25.61 -23.60
N ILE A 275 -16.51 26.27 -24.26
CA ILE A 275 -16.71 26.26 -25.69
C ILE A 275 -15.92 27.42 -26.35
N MET A 276 -15.06 27.03 -27.27
CA MET A 276 -14.15 27.93 -27.95
C MET A 276 -14.15 27.63 -29.43
N GLN A 277 -13.63 28.60 -30.18
CA GLN A 277 -13.55 28.48 -31.61
C GLN A 277 -12.16 27.99 -32.04
N GLU A 278 -12.10 27.41 -33.23
CA GLU A 278 -10.85 26.93 -33.85
C GLU A 278 -9.80 28.05 -33.86
N GLN A 279 -10.26 29.29 -34.00
CA GLN A 279 -9.37 30.43 -34.06
C GLN A 279 -8.82 30.89 -32.71
N ASP A 280 -9.21 30.23 -31.63
CA ASP A 280 -8.80 30.60 -30.31
C ASP A 280 -7.53 29.89 -29.82
N GLN A 281 -6.85 29.15 -30.67
CA GLN A 281 -5.75 28.30 -30.17
C GLN A 281 -4.62 29.05 -29.56
N LEU A 282 -4.31 30.27 -30.05
CA LEU A 282 -3.17 31.01 -29.51
C LEU A 282 -3.55 32.37 -28.90
N LYS A 283 -4.76 32.85 -29.23
CA LYS A 283 -5.27 34.22 -28.87
C LYS A 283 -5.30 34.55 -27.39
N PHE A 284 -5.40 33.56 -26.51
CA PHE A 284 -5.44 33.83 -25.10
C PHE A 284 -4.09 34.09 -24.48
N GLY A 285 -3.00 33.93 -25.24
CA GLY A 285 -1.66 34.12 -24.71
C GLY A 285 -0.93 32.87 -24.29
N PHE A 286 -1.58 31.73 -24.54
CA PHE A 286 -1.01 30.42 -24.29
C PHE A 286 -1.64 29.53 -25.33
N ASP A 287 -1.08 28.35 -25.53
CA ASP A 287 -1.55 27.47 -26.62
C ASP A 287 -2.61 26.49 -26.05
N LEU A 288 -3.77 26.41 -26.70
CA LEU A 288 -4.80 25.45 -26.30
C LEU A 288 -4.32 23.99 -26.46
N LEU A 289 -3.26 23.77 -27.24
CA LEU A 289 -2.71 22.42 -27.38
C LEU A 289 -1.75 22.05 -26.26
N ASP A 290 -1.48 23.00 -25.36
CA ASP A 290 -0.52 22.82 -24.28
C ASP A 290 -1.26 22.36 -23.02
N PRO A 291 -1.08 21.05 -22.62
CA PRO A 291 -1.84 20.51 -21.48
C PRO A 291 -1.40 20.97 -20.12
N THR A 292 -0.39 21.88 -20.07
CA THR A 292 -0.01 22.48 -18.83
C THR A 292 -0.72 23.81 -18.51
N LYS A 293 -1.65 24.22 -19.39
CA LYS A 293 -2.35 25.46 -19.28
C LYS A 293 -3.84 25.26 -19.04
N ILE A 294 -4.39 26.02 -18.11
CA ILE A 294 -5.86 26.12 -17.93
C ILE A 294 -6.40 27.24 -18.77
N VAL A 295 -7.68 27.15 -19.08
CA VAL A 295 -8.42 28.32 -19.61
C VAL A 295 -9.20 28.85 -18.39
N PRO A 296 -8.82 30.01 -17.87
CA PRO A 296 -9.55 30.55 -16.72
C PRO A 296 -11.01 30.74 -17.06
N GLU A 297 -11.88 30.47 -16.09
CA GLU A 297 -13.31 30.58 -16.37
C GLU A 297 -13.75 32.03 -16.61
N GLU A 298 -12.94 32.99 -16.15
CA GLU A 298 -13.11 34.41 -16.52
C GLU A 298 -12.99 34.68 -18.02
N LEU A 299 -12.26 33.83 -18.75
CA LEU A 299 -12.03 34.00 -20.18
C LEU A 299 -13.11 33.25 -20.91
N VAL A 300 -13.47 32.04 -20.46
CA VAL A 300 -14.44 31.17 -21.16
C VAL A 300 -15.25 30.48 -20.07
N PRO A 301 -16.55 30.73 -19.99
CA PRO A 301 -17.37 30.09 -18.96
C PRO A 301 -17.60 28.62 -19.26
N VAL A 302 -17.94 27.88 -18.23
CA VAL A 302 -18.33 26.46 -18.35
C VAL A 302 -19.80 26.37 -18.67
N THR A 303 -20.11 25.82 -19.85
CA THR A 303 -21.48 25.54 -20.31
C THR A 303 -21.87 24.12 -19.82
N ILE A 304 -22.95 24.02 -19.07
CA ILE A 304 -23.28 22.71 -18.44
C ILE A 304 -24.14 21.89 -19.37
N LEU A 305 -23.72 20.64 -19.61
CA LEU A 305 -24.33 19.77 -20.61
C LEU A 305 -25.34 18.81 -19.97
N GLY A 306 -25.04 18.34 -18.76
CA GLY A 306 -25.80 17.26 -18.13
C GLY A 306 -25.17 16.84 -16.82
N LYS A 307 -25.68 15.76 -16.24
CA LYS A 307 -25.28 15.37 -14.90
C LYS A 307 -24.99 13.87 -14.82
N MET A 308 -23.90 13.55 -14.14
CA MET A 308 -23.58 12.20 -13.71
C MET A 308 -23.94 11.99 -12.25
N GLN A 309 -24.59 10.84 -11.95
CA GLN A 309 -24.80 10.38 -10.59
C GLN A 309 -24.20 8.99 -10.45
N LEU A 310 -23.38 8.80 -9.44
CA LEU A 310 -22.90 7.49 -9.09
C LEU A 310 -23.78 6.88 -8.03
N ASN A 311 -24.30 5.70 -8.34
CA ASN A 311 -25.37 5.10 -7.53
C ASN A 311 -25.41 3.58 -7.35
N ARG A 312 -24.35 2.87 -7.69
CA ARG A 312 -24.32 1.43 -7.46
C ARG A 312 -22.91 0.98 -7.39
N ASN A 313 -22.62 0.24 -6.32
CA ASN A 313 -21.30 -0.34 -6.13
C ASN A 313 -21.18 -1.62 -6.98
N PRO A 314 -19.95 -2.01 -7.34
CA PRO A 314 -19.77 -3.31 -7.98
C PRO A 314 -20.26 -4.48 -7.13
N ASN A 316 -18.58 -7.48 -7.76
CA ASN A 316 -17.31 -8.14 -7.59
C ASN A 316 -16.25 -7.14 -8.07
N TYR A 317 -15.43 -6.71 -7.13
CA TYR A 317 -14.44 -5.66 -7.41
C TYR A 317 -13.46 -6.06 -8.52
N PHE A 318 -12.91 -7.27 -8.44
CA PHE A 318 -11.98 -7.71 -9.46
C PHE A 318 -12.63 -7.70 -10.84
N ALA A 319 -13.75 -8.39 -10.97
CA ALA A 319 -14.38 -8.50 -12.29
C ALA A 319 -14.74 -7.18 -12.94
N GLU A 320 -15.18 -6.22 -12.12
CA GLU A 320 -15.72 -4.95 -12.62
C GLU A 320 -14.68 -3.83 -12.50
N THR A 321 -14.22 -3.53 -11.29
CA THR A 321 -13.29 -2.44 -11.11
C THR A 321 -11.89 -2.76 -11.57
N GLU A 322 -11.34 -3.89 -11.17
CA GLU A 322 -9.94 -4.12 -11.54
C GLU A 322 -9.81 -4.24 -13.04
N GLN A 323 -10.78 -4.89 -13.68
CA GLN A 323 -10.68 -5.18 -15.11
C GLN A 323 -11.17 -4.07 -16.03
N VAL A 324 -11.73 -2.97 -15.53
CA VAL A 324 -12.18 -1.91 -16.46
C VAL A 324 -10.99 -1.29 -17.14
N MET A 325 -11.09 -1.17 -18.46
CA MET A 325 -9.95 -0.76 -19.31
C MET A 325 -10.33 0.44 -20.13
N PHE A 326 -10.05 1.60 -19.53
CA PHE A 326 -10.38 2.91 -20.15
C PHE A 326 -9.41 3.27 -21.29
N GLN A 327 -9.92 3.99 -22.28
CA GLN A 327 -9.12 4.49 -23.40
C GLN A 327 -9.66 5.81 -23.93
N PRO A 328 -8.78 6.81 -24.08
CA PRO A 328 -9.23 7.96 -24.84
C PRO A 328 -9.60 7.69 -26.29
N GLY A 329 -9.11 6.58 -26.87
CA GLY A 329 -9.49 6.14 -28.17
C GLY A 329 -10.92 5.59 -28.27
N HIS A 330 -11.58 5.36 -27.11
CA HIS A 330 -12.99 5.06 -27.05
C HIS A 330 -13.74 6.40 -27.29
N ILE A 331 -13.87 6.74 -28.56
CA ILE A 331 -14.45 8.02 -28.97
C ILE A 331 -15.66 7.71 -29.83
N VAL A 332 -16.60 8.67 -29.90
CA VAL A 332 -17.85 8.47 -30.65
C VAL A 332 -18.02 9.62 -31.63
N ARG A 333 -18.82 9.38 -32.66
CA ARG A 333 -19.16 10.41 -33.60
C ARG A 333 -19.60 11.63 -32.84
N GLY A 334 -19.06 12.78 -33.25
CA GLY A 334 -19.42 14.04 -32.60
C GLY A 334 -18.35 14.60 -31.68
N VAL A 335 -17.29 13.82 -31.51
CA VAL A 335 -16.11 14.26 -30.75
C VAL A 335 -14.86 13.93 -31.59
N ASP A 336 -13.83 14.75 -31.50
CA ASP A 336 -12.57 14.47 -32.19
C ASP A 336 -11.41 15.00 -31.33
N PHE A 337 -10.22 14.61 -31.77
CA PHE A 337 -9.00 14.94 -31.07
C PHE A 337 -8.44 16.31 -31.46
N THR A 338 -7.43 16.74 -30.71
CA THR A 338 -6.59 17.85 -31.13
C THR A 338 -5.16 17.36 -31.11
N GLU A 339 -4.31 18.22 -31.66
CA GLU A 339 -2.88 17.98 -31.83
C GLU A 339 -2.01 18.20 -30.57
N ASP A 340 -2.64 18.31 -29.39
CA ASP A 340 -1.96 18.27 -28.10
C ASP A 340 -1.08 17.02 -28.05
N PRO A 341 0.25 17.20 -28.00
CA PRO A 341 1.15 16.03 -28.14
C PRO A 341 1.07 15.02 -27.02
N LEU A 342 0.45 15.42 -25.90
CA LEU A 342 0.25 14.54 -24.80
C LEU A 342 -0.93 13.62 -25.16
N LEU A 343 -2.06 14.21 -25.57
CA LEU A 343 -3.21 13.42 -26.05
C LEU A 343 -2.86 12.51 -27.19
N GLN A 344 -2.14 13.05 -28.16
CA GLN A 344 -1.76 12.28 -29.34
C GLN A 344 -1.14 10.93 -28.98
N GLY A 345 -0.17 10.92 -28.06
CA GLY A 345 0.49 9.68 -27.72
C GLY A 345 -0.29 8.81 -26.75
N ARG A 346 -1.09 9.40 -25.87
CA ARG A 346 -2.02 8.63 -25.03
C ARG A 346 -2.82 7.67 -25.89
N LEU A 347 -3.26 8.13 -27.04
CA LEU A 347 -4.13 7.29 -27.86
C LEU A 347 -3.45 5.90 -28.08
N PHE A 348 -2.15 5.93 -28.41
CA PHE A 348 -1.40 4.67 -28.61
C PHE A 348 -1.33 3.84 -27.32
N SER A 349 -0.93 4.50 -26.23
CA SER A 349 -0.66 3.80 -24.97
C SER A 349 -1.82 2.97 -24.45
N TYR A 350 -2.99 3.56 -24.45
CA TYR A 350 -4.15 2.90 -23.77
C TYR A 350 -4.71 1.73 -24.53
N LEU A 351 -4.45 1.65 -25.83
CA LEU A 351 -4.82 0.44 -26.55
C LEU A 351 -3.82 -0.68 -26.30
N ASP A 352 -2.54 -0.32 -26.38
CA ASP A 352 -1.44 -1.27 -26.16
C ASP A 352 -1.41 -1.87 -24.76
N THR A 353 -1.56 -1.00 -23.74
CA THR A 353 -1.36 -1.48 -22.38
C THR A 353 -2.35 -2.55 -21.95
N GLN A 354 -3.56 -2.52 -22.51
CA GLN A 354 -4.52 -3.59 -22.15
C GLN A 354 -4.08 -4.98 -22.55
N LEU A 355 -3.21 -5.08 -23.55
CA LEU A 355 -2.59 -6.39 -23.88
C LEU A 355 -1.81 -6.93 -22.67
N ASN A 356 -1.10 -6.06 -21.97
CA ASN A 356 -0.34 -6.46 -20.76
C ASN A 356 -1.31 -6.91 -19.68
N ARG A 357 -2.34 -6.12 -19.43
CA ARG A 357 -3.22 -6.37 -18.32
C ARG A 357 -4.03 -7.67 -18.55
N HIS A 358 -4.62 -7.79 -19.74
CA HIS A 358 -5.56 -8.89 -20.05
C HIS A 358 -4.82 -10.14 -20.54
N GLY A 359 -3.63 -9.95 -21.09
CA GLY A 359 -2.78 -11.04 -21.56
C GLY A 359 -3.11 -11.48 -22.98
N GLY A 360 -3.95 -10.70 -23.67
CA GLY A 360 -4.39 -11.03 -25.00
C GLY A 360 -5.27 -9.92 -25.56
N PRO A 361 -5.72 -10.08 -26.80
CA PRO A 361 -6.36 -9.00 -27.53
C PRO A 361 -7.84 -8.77 -27.32
N ASN A 362 -8.53 -9.66 -26.63
CA ASN A 362 -10.00 -9.64 -26.55
C ASN A 362 -10.55 -9.00 -25.29
N PHE A 363 -9.81 -7.99 -24.80
CA PHE A 363 -10.20 -7.31 -23.58
C PHE A 363 -11.51 -6.55 -23.66
N GLU A 364 -11.91 -6.10 -24.86
CA GLU A 364 -13.20 -5.42 -25.01
C GLU A 364 -14.38 -6.36 -24.84
N GLN A 365 -14.12 -7.68 -24.77
CA GLN A 365 -15.18 -8.70 -24.54
C GLN A 365 -15.47 -8.96 -23.07
N LEU A 366 -14.68 -8.38 -22.18
CA LEU A 366 -14.97 -8.49 -20.74
C LEU A 366 -16.27 -7.75 -20.50
N PRO A 367 -17.16 -8.29 -19.65
CA PRO A 367 -18.45 -7.64 -19.40
C PRO A 367 -18.38 -6.15 -19.14
N ILE A 368 -17.47 -5.73 -18.26
CA ILE A 368 -17.38 -4.29 -17.94
C ILE A 368 -16.91 -3.42 -19.13
N ASN A 369 -16.23 -4.02 -20.10
CA ASN A 369 -15.75 -3.30 -21.26
C ASN A 369 -16.66 -3.38 -22.44
N ARG A 370 -17.62 -4.30 -22.42
N ARG A 370 -17.62 -4.29 -22.41
CA ARG A 370 -18.48 -4.43 -23.58
CA ARG A 370 -18.53 -4.46 -23.54
C ARG A 370 -19.35 -3.20 -23.76
C ARG A 370 -19.36 -3.21 -23.76
N PRO A 371 -19.71 -2.91 -25.02
CA PRO A 371 -20.64 -1.83 -25.27
C PRO A 371 -22.09 -2.26 -25.04
N ARG A 372 -23.01 -1.30 -24.99
CA ARG A 372 -24.47 -1.58 -24.94
C ARG A 372 -25.01 -1.21 -26.30
N ALA A 373 -24.36 -1.70 -27.33
CA ALA A 373 -24.68 -1.34 -28.72
C ALA A 373 -24.14 -2.48 -29.53
N PRO A 374 -24.69 -2.70 -30.71
CA PRO A 374 -24.26 -3.88 -31.49
C PRO A 374 -22.78 -3.83 -31.93
N ILE A 375 -22.18 -5.01 -32.08
CA ILE A 375 -20.81 -5.13 -32.62
C ILE A 375 -20.87 -5.92 -33.90
N HIS A 376 -20.33 -5.35 -34.97
CA HIS A 376 -20.31 -6.01 -36.30
C HIS A 376 -19.01 -5.61 -37.01
N ASN A 377 -18.04 -6.52 -37.07
CA ASN A 377 -16.86 -6.22 -37.82
C ASN A 377 -16.12 -7.46 -38.28
N ASN A 378 -15.04 -7.26 -38.99
CA ASN A 378 -14.28 -8.38 -39.55
C ASN A 378 -13.07 -8.75 -38.69
N ASN A 379 -12.99 -8.19 -37.46
CA ASN A 379 -11.92 -8.61 -36.56
C ASN A 379 -12.18 -10.08 -36.18
N ARG A 380 -11.12 -10.87 -36.00
CA ARG A 380 -11.30 -12.29 -35.74
C ARG A 380 -10.29 -12.82 -34.75
N ASP A 381 -10.73 -13.87 -34.09
CA ASP A 381 -9.88 -14.78 -33.35
C ASP A 381 -9.21 -14.07 -32.18
N GLY A 382 -7.97 -14.43 -31.91
CA GLY A 382 -7.23 -14.03 -30.71
C GLY A 382 -7.57 -14.89 -29.50
N ALA A 383 -6.62 -15.03 -28.59
CA ALA A 383 -6.89 -15.78 -27.37
C ALA A 383 -8.10 -15.23 -26.67
N GLY A 384 -8.86 -16.10 -26.03
CA GLY A 384 -9.98 -15.65 -25.26
C GLY A 384 -11.12 -15.09 -26.10
N GLN A 385 -11.31 -15.66 -27.27
CA GLN A 385 -12.42 -15.27 -28.15
C GLN A 385 -13.73 -15.85 -27.61
N MET A 386 -14.58 -14.95 -27.14
CA MET A 386 -15.81 -15.33 -26.50
C MET A 386 -16.98 -15.35 -27.45
N PHE A 387 -16.90 -14.65 -28.57
CA PHE A 387 -17.96 -14.67 -29.59
C PHE A 387 -17.71 -15.75 -30.67
N ILE A 388 -18.77 -16.05 -31.43
CA ILE A 388 -18.68 -17.02 -32.50
C ILE A 388 -19.22 -16.29 -33.74
N PRO A 389 -18.33 -15.74 -34.55
CA PRO A 389 -18.78 -15.02 -35.73
C PRO A 389 -19.46 -15.96 -36.73
N LEU A 390 -20.66 -15.62 -37.20
CA LEU A 390 -21.32 -16.42 -38.22
C LEU A 390 -20.82 -16.20 -39.65
N ASP A 391 -20.21 -15.05 -39.92
CA ASP A 391 -19.75 -14.74 -41.27
C ASP A 391 -18.39 -15.39 -41.49
N PRO A 392 -18.31 -16.36 -42.41
CA PRO A 392 -17.05 -17.03 -42.69
C PRO A 392 -16.13 -16.23 -43.65
N ASN A 393 -16.62 -15.10 -44.18
CA ASN A 393 -15.96 -14.28 -45.14
C ASN A 393 -15.65 -12.91 -44.56
N ALA A 394 -14.62 -12.85 -43.71
CA ALA A 394 -14.38 -11.70 -42.84
C ALA A 394 -13.50 -10.67 -43.50
N TYR A 395 -13.97 -10.09 -44.60
CA TYR A 395 -13.21 -9.13 -45.35
C TYR A 395 -14.16 -8.18 -46.09
N SER A 396 -13.63 -7.01 -46.41
CA SER A 396 -14.25 -6.07 -47.36
C SER A 396 -13.26 -5.82 -48.48
N PRO A 397 -13.74 -5.51 -49.69
CA PRO A 397 -15.13 -5.59 -50.09
C PRO A 397 -15.43 -7.02 -50.40
N ASN A 398 -16.61 -7.48 -50.00
CA ASN A 398 -17.02 -8.83 -50.32
C ASN A 398 -18.32 -8.85 -51.11
N THR A 399 -18.49 -9.90 -51.91
CA THR A 399 -19.83 -10.27 -52.42
C THR A 399 -20.40 -11.48 -51.71
N GLU A 400 -19.51 -12.31 -51.16
CA GLU A 400 -19.88 -13.51 -50.50
C GLU A 400 -20.75 -13.28 -49.25
N ASN A 401 -20.63 -12.12 -48.61
CA ASN A 401 -21.55 -11.72 -47.52
C ASN A 401 -22.37 -10.47 -47.92
N LYS A 402 -22.60 -10.28 -49.23
CA LYS A 402 -23.41 -9.17 -49.77
C LYS A 402 -22.95 -7.78 -49.35
N GLY A 403 -21.64 -7.61 -49.18
CA GLY A 403 -21.05 -6.30 -48.91
C GLY A 403 -21.23 -5.82 -47.47
N SER A 404 -21.53 -6.77 -46.58
CA SER A 404 -21.68 -6.44 -45.15
C SER A 404 -20.58 -7.15 -44.37
N PRO A 405 -20.16 -6.55 -43.25
CA PRO A 405 -20.56 -5.26 -42.71
C PRO A 405 -20.20 -4.08 -43.64
N LYS A 406 -21.07 -3.09 -43.69
CA LYS A 406 -20.96 -1.94 -44.55
C LYS A 406 -20.18 -0.78 -43.92
N GLN A 407 -19.48 -0.06 -44.77
CA GLN A 407 -18.67 1.08 -44.32
C GLN A 407 -19.59 2.19 -43.78
N ALA A 408 -19.24 2.73 -42.63
CA ALA A 408 -19.98 3.89 -42.05
C ALA A 408 -19.01 5.09 -41.98
N ASN A 409 -19.49 6.25 -42.37
CA ASN A 409 -18.66 7.43 -42.41
C ASN A 409 -19.52 8.64 -42.11
N GLU A 410 -19.09 9.83 -42.53
CA GLU A 410 -19.83 11.02 -42.10
C GLU A 410 -21.26 11.02 -42.68
N THR A 411 -21.39 10.58 -43.95
CA THR A 411 -22.68 10.66 -44.64
C THR A 411 -23.61 9.45 -44.53
N VAL A 412 -23.06 8.26 -44.24
CA VAL A 412 -23.87 7.06 -44.10
C VAL A 412 -23.47 6.25 -42.88
N GLY A 413 -24.48 5.73 -42.19
CA GLY A 413 -24.24 4.76 -41.15
C GLY A 413 -23.78 5.35 -39.84
N LYS A 414 -23.82 6.66 -39.71
CA LYS A 414 -23.43 7.33 -38.46
C LYS A 414 -22.00 6.98 -38.05
N GLY A 415 -21.12 6.93 -39.04
CA GLY A 415 -19.73 6.65 -38.74
C GLY A 415 -19.03 7.75 -37.99
N PHE A 416 -18.03 7.35 -37.24
CA PHE A 416 -17.04 8.33 -36.74
C PHE A 416 -16.48 9.09 -37.92
N PHE A 417 -16.10 10.35 -37.71
CA PHE A 417 -15.27 11.02 -38.68
C PHE A 417 -14.41 12.13 -38.05
N THR A 418 -13.20 12.24 -38.57
CA THR A 418 -12.26 13.30 -38.22
C THR A 418 -12.85 14.61 -38.71
N ALA A 419 -12.73 15.65 -37.89
CA ALA A 419 -13.28 16.97 -38.24
C ALA A 419 -12.65 17.33 -39.61
N PRO A 420 -13.48 17.55 -40.64
CA PRO A 420 -12.96 17.56 -42.01
C PRO A 420 -12.12 18.73 -42.47
N GLU A 421 -12.14 19.79 -41.68
CA GLU A 421 -11.31 20.94 -41.98
C GLU A 421 -9.95 20.93 -41.29
N ARG A 422 -9.66 19.90 -40.51
CA ARG A 422 -8.35 19.86 -39.88
C ARG A 422 -7.28 19.65 -40.97
N THR A 423 -6.14 20.29 -40.77
CA THR A 423 -5.07 20.23 -41.76
C THR A 423 -3.75 19.99 -41.08
N ALA A 424 -2.76 19.61 -41.88
CA ALA A 424 -1.39 19.53 -41.42
C ALA A 424 -0.54 20.42 -42.34
N SER A 425 0.51 21.00 -41.80
CA SER A 425 1.43 21.76 -42.63
C SER A 425 2.78 21.83 -41.96
N GLY A 426 3.85 21.77 -42.73
CA GLY A 426 5.17 21.98 -42.18
C GLY A 426 6.08 20.77 -42.34
N LYS A 427 7.31 20.98 -41.93
CA LYS A 427 8.31 19.94 -42.04
C LYS A 427 8.08 18.91 -40.94
N LEU A 428 8.34 17.66 -41.28
CA LEU A 428 8.29 16.61 -40.26
C LEU A 428 9.45 16.83 -39.30
N GLN A 429 9.17 16.84 -38.00
CA GLN A 429 10.15 17.24 -37.04
C GLN A 429 9.89 16.70 -35.67
N ARG A 430 10.96 16.57 -34.89
CA ARG A 430 10.87 16.24 -33.47
C ARG A 430 11.32 17.49 -32.69
N THR A 431 10.36 18.32 -32.32
CA THR A 431 10.68 19.62 -31.73
C THR A 431 9.68 20.01 -30.66
N LEU A 432 10.06 20.90 -29.77
CA LEU A 432 9.19 21.46 -28.79
C LEU A 432 8.63 22.78 -29.35
N SER A 433 7.33 22.89 -29.43
CA SER A 433 6.73 24.11 -29.97
C SER A 433 7.19 25.32 -29.16
N THR A 434 7.56 26.38 -29.86
CA THR A 434 7.92 27.61 -29.14
C THR A 434 6.74 28.21 -28.38
N THR A 435 5.52 27.82 -28.76
CA THR A 435 4.32 28.28 -28.08
C THR A 435 4.09 27.68 -26.69
N PHE A 436 4.91 26.69 -26.35
CA PHE A 436 4.81 25.93 -25.12
C PHE A 436 5.80 26.39 -24.04
N GLU A 437 6.55 27.46 -24.28
CA GLU A 437 7.75 27.74 -23.48
C GLU A 437 7.55 28.52 -22.14
N ASN A 438 6.35 29.09 -21.92
CA ASN A 438 6.10 29.78 -20.65
C ASN A 438 5.60 28.79 -19.62
N ASN A 439 6.53 28.34 -18.77
CA ASN A 439 6.26 27.32 -17.79
C ASN A 439 5.87 27.91 -16.44
N TRP A 440 5.88 29.25 -16.30
CA TRP A 440 5.84 29.87 -14.96
C TRP A 440 4.66 30.83 -14.72
N SER A 441 4.13 31.49 -15.77
CA SER A 441 3.04 32.48 -15.56
C SER A 441 1.77 31.86 -14.99
N GLN A 442 1.39 30.68 -15.50
CA GLN A 442 0.19 30.03 -14.96
C GLN A 442 0.36 29.47 -13.55
N PRO A 443 1.52 28.83 -13.22
CA PRO A 443 1.76 28.59 -11.80
C PRO A 443 1.56 29.82 -10.92
N ARG A 444 2.02 30.96 -11.42
CA ARG A 444 1.88 32.18 -10.62
C ARG A 444 0.42 32.58 -10.50
N LEU A 445 -0.32 32.47 -11.60
CA LEU A 445 -1.77 32.70 -11.60
C LEU A 445 -2.44 31.85 -10.52
N PHE A 446 -2.09 30.56 -10.46
CA PHE A 446 -2.68 29.67 -9.48
C PHE A 446 -2.32 30.13 -8.07
N TRP A 447 -1.03 30.33 -7.84
CA TRP A 447 -0.53 30.75 -6.53
C TRP A 447 -1.25 32.03 -6.08
N ASN A 448 -1.38 33.00 -6.98
CA ASN A 448 -2.02 34.30 -6.60
C ASN A 448 -3.43 34.14 -6.14
N SER A 449 -4.08 33.08 -6.60
CA SER A 449 -5.53 32.91 -6.47
C SER A 449 -5.97 32.17 -5.19
N LEU A 450 -4.98 31.77 -4.38
CA LEU A 450 -5.24 30.96 -3.20
C LEU A 450 -5.40 31.79 -1.94
N VAL A 451 -6.22 31.33 -1.02
CA VAL A 451 -6.27 31.96 0.29
C VAL A 451 -4.91 31.79 0.97
N ASN A 452 -4.60 32.67 1.92
CA ASN A 452 -3.28 32.61 2.56
C ASN A 452 -2.92 31.22 3.12
N ALA A 453 -3.88 30.53 3.70
CA ALA A 453 -3.56 29.26 4.32
C ALA A 453 -3.12 28.25 3.26
N GLN A 454 -3.76 28.30 2.11
CA GLN A 454 -3.45 27.31 1.08
C GLN A 454 -2.10 27.62 0.38
N LYS A 455 -1.74 28.91 0.24
CA LYS A 455 -0.36 29.25 -0.09
C LYS A 455 0.59 28.62 0.92
N GLU A 456 0.27 28.78 2.20
CA GLU A 456 1.11 28.17 3.26
C GLU A 456 1.14 26.66 3.10
N PHE A 457 0.02 26.04 2.76
CA PHE A 457 0.04 24.58 2.63
C PHE A 457 0.98 24.16 1.50
N ILE A 458 0.99 24.89 0.42
CA ILE A 458 1.96 24.60 -0.68
C ILE A 458 3.39 24.73 -0.14
N VAL A 459 3.67 25.85 0.50
CA VAL A 459 5.06 26.09 1.05
C VAL A 459 5.42 24.97 1.96
N ASP A 460 4.52 24.58 2.84
CA ASP A 460 4.85 23.57 3.86
C ASP A 460 5.00 22.16 3.24
N ALA A 461 4.25 21.91 2.16
CA ALA A 461 4.38 20.65 1.42
C ALA A 461 5.79 20.61 0.78
N ARG A 463 8.37 22.35 1.57
CA ARG A 463 9.42 22.26 2.58
C ARG A 463 9.62 20.84 3.08
N PHE A 464 8.50 20.13 3.34
CA PHE A 464 8.53 18.75 3.80
C PHE A 464 9.27 17.93 2.75
N GLU A 465 8.84 18.06 1.52
CA GLU A 465 9.31 17.22 0.39
C GLU A 465 10.77 17.44 0.07
N THR A 466 11.15 18.68 -0.11
CA THR A 466 12.55 19.02 -0.49
C THR A 466 13.54 18.83 0.64
N SER A 467 13.06 18.81 1.89
CA SER A 467 13.95 18.48 3.02
C SER A 467 14.39 17.02 2.94
N ASN A 468 13.64 16.20 2.20
CA ASN A 468 14.02 14.83 1.91
C ASN A 468 14.82 14.60 0.62
N VAL A 469 15.18 15.67 -0.06
CA VAL A 469 16.04 15.62 -1.24
C VAL A 469 17.47 15.76 -0.74
N SER A 470 18.24 14.71 -0.96
CA SER A 470 19.65 14.70 -0.49
C SER A 470 20.54 15.64 -1.32
N SER A 471 20.35 15.68 -2.63
CA SER A 471 21.20 16.46 -3.53
C SER A 471 21.08 17.96 -3.36
N SER A 472 22.19 18.61 -2.97
N SER A 472 22.18 18.63 -2.98
CA SER A 472 22.19 20.07 -2.94
CA SER A 472 22.14 20.08 -2.93
C SER A 472 21.95 20.71 -4.31
C SER A 472 21.94 20.73 -4.31
N VAL A 473 22.44 20.09 -5.38
CA VAL A 473 22.25 20.58 -6.75
C VAL A 473 20.75 20.59 -7.05
N VAL A 474 20.05 19.52 -6.69
CA VAL A 474 18.61 19.45 -6.94
C VAL A 474 17.88 20.53 -6.12
N ARG A 475 18.19 20.63 -4.82
CA ARG A 475 17.55 21.63 -3.96
C ARG A 475 17.72 23.03 -4.55
N ASP A 476 18.93 23.34 -5.00
CA ASP A 476 19.16 24.67 -5.58
C ASP A 476 18.41 24.89 -6.87
N ASP A 477 18.41 23.86 -7.72
CA ASP A 477 17.68 23.93 -8.98
C ASP A 477 16.17 24.09 -8.75
N VAL A 478 15.66 23.47 -7.68
CA VAL A 478 14.22 23.62 -7.34
C VAL A 478 13.89 25.08 -6.96
N ILE A 479 14.72 25.65 -6.10
CA ILE A 479 14.52 27.04 -5.70
C ILE A 479 14.61 28.01 -6.86
N ILE A 480 15.56 27.78 -7.78
CA ILE A 480 15.72 28.65 -8.92
C ILE A 480 14.45 28.63 -9.77
N GLN A 481 13.88 27.45 -9.94
CA GLN A 481 12.62 27.33 -10.70
C GLN A 481 11.40 27.97 -10.00
N LEU A 482 11.25 27.71 -8.71
CA LEU A 482 10.19 28.31 -7.90
C LEU A 482 10.27 29.84 -7.93
N ASN A 483 11.48 30.37 -7.97
CA ASN A 483 11.69 31.81 -7.94
C ASN A 483 11.16 32.46 -9.21
N ARG A 484 11.13 31.72 -10.33
CA ARG A 484 10.59 32.26 -11.56
C ARG A 484 9.06 32.34 -11.48
N ILE A 485 8.44 31.56 -10.60
CA ILE A 485 7.01 31.69 -10.34
C ILE A 485 6.77 32.91 -9.40
N SER A 486 7.41 32.89 -8.24
CA SER A 486 7.26 33.90 -7.23
C SER A 486 8.44 33.91 -6.30
N ASP A 487 9.02 35.08 -6.12
CA ASP A 487 10.12 35.19 -5.18
C ASP A 487 9.71 34.90 -3.72
N ASN A 488 8.44 35.15 -3.39
CA ASN A 488 7.90 34.86 -2.07
C ASN A 488 7.83 33.36 -1.80
N LEU A 489 7.20 32.63 -2.73
CA LEU A 489 7.21 31.18 -2.66
C LEU A 489 8.62 30.59 -2.51
N ALA A 490 9.51 31.00 -3.40
CA ALA A 490 10.86 30.47 -3.43
C ALA A 490 11.60 30.72 -2.12
N THR A 491 11.48 31.96 -1.63
CA THR A 491 12.14 32.34 -0.40
C THR A 491 11.64 31.55 0.79
N ARG A 492 10.31 31.44 0.88
CA ARG A 492 9.68 30.72 1.96
C ARG A 492 10.09 29.23 2.01
N VAL A 493 10.18 28.58 0.85
CA VAL A 493 10.59 27.18 0.83
C VAL A 493 12.10 27.06 1.18
N ALA A 494 12.92 27.95 0.57
CA ALA A 494 14.37 27.88 0.67
C ALA A 494 14.78 27.91 2.12
N SER A 495 14.06 28.68 2.93
CA SER A 495 14.48 28.85 4.31
C SER A 495 14.47 27.57 5.13
N ALA A 496 13.64 26.57 4.79
CA ALA A 496 13.64 25.29 5.49
C ALA A 496 14.76 24.33 5.09
N ILE A 497 15.35 24.49 3.90
CA ILE A 497 16.17 23.46 3.26
C ILE A 497 17.63 23.82 2.98
N GLY A 498 18.09 24.86 3.64
CA GLY A 498 19.49 25.26 3.58
C GLY A 498 19.92 25.81 2.25
N VAL A 499 19.03 26.49 1.52
CA VAL A 499 19.35 27.10 0.24
C VAL A 499 19.26 28.61 0.42
N GLU A 500 20.26 29.30 -0.12
CA GLU A 500 20.33 30.76 -0.06
C GLU A 500 19.06 31.42 -0.65
N ALA A 501 18.52 32.42 0.02
CA ALA A 501 17.37 33.14 -0.52
C ALA A 501 17.69 33.72 -1.88
N PRO A 502 16.84 33.46 -2.87
CA PRO A 502 17.12 33.92 -4.21
C PRO A 502 16.76 35.38 -4.44
N LYS A 503 17.45 35.99 -5.40
CA LYS A 503 17.11 37.30 -5.87
C LYS A 503 15.96 37.18 -6.85
N PRO A 504 15.05 38.16 -6.83
CA PRO A 504 13.92 38.09 -7.77
C PRO A 504 14.27 38.13 -9.22
N ASN A 505 13.48 37.39 -9.99
CA ASN A 505 13.50 37.41 -11.42
C ASN A 505 12.10 37.76 -11.90
N SER A 506 11.94 38.97 -12.40
CA SER A 506 10.60 39.49 -12.68
C SER A 506 9.99 39.07 -13.99
N SER A 507 10.69 38.22 -14.73
CA SER A 507 10.25 37.82 -16.05
C SER A 507 8.78 37.42 -16.13
N PHE A 508 8.32 36.60 -15.20
CA PHE A 508 6.97 36.02 -15.28
C PHE A 508 6.04 36.49 -14.13
N TYR A 509 6.53 37.42 -13.30
CA TYR A 509 5.71 37.84 -12.16
C TYR A 509 4.54 38.68 -12.64
N HIS A 510 3.38 38.45 -12.03
CA HIS A 510 2.17 39.20 -12.36
C HIS A 510 1.20 38.98 -11.21
N ASP A 511 0.11 39.75 -11.20
CA ASP A 511 -0.85 39.75 -10.10
C ASP A 511 -2.27 39.32 -10.50
N ASN A 512 -2.41 38.66 -11.64
CA ASN A 512 -3.71 38.18 -12.02
C ASN A 512 -4.15 36.99 -11.20
N THR A 513 -5.47 36.79 -11.17
CA THR A 513 -6.06 35.74 -10.38
C THR A 513 -7.18 35.10 -11.18
N THR A 514 -7.62 33.96 -10.69
CA THR A 514 -8.80 33.29 -11.17
C THR A 514 -9.56 32.77 -9.97
N ALA A 515 -10.89 32.81 -10.05
CA ALA A 515 -11.70 32.58 -8.83
C ALA A 515 -11.80 31.13 -8.38
N HIS A 516 -11.75 30.95 -7.06
CA HIS A 516 -12.09 29.71 -6.39
C HIS A 516 -11.35 28.51 -6.95
N ILE A 517 -10.05 28.64 -7.18
CA ILE A 517 -9.28 27.62 -7.90
C ILE A 517 -8.64 26.62 -6.92
N GLY A 518 -8.47 27.03 -5.68
CA GLY A 518 -7.88 26.18 -4.64
C GLY A 518 -8.90 25.21 -4.07
N ALA A 519 -8.42 24.33 -3.21
CA ALA A 519 -9.30 23.34 -2.54
C ALA A 519 -9.95 23.97 -1.32
N PHE A 520 -9.35 25.05 -0.81
CA PHE A 520 -9.80 25.73 0.43
C PHE A 520 -10.44 27.10 0.11
N GLY A 521 -11.44 27.46 0.90
CA GLY A 521 -11.98 28.79 0.87
C GLY A 521 -13.48 28.90 0.71
N GLU A 522 -14.14 27.80 0.35
CA GLU A 522 -15.60 27.79 0.13
C GLU A 522 -16.29 26.80 1.06
N LYS A 523 -17.50 27.13 1.48
CA LYS A 523 -18.31 26.19 2.26
C LYS A 523 -18.74 25.02 1.42
N LEU A 524 -18.87 23.84 2.05
CA LEU A 524 -19.43 22.70 1.35
C LEU A 524 -20.87 22.95 0.86
N ALA A 525 -21.25 22.35 -0.26
CA ALA A 525 -22.63 22.41 -0.79
C ALA A 525 -23.53 21.36 -0.12
N LYS A 526 -22.98 20.19 0.21
CA LYS A 526 -23.71 19.09 0.83
C LYS A 526 -22.87 18.53 1.96
N LEU A 527 -23.55 18.14 3.06
CA LEU A 527 -22.89 17.49 4.19
C LEU A 527 -23.00 15.95 4.15
N ASP A 528 -23.62 15.42 3.10
CA ASP A 528 -23.82 13.99 2.99
C ASP A 528 -22.56 13.21 3.25
N GLY A 529 -22.67 12.19 4.10
CA GLY A 529 -21.62 11.24 4.37
C GLY A 529 -20.55 11.70 5.34
N LEU A 530 -20.64 12.94 5.81
CA LEU A 530 -19.72 13.36 6.83
C LEU A 530 -20.09 12.69 8.15
N LYS A 531 -19.10 12.56 9.03
N LYS A 531 -19.12 12.59 9.04
CA LYS A 531 -19.23 11.82 10.27
CA LYS A 531 -19.25 11.80 10.27
C LYS A 531 -18.92 12.70 11.48
C LYS A 531 -18.84 12.57 11.54
N VAL A 532 -19.72 12.54 12.53
CA VAL A 532 -19.46 13.16 13.84
C VAL A 532 -19.12 12.02 14.78
N GLY A 533 -17.93 12.08 15.35
CA GLY A 533 -17.49 11.10 16.36
C GLY A 533 -17.97 11.64 17.70
N LEU A 534 -18.88 10.91 18.34
CA LEU A 534 -19.34 11.22 19.72
C LEU A 534 -18.59 10.38 20.74
N LEU A 535 -17.72 11.03 21.48
CA LEU A 535 -16.87 10.34 22.45
C LEU A 535 -17.60 10.24 23.77
N ALA A 536 -17.99 9.00 24.12
CA ALA A 536 -18.92 8.73 25.22
C ALA A 536 -18.25 7.78 26.23
N SER A 537 -19.00 7.37 27.26
CA SER A 537 -18.48 6.41 28.23
C SER A 537 -19.56 5.44 28.65
N VAL A 538 -19.21 4.15 28.69
CA VAL A 538 -20.13 3.11 29.14
C VAL A 538 -20.51 3.29 30.62
N ASN A 539 -19.71 4.00 31.37
CA ASN A 539 -19.95 4.26 32.79
C ASN A 539 -21.01 5.37 32.99
N LYS A 540 -21.34 6.09 31.91
CA LYS A 540 -22.41 7.10 31.93
C LYS A 540 -23.32 6.84 30.78
N PRO A 541 -24.28 5.96 30.94
CA PRO A 541 -25.17 5.59 29.85
C PRO A 541 -25.85 6.76 29.14
N ALA A 542 -26.14 7.83 29.87
CA ALA A 542 -26.77 9.01 29.27
C ALA A 542 -25.84 9.60 28.18
N SER A 543 -24.53 9.42 28.34
CA SER A 543 -23.58 9.96 27.35
C SER A 543 -23.76 9.22 26.03
N ILE A 544 -23.93 7.90 26.10
CA ILE A 544 -24.13 7.09 24.90
C ILE A 544 -25.47 7.44 24.25
N ALA A 545 -26.49 7.74 25.08
CA ALA A 545 -27.84 8.03 24.59
C ALA A 545 -27.90 9.30 23.77
N GLN A 546 -26.90 10.16 23.99
CA GLN A 546 -26.82 11.37 23.20
C GLN A 546 -26.55 11.09 21.73
N GLY A 547 -26.00 9.92 21.40
CA GLY A 547 -25.76 9.62 20.00
C GLY A 547 -27.03 9.66 19.19
N ALA A 548 -28.04 8.92 19.63
CA ALA A 548 -29.24 8.79 18.83
C ALA A 548 -30.00 10.12 18.74
N LYS A 549 -29.90 10.89 19.81
CA LYS A 549 -30.55 12.20 19.87
C LYS A 549 -29.89 13.12 18.85
N LEU A 550 -28.57 13.15 18.89
CA LEU A 550 -27.83 14.00 17.98
C LEU A 550 -28.07 13.53 16.55
N GLN A 551 -28.15 12.21 16.37
CA GLN A 551 -28.36 11.67 15.05
C GLN A 551 -29.69 12.13 14.50
N VAL A 552 -30.73 12.15 15.31
CA VAL A 552 -32.03 12.56 14.80
C VAL A 552 -32.03 14.00 14.27
N ALA A 553 -31.17 14.82 14.87
CA ALA A 553 -31.00 16.22 14.50
C ALA A 553 -30.11 16.48 13.31
N LEU A 554 -29.35 15.45 12.91
CA LEU A 554 -28.41 15.51 11.79
C LEU A 554 -28.79 14.64 10.56
N SER A 555 -29.72 13.71 10.71
N SER A 555 -29.72 13.72 10.71
CA SER A 555 -30.08 12.79 9.62
CA SER A 555 -30.06 12.80 9.61
C SER A 555 -30.54 13.50 8.35
C SER A 555 -30.55 13.50 8.35
N SER A 556 -31.22 14.65 8.51
CA SER A 556 -31.85 15.32 7.35
C SER A 556 -30.83 15.88 6.36
N VAL A 557 -29.58 16.04 6.82
CA VAL A 557 -28.46 16.49 5.99
C VAL A 557 -27.46 15.39 5.63
N GLY A 558 -27.80 14.14 5.95
CA GLY A 558 -26.95 13.01 5.58
C GLY A 558 -25.70 12.83 6.40
N VAL A 559 -25.70 13.38 7.63
CA VAL A 559 -24.59 13.26 8.55
C VAL A 559 -24.82 12.13 9.54
N ASP A 560 -23.80 11.29 9.70
CA ASP A 560 -23.84 10.19 10.64
C ASP A 560 -23.13 10.48 11.95
N VAL A 561 -23.74 10.02 13.03
CA VAL A 561 -23.13 10.06 14.34
C VAL A 561 -22.59 8.68 14.69
N VAL A 562 -21.33 8.64 15.09
CA VAL A 562 -20.67 7.41 15.49
C VAL A 562 -20.36 7.51 16.95
N VAL A 563 -20.97 6.63 17.74
CA VAL A 563 -20.74 6.57 19.17
C VAL A 563 -19.51 5.73 19.48
N VAL A 564 -18.52 6.39 20.12
CA VAL A 564 -17.27 5.78 20.55
C VAL A 564 -17.26 5.60 22.07
N ALA A 565 -16.88 4.42 22.56
CA ALA A 565 -16.82 4.21 23.98
C ALA A 565 -15.76 3.16 24.29
N GLU A 566 -15.58 2.84 25.56
CA GLU A 566 -14.49 1.95 25.97
C GLU A 566 -14.63 0.50 25.46
N ARG A 567 -15.87 0.04 25.40
CA ARG A 567 -16.22 -1.30 24.92
C ARG A 567 -17.54 -1.27 24.22
N ALA A 569 -20.71 -1.83 24.40
CA ALA A 569 -21.99 -1.87 25.10
C ALA A 569 -23.12 -1.51 24.14
N ASN A 570 -24.36 -1.65 24.59
CA ASN A 570 -25.46 -1.33 23.76
C ASN A 570 -25.32 0.08 23.21
N ASN A 571 -25.61 0.22 21.91
CA ASN A 571 -25.65 1.52 21.21
C ASN A 571 -24.28 2.20 21.06
N VAL A 572 -23.21 1.44 21.26
CA VAL A 572 -21.86 1.88 20.95
C VAL A 572 -21.50 1.41 19.54
N ASP A 573 -20.93 2.28 18.72
CA ASP A 573 -20.57 1.92 17.36
C ASP A 573 -19.11 1.47 17.20
N GLU A 574 -18.19 2.10 17.93
CA GLU A 574 -16.76 1.77 17.89
C GLU A 574 -16.15 1.89 19.27
N THR A 575 -15.03 1.20 19.46
CA THR A 575 -14.30 1.33 20.69
C THR A 575 -13.23 2.38 20.52
N TYR A 576 -12.79 2.95 21.64
CA TYR A 576 -11.67 3.90 21.61
C TYR A 576 -10.43 3.25 20.94
N SER A 577 -10.17 2.01 21.25
CA SER A 577 -9.00 1.31 20.68
C SER A 577 -9.04 1.38 19.12
N ALA A 578 -10.22 1.18 18.60
CA ALA A 578 -10.46 1.09 17.13
C ALA A 578 -10.62 2.45 16.47
N SER A 579 -10.59 3.55 17.25
CA SER A 579 -10.94 4.88 16.74
C SER A 579 -9.74 5.82 16.65
N ASP A 580 -9.93 6.88 15.82
CA ASP A 580 -8.89 7.85 15.57
C ASP A 580 -9.59 9.11 15.09
N ALA A 581 -9.02 10.27 15.40
CA ALA A 581 -9.57 11.54 14.86
C ALA A 581 -9.81 11.50 13.36
N VAL A 582 -8.94 10.82 12.60
CA VAL A 582 -9.09 10.85 11.15
C VAL A 582 -10.32 10.15 10.62
N GLN A 583 -11.04 9.44 11.49
CA GLN A 583 -12.31 8.85 11.08
C GLN A 583 -13.50 9.82 11.01
N PHE A 584 -13.33 11.00 11.63
CA PHE A 584 -14.46 11.87 11.97
C PHE A 584 -14.26 13.26 11.40
N ASP A 585 -15.29 13.80 10.75
CA ASP A 585 -15.22 15.17 10.28
C ASP A 585 -15.43 16.16 11.42
N ALA A 586 -16.11 15.72 12.45
CA ALA A 586 -16.27 16.52 13.71
C ALA A 586 -16.12 15.56 14.89
N VAL A 587 -15.57 16.06 15.97
CA VAL A 587 -15.44 15.29 17.21
C VAL A 587 -16.10 16.05 18.36
N VAL A 588 -16.98 15.33 19.05
CA VAL A 588 -17.80 15.89 20.12
C VAL A 588 -17.64 15.06 21.37
N VAL A 589 -17.34 15.73 22.50
CA VAL A 589 -17.30 15.04 23.80
C VAL A 589 -18.69 15.02 24.41
N ALA A 590 -19.17 13.81 24.69
CA ALA A 590 -20.49 13.64 25.26
C ALA A 590 -20.53 14.05 26.72
N ASP A 591 -21.70 14.46 27.17
CA ASP A 591 -21.89 14.88 28.56
C ASP A 591 -21.78 13.65 29.42
N GLY A 592 -20.82 13.70 30.34
CA GLY A 592 -20.53 12.57 31.23
C GLY A 592 -19.26 11.81 30.87
N ALA A 593 -18.67 12.07 29.70
CA ALA A 593 -17.46 11.36 29.28
C ALA A 593 -16.18 12.07 29.70
N GLU A 594 -16.32 13.28 30.28
CA GLU A 594 -15.18 14.13 30.51
C GLU A 594 -14.09 13.49 31.37
N GLY A 595 -14.49 12.57 32.24
CA GLY A 595 -13.51 11.90 33.11
C GLY A 595 -12.47 11.06 32.39
N LEU A 596 -12.72 10.74 31.12
CA LEU A 596 -11.75 9.99 30.31
C LEU A 596 -10.65 10.83 29.70
N PHE A 597 -10.71 12.15 29.88
CA PHE A 597 -9.88 13.11 29.18
C PHE A 597 -8.90 13.85 30.04
N GLY A 598 -8.43 13.23 31.13
CA GLY A 598 -7.47 13.88 32.01
C GLY A 598 -6.14 14.17 31.37
N ALA A 599 -5.60 15.37 31.65
CA ALA A 599 -4.33 15.77 31.09
C ALA A 599 -3.16 14.88 31.50
N ASP A 600 -3.29 14.08 32.56
CA ASP A 600 -2.21 13.17 32.96
C ASP A 600 -2.35 11.82 32.27
N SER A 601 -3.36 11.65 31.42
CA SER A 601 -3.68 10.31 30.90
C SER A 601 -2.64 9.78 29.95
N PHE A 602 -1.81 10.63 29.35
CA PHE A 602 -0.80 10.11 28.41
C PHE A 602 0.34 9.38 29.16
N THR A 603 0.66 9.81 30.38
CA THR A 603 1.92 9.38 30.96
C THR A 603 1.79 8.69 32.33
N VAL A 604 0.57 8.63 32.88
N VAL A 604 0.55 8.62 32.85
CA VAL A 604 0.41 8.00 34.19
CA VAL A 604 0.30 7.94 34.14
C VAL A 604 0.85 6.55 34.11
C VAL A 604 0.84 6.53 34.10
N GLU A 605 1.56 6.13 35.16
CA GLU A 605 2.04 4.76 35.23
C GLU A 605 0.86 3.84 35.49
N PRO A 606 0.62 2.84 34.61
CA PRO A 606 -0.55 1.97 34.74
C PRO A 606 -0.33 0.86 35.74
N SER A 607 -0.16 1.23 37.00
CA SER A 607 0.03 0.25 38.04
C SER A 607 -1.34 -0.40 38.30
N ALA A 608 -1.33 -1.52 39.03
CA ALA A 608 -2.59 -2.25 39.29
C ALA A 608 -3.60 -1.34 39.99
N GLY A 609 -3.13 -0.41 40.81
CA GLY A 609 -4.05 0.50 41.52
C GLY A 609 -4.46 1.77 40.76
N SER A 610 -3.90 1.96 39.55
CA SER A 610 -3.96 3.26 38.88
C SER A 610 -5.31 3.57 38.28
N GLY A 611 -6.05 2.50 37.96
CA GLY A 611 -7.33 2.65 37.25
C GLY A 611 -7.12 2.77 35.75
N ALA A 612 -5.88 2.59 35.26
CA ALA A 612 -5.58 2.74 33.81
C ALA A 612 -6.35 1.67 33.06
N SER A 613 -6.97 2.03 31.94
CA SER A 613 -7.79 1.04 31.18
C SER A 613 -6.89 0.13 30.37
N THR A 614 -7.24 -1.14 30.28
CA THR A 614 -6.59 -2.00 29.30
C THR A 614 -7.35 -2.01 28.01
N LEU A 615 -8.47 -1.27 27.93
CA LEU A 615 -9.31 -1.35 26.71
C LEU A 615 -8.84 -0.41 25.62
N TYR A 616 -7.89 0.47 25.94
CA TYR A 616 -7.32 1.35 24.92
C TYR A 616 -5.99 1.90 25.37
N PRO A 617 -5.17 2.33 24.40
CA PRO A 617 -3.88 2.91 24.76
C PRO A 617 -4.04 4.15 25.64
N ALA A 618 -3.06 4.33 26.53
CA ALA A 618 -2.99 5.48 27.39
C ALA A 618 -3.17 6.75 26.61
N GLY A 619 -4.13 7.53 27.05
CA GLY A 619 -4.42 8.84 26.48
C GLY A 619 -5.30 8.89 25.26
N ARG A 620 -5.79 7.75 24.82
CA ARG A 620 -6.51 7.68 23.55
C ARG A 620 -7.67 8.68 23.41
N PRO A 621 -8.58 8.77 24.42
CA PRO A 621 -9.68 9.74 24.24
C PRO A 621 -9.18 11.14 24.03
N LEU A 622 -8.24 11.59 24.84
CA LEU A 622 -7.75 12.95 24.71
C LEU A 622 -6.93 13.13 23.42
N ASN A 623 -6.20 12.08 23.00
CA ASN A 623 -5.46 12.12 21.72
C ASN A 623 -6.42 12.37 20.57
N ILE A 624 -7.58 11.73 20.57
CA ILE A 624 -8.56 11.92 19.49
C ILE A 624 -9.02 13.38 19.45
N LEU A 625 -9.34 13.94 20.63
CA LEU A 625 -9.80 15.32 20.73
C LEU A 625 -8.72 16.31 20.29
N LEU A 626 -7.52 16.13 20.77
CA LEU A 626 -6.42 17.02 20.40
C LEU A 626 -6.01 16.94 18.92
N ASP A 627 -5.95 15.72 18.39
CA ASP A 627 -5.70 15.56 16.95
C ASP A 627 -6.83 16.24 16.14
N ALA A 628 -8.09 16.04 16.52
CA ALA A 628 -9.21 16.70 15.80
C ALA A 628 -8.98 18.21 15.81
N PHE A 629 -8.61 18.79 16.97
CA PHE A 629 -8.44 20.24 17.02
C PHE A 629 -7.27 20.67 16.13
N ARG A 630 -6.11 20.04 16.33
CA ARG A 630 -4.89 20.44 15.59
C ARG A 630 -5.02 20.30 14.08
N PHE A 631 -5.81 19.31 13.63
CA PHE A 631 -6.04 19.08 12.19
C PHE A 631 -7.05 20.06 11.57
N GLY A 632 -7.70 20.88 12.40
CA GLY A 632 -8.62 21.90 11.94
C GLY A 632 -10.07 21.52 11.91
N LYS A 633 -10.44 20.41 12.53
CA LYS A 633 -11.80 19.95 12.50
C LYS A 633 -12.76 20.68 13.42
N THR A 634 -14.03 20.62 13.08
CA THR A 634 -15.11 20.97 14.03
C THR A 634 -14.96 20.14 15.31
N VAL A 635 -14.95 20.85 16.45
CA VAL A 635 -14.87 20.22 17.74
C VAL A 635 -16.01 20.72 18.59
N GLY A 636 -16.62 19.81 19.35
CA GLY A 636 -17.69 20.22 20.31
C GLY A 636 -17.70 19.47 21.63
N ALA A 637 -18.56 19.94 22.52
CA ALA A 637 -18.70 19.30 23.84
C ALA A 637 -20.10 19.62 24.34
N LEU A 638 -20.74 18.60 24.90
CA LEU A 638 -22.10 18.72 25.48
C LEU A 638 -22.07 18.74 27.03
N GLY A 639 -22.72 19.73 27.61
CA GLY A 639 -22.86 19.77 29.05
C GLY A 639 -21.51 19.81 29.69
N SER A 640 -21.32 19.00 30.72
CA SER A 640 -20.08 18.93 31.41
C SER A 640 -18.99 18.27 30.61
N GLY A 641 -19.34 17.76 29.43
CA GLY A 641 -18.30 17.31 28.49
C GLY A 641 -17.31 18.42 28.19
N SER A 642 -17.72 19.67 28.39
CA SER A 642 -16.85 20.77 28.14
C SER A 642 -15.62 20.75 29.02
N ASP A 643 -15.70 20.07 30.18
CA ASP A 643 -14.49 19.97 31.00
C ASP A 643 -13.32 19.33 30.22
N ALA A 644 -13.64 18.42 29.30
CA ALA A 644 -12.61 17.76 28.47
C ALA A 644 -11.88 18.79 27.60
N LEU A 645 -12.63 19.78 27.09
CA LEU A 645 -11.99 20.83 26.32
C LEU A 645 -10.97 21.56 27.20
N GLU A 646 -11.32 21.84 28.45
CA GLU A 646 -10.37 22.51 29.38
C GLU A 646 -9.16 21.61 29.59
N SER A 647 -9.38 20.31 29.77
CA SER A 647 -8.23 19.40 29.98
C SER A 647 -7.30 19.44 28.81
N GLY A 648 -7.87 19.57 27.60
CA GLY A 648 -7.08 19.63 26.38
C GLY A 648 -6.56 21.00 26.00
N GLN A 649 -6.83 22.00 26.86
CA GLN A 649 -6.46 23.37 26.60
C GLN A 649 -7.04 23.91 25.29
N ILE A 650 -8.29 23.54 25.05
CA ILE A 650 -9.06 23.97 23.89
C ILE A 650 -10.17 24.87 24.43
N SER A 651 -10.18 26.11 23.99
CA SER A 651 -11.16 27.10 24.42
C SER A 651 -12.31 27.12 23.46
N SER A 652 -13.55 27.16 23.97
CA SER A 652 -14.67 27.29 23.04
C SER A 652 -14.80 28.67 22.40
N GLU A 653 -13.96 29.59 22.85
CA GLU A 653 -13.85 30.87 22.25
C GLU A 653 -13.19 30.77 20.89
N ARG A 654 -12.44 29.68 20.64
CA ARG A 654 -11.84 29.51 19.31
C ARG A 654 -12.89 29.20 18.22
N GLN A 655 -12.61 29.59 16.98
CA GLN A 655 -13.52 29.33 15.86
C GLN A 655 -13.57 27.81 15.67
N GLY A 656 -14.74 27.28 15.40
CA GLY A 656 -14.91 25.87 15.14
C GLY A 656 -14.89 24.98 16.34
N VAL A 657 -15.08 25.59 17.51
CA VAL A 657 -15.22 24.87 18.78
C VAL A 657 -16.59 25.33 19.34
N TYR A 658 -17.47 24.34 19.58
CA TYR A 658 -18.85 24.60 19.92
C TYR A 658 -19.24 23.87 21.19
N THR A 659 -20.02 24.53 22.06
CA THR A 659 -20.59 23.86 23.26
C THR A 659 -22.06 24.03 23.25
N GLY A 660 -22.77 23.11 23.91
CA GLY A 660 -24.21 23.24 24.00
C GLY A 660 -24.69 22.51 25.22
N LYS A 661 -25.97 22.71 25.51
CA LYS A 661 -26.58 22.20 26.73
C LYS A 661 -26.85 20.71 26.61
N ASN A 662 -27.24 20.31 25.42
CA ASN A 662 -27.73 18.97 25.16
C ASN A 662 -27.68 18.71 23.67
N ALA A 663 -28.02 17.50 23.26
CA ALA A 663 -27.82 17.08 21.90
C ALA A 663 -28.94 17.46 20.92
N GLY A 664 -29.74 18.44 21.26
CA GLY A 664 -30.86 18.82 20.40
C GLY A 664 -30.50 19.72 19.23
N ASP A 665 -31.53 20.31 18.66
CA ASP A 665 -31.39 21.11 17.44
C ASP A 665 -30.44 22.33 17.51
N ALA A 666 -30.40 23.00 18.66
CA ALA A 666 -29.53 24.20 18.76
C ALA A 666 -28.05 23.83 18.53
N PHE A 667 -27.63 22.77 19.21
CA PHE A 667 -26.24 22.29 19.08
C PHE A 667 -25.98 21.71 17.68
N ALA A 668 -26.92 20.91 17.18
CA ALA A 668 -26.80 20.33 15.83
C ALA A 668 -26.62 21.43 14.80
N LYS A 669 -27.31 22.55 14.96
CA LYS A 669 -27.19 23.66 14.01
C LYS A 669 -25.74 24.16 13.94
N ASP A 670 -25.15 24.31 15.11
CA ASP A 670 -23.77 24.77 15.22
C ASP A 670 -22.81 23.72 14.64
N ILE A 671 -23.04 22.44 14.87
CA ILE A 671 -22.17 21.41 14.28
C ILE A 671 -22.28 21.39 12.75
N LYS A 672 -23.49 21.60 12.26
CA LYS A 672 -23.70 21.76 10.82
C LYS A 672 -22.94 22.94 10.23
N SER A 673 -22.93 24.09 10.94
CA SER A 673 -22.14 25.23 10.55
C SER A 673 -20.64 24.89 10.47
N GLY A 674 -20.13 24.20 11.49
CA GLY A 674 -18.75 23.74 11.53
C GLY A 674 -18.41 22.81 10.35
N LEU A 675 -19.26 21.83 10.10
CA LEU A 675 -19.05 20.89 9.03
C LEU A 675 -19.05 21.59 7.67
N SER A 676 -19.93 22.57 7.47
CA SER A 676 -19.97 23.33 6.23
C SER A 676 -18.68 24.09 5.98
N THR A 677 -18.09 24.65 7.04
CA THR A 677 -16.80 25.27 6.97
C THR A 677 -15.69 24.24 6.71
N PHE A 678 -15.86 23.07 7.31
CA PHE A 678 -15.04 21.87 7.12
C PHE A 678 -13.68 21.91 7.80
N LYS A 679 -12.91 22.96 7.53
CA LYS A 679 -11.60 23.13 8.19
C LYS A 679 -11.42 24.58 8.63
N PHE A 680 -10.97 24.71 9.86
CA PHE A 680 -10.76 25.99 10.53
C PHE A 680 -9.31 26.42 10.35
N LEU A 681 -9.13 27.29 9.37
CA LEU A 681 -7.80 27.64 8.86
C LEU A 681 -7.00 28.50 9.83
N ASP A 682 -7.65 29.10 10.82
CA ASP A 682 -6.94 29.93 11.78
C ASP A 682 -6.08 29.16 12.76
N ARG A 683 -6.11 27.82 12.65
CA ARG A 683 -5.26 26.97 13.45
C ARG A 683 -3.90 26.66 12.84
N PHE A 684 -3.60 27.29 11.71
CA PHE A 684 -2.36 27.10 10.99
C PHE A 684 -1.58 28.41 10.87
N ALA A 685 -0.33 28.37 11.30
CA ALA A 685 0.55 29.50 11.20
C ALA A 685 0.86 29.85 9.77
N VAL A 686 1.06 31.14 9.51
CA VAL A 686 1.37 31.60 8.16
C VAL A 686 2.58 32.48 8.19
N ASP A 687 3.45 32.34 7.20
CA ASP A 687 4.66 33.18 7.12
C ASP A 687 4.31 34.67 7.03
N GLU A 688 5.16 35.48 7.64
CA GLU A 688 5.01 36.95 7.67
C GLU A 688 6.12 37.69 6.93
N GLN B 1 30.08 -11.66 -6.97
CA GLN B 1 29.04 -10.90 -7.75
C GLN B 1 29.25 -11.19 -9.21
N GLN B 2 30.21 -12.05 -9.48
CA GLN B 2 30.75 -12.17 -10.79
C GLN B 2 29.61 -12.66 -11.64
N PHE B 3 28.80 -13.59 -11.09
CA PHE B 3 27.83 -14.25 -11.94
C PHE B 3 26.83 -13.22 -12.43
N LEU B 4 26.18 -12.49 -11.52
CA LEU B 4 25.13 -11.54 -11.99
C LEU B 4 25.68 -10.36 -12.76
N SER B 5 26.97 -10.04 -12.59
CA SER B 5 27.52 -8.87 -13.24
C SER B 5 27.56 -8.95 -14.75
N GLN B 6 27.49 -10.16 -15.29
CA GLN B 6 27.41 -10.33 -16.71
C GLN B 6 26.16 -9.75 -17.34
N PHE B 7 25.13 -9.51 -16.53
CA PHE B 7 23.84 -9.01 -17.02
C PHE B 7 23.67 -7.50 -16.72
N TYR B 8 24.67 -6.88 -16.08
CA TYR B 8 24.60 -5.45 -15.76
C TYR B 8 24.66 -4.57 -17.01
N LEU B 9 23.87 -3.49 -17.00
CA LEU B 9 23.95 -2.45 -18.00
C LEU B 9 24.42 -1.21 -17.31
N ASN B 10 25.60 -0.76 -17.70
CA ASN B 10 26.14 0.49 -17.19
C ASN B 10 25.79 1.62 -18.16
N ASP B 11 25.07 2.61 -17.65
CA ASP B 11 24.62 3.75 -18.46
C ASP B 11 25.26 5.07 -18.06
N GLN B 12 26.50 5.01 -17.57
CA GLN B 12 27.31 6.21 -17.33
C GLN B 12 27.95 6.74 -18.64
N ASP B 13 27.76 8.02 -18.88
CA ASP B 13 28.37 8.73 -20.00
C ASP B 13 28.32 8.01 -21.31
N VAL B 14 27.11 7.75 -21.77
CA VAL B 14 26.88 7.09 -23.03
C VAL B 14 25.67 7.77 -23.73
N TYR B 15 25.61 7.56 -25.03
CA TYR B 15 24.44 7.96 -25.83
C TYR B 15 23.30 6.95 -25.71
N LEU B 16 22.11 7.55 -25.74
CA LEU B 16 20.87 6.77 -25.75
C LEU B 16 20.77 5.95 -27.01
N THR B 17 20.23 4.74 -26.87
CA THR B 17 19.98 3.82 -27.97
C THR B 17 18.63 3.15 -27.82
N SER B 18 18.11 2.64 -28.90
CA SER B 18 16.96 1.74 -28.87
C SER B 18 17.38 0.40 -28.25
N ASN B 19 16.40 -0.49 -28.06
CA ASN B 19 16.68 -1.81 -27.57
C ASN B 19 17.42 -2.70 -28.59
N VAL B 20 17.61 -2.22 -29.83
CA VAL B 20 18.43 -2.94 -30.80
C VAL B 20 19.66 -2.12 -31.21
N GLY B 21 20.09 -1.25 -30.30
CA GLY B 21 21.35 -0.57 -30.44
C GLY B 21 21.49 0.56 -31.43
N GLY B 22 20.37 1.11 -31.90
CA GLY B 22 20.40 2.28 -32.74
C GLY B 22 20.39 3.55 -31.89
N PRO B 23 21.41 4.42 -32.05
CA PRO B 23 21.37 5.66 -31.24
C PRO B 23 20.13 6.50 -31.55
N ILE B 24 19.52 7.03 -30.49
CA ILE B 24 18.29 7.79 -30.61
C ILE B 24 18.22 8.99 -29.68
N GLN B 25 17.19 9.81 -29.91
CA GLN B 25 16.69 10.85 -28.94
C GLN B 25 15.28 10.44 -28.59
N ASP B 26 14.78 10.85 -27.43
CA ASP B 26 13.49 10.36 -26.97
C ASP B 26 12.66 11.39 -26.25
N GLU B 27 12.83 12.66 -26.60
CA GLU B 27 12.14 13.74 -25.87
C GLU B 27 11.03 14.46 -26.64
N ASN B 28 10.95 14.30 -27.95
CA ASN B 28 9.86 14.92 -28.74
C ASN B 28 9.31 13.91 -29.71
N SER B 29 7.99 13.77 -29.77
CA SER B 29 7.32 12.96 -30.76
C SER B 29 7.53 13.58 -32.15
N LEU B 30 7.50 12.76 -33.18
CA LEU B 30 7.64 13.23 -34.59
C LEU B 30 6.27 13.75 -35.02
N SER B 31 6.24 15.01 -35.45
CA SER B 31 4.97 15.66 -35.80
C SER B 31 5.03 16.24 -37.14
N ALA B 32 3.82 16.36 -37.71
CA ALA B 32 3.58 16.97 -38.96
C ALA B 32 3.59 18.50 -38.75
N GLY B 33 4.75 19.11 -38.85
CA GLY B 33 4.94 20.51 -38.48
C GLY B 33 5.06 20.77 -36.97
N GLN B 34 5.34 22.01 -36.62
CA GLN B 34 5.62 22.36 -35.27
C GLN B 34 4.46 22.06 -34.27
N ARG B 35 3.22 22.21 -34.72
CA ARG B 35 2.06 22.01 -33.86
C ARG B 35 1.15 20.92 -34.45
N GLY B 36 1.77 19.96 -35.10
CA GLY B 36 1.00 18.93 -35.82
C GLY B 36 0.77 17.64 -35.04
N ALA B 37 -0.06 16.80 -35.65
CA ALA B 37 -0.35 15.48 -35.14
C ALA B 37 0.90 14.59 -35.13
N THR B 38 0.94 13.62 -34.19
CA THR B 38 2.06 12.69 -34.10
C THR B 38 1.92 11.62 -35.18
N LEU B 39 3.05 11.25 -35.78
CA LEU B 39 3.07 10.30 -36.87
C LEU B 39 3.24 8.87 -36.39
N LEU B 40 2.49 7.98 -37.06
CA LEU B 40 2.60 6.54 -36.81
C LEU B 40 4.02 6.00 -37.04
N GLN B 41 4.76 6.58 -38.00
CA GLN B 41 6.09 6.09 -38.33
C GLN B 41 7.12 6.43 -37.25
N ASP B 42 6.68 7.10 -36.18
CA ASP B 42 7.61 7.39 -35.08
C ASP B 42 7.85 6.12 -34.25
N PHE B 43 8.76 5.27 -34.74
CA PHE B 43 9.13 4.03 -34.01
C PHE B 43 9.82 4.28 -32.66
N ILE B 44 10.47 5.44 -32.53
CA ILE B 44 11.11 5.77 -31.29
C ILE B 44 10.07 5.96 -30.15
N PHE B 45 9.03 6.73 -30.47
CA PHE B 45 7.92 6.95 -29.59
C PHE B 45 7.31 5.60 -29.25
N ARG B 46 6.99 4.82 -30.26
CA ARG B 46 6.23 3.59 -29.93
C ARG B 46 7.08 2.57 -29.17
N GLU B 47 8.37 2.38 -29.49
CA GLU B 47 9.14 1.35 -28.72
C GLU B 47 9.28 1.78 -27.24
N LYS B 48 9.39 3.09 -27.01
CA LYS B 48 9.57 3.64 -25.66
C LYS B 48 8.31 3.44 -24.86
N ILE B 49 7.18 3.82 -25.46
CA ILE B 49 5.88 3.72 -24.80
C ILE B 49 5.41 2.26 -24.68
N GLN B 50 5.75 1.41 -25.65
CA GLN B 50 5.37 0.02 -25.54
C GLN B 50 6.12 -0.59 -24.37
N ARG B 51 7.42 -0.34 -24.24
CA ARG B 51 8.13 -0.88 -23.05
C ARG B 51 7.44 -0.40 -21.76
N PHE B 52 7.14 0.90 -21.69
CA PHE B 52 6.47 1.48 -20.54
C PHE B 52 5.14 0.78 -20.23
N ASP B 53 4.33 0.64 -21.27
CA ASP B 53 2.99 0.12 -21.18
C ASP B 53 2.97 -1.30 -20.62
N HIS B 54 4.08 -2.01 -20.79
CA HIS B 54 4.20 -3.44 -20.44
C HIS B 54 5.21 -3.66 -19.31
N GLU B 55 5.52 -2.61 -18.54
CA GLU B 55 6.46 -2.79 -17.45
C GLU B 55 6.02 -3.76 -16.37
N ARG B 56 4.72 -3.83 -16.08
CA ARG B 56 4.22 -4.52 -14.88
C ARG B 56 4.04 -6.00 -15.13
N VAL B 57 4.26 -6.77 -14.08
CA VAL B 57 3.94 -8.20 -14.06
C VAL B 57 2.99 -8.45 -12.84
N PRO B 58 2.23 -9.53 -12.82
CA PRO B 58 1.34 -9.82 -11.71
C PRO B 58 2.15 -9.84 -10.44
N GLU B 59 1.63 -9.22 -9.38
CA GLU B 59 2.20 -9.39 -8.08
C GLU B 59 2.06 -10.83 -7.64
N ARG B 60 2.94 -11.26 -6.76
CA ARG B 60 2.80 -12.60 -6.15
C ARG B 60 1.43 -12.76 -5.53
N ALA B 61 0.82 -13.94 -5.65
CA ALA B 61 -0.58 -14.12 -5.17
C ALA B 61 -0.67 -13.97 -3.64
N VAL B 62 0.43 -14.31 -2.96
CA VAL B 62 0.63 -13.99 -1.56
C VAL B 62 2.05 -13.55 -1.41
N HIS B 63 2.33 -12.82 -0.33
CA HIS B 63 3.66 -12.29 -0.06
C HIS B 63 4.11 -11.24 -1.14
N ALA B 64 3.14 -10.50 -1.66
CA ALA B 64 3.36 -9.53 -2.72
C ALA B 64 4.26 -8.43 -2.28
N ARG B 65 4.18 -8.05 -0.99
CA ARG B 65 5.00 -6.98 -0.44
C ARG B 65 6.25 -7.52 0.25
N GLY B 66 7.42 -7.25 -0.34
CA GLY B 66 8.64 -7.84 0.22
C GLY B 66 9.92 -7.16 -0.26
N THR B 67 11.03 -7.59 0.33
CA THR B 67 12.34 -6.95 0.17
C THR B 67 13.39 -8.05 0.14
N GLY B 68 14.38 -7.88 -0.75
CA GLY B 68 15.45 -8.85 -0.96
C GLY B 68 16.85 -8.33 -0.71
N ALA B 69 17.72 -9.29 -0.41
CA ALA B 69 19.16 -9.03 -0.25
C ALA B 69 19.96 -10.28 -0.62
N HIS B 70 21.13 -10.04 -1.20
CA HIS B 70 22.13 -11.11 -1.46
C HIS B 70 22.95 -11.39 -0.22
N GLY B 71 23.48 -12.59 -0.15
CA GLY B 71 24.39 -12.92 0.95
C GLY B 71 25.13 -14.21 0.69
N THR B 72 25.67 -14.78 1.76
N THR B 72 25.61 -14.80 1.78
CA THR B 72 26.43 -16.01 1.68
CA THR B 72 26.55 -15.93 1.75
C THR B 72 26.11 -16.89 2.87
C THR B 72 26.23 -16.86 2.90
N PHE B 73 26.18 -18.18 2.61
CA PHE B 73 26.09 -19.20 3.64
C PHE B 73 27.45 -19.83 3.82
N THR B 74 27.82 -20.08 5.09
CA THR B 74 29.04 -20.82 5.40
C THR B 74 28.67 -21.96 6.30
N SER B 75 29.04 -23.16 5.89
CA SER B 75 28.83 -24.36 6.69
C SER B 75 29.84 -24.45 7.84
N TYR B 76 29.37 -24.92 8.99
CA TYR B 76 30.23 -25.07 10.16
C TYR B 76 30.78 -26.46 10.25
N GLY B 77 30.38 -27.37 9.36
CA GLY B 77 30.89 -28.72 9.48
C GLY B 77 30.83 -29.52 8.24
N ASP B 78 31.37 -30.72 8.31
CA ASP B 78 31.08 -31.72 7.31
C ASP B 78 29.92 -32.51 7.86
N TRP B 79 28.73 -32.32 7.27
CA TRP B 79 27.50 -32.91 7.78
C TRP B 79 27.09 -34.19 7.08
N SER B 80 28.05 -34.81 6.41
CA SER B 80 27.77 -35.97 5.56
C SER B 80 27.15 -37.17 6.30
N ASN B 81 27.35 -37.28 7.62
CA ASN B 81 26.72 -38.38 8.35
C ASN B 81 25.23 -38.13 8.67
N LEU B 82 24.79 -36.89 8.42
CA LEU B 82 23.42 -36.46 8.62
C LEU B 82 22.72 -36.26 7.28
N THR B 83 23.44 -35.69 6.32
CA THR B 83 22.80 -35.36 5.03
C THR B 83 23.82 -35.37 3.91
N ALA B 84 23.40 -35.79 2.71
CA ALA B 84 24.27 -35.74 1.52
C ALA B 84 24.31 -34.36 0.86
N ALA B 85 23.57 -33.39 1.42
CA ALA B 85 23.47 -32.06 0.81
C ALA B 85 24.88 -31.48 0.63
N SER B 86 25.24 -31.15 -0.62
CA SER B 86 26.59 -30.72 -0.92
C SER B 86 26.94 -29.41 -0.25
N PHE B 87 25.97 -28.48 -0.07
CA PHE B 87 26.29 -27.21 0.51
C PHE B 87 26.67 -27.35 2.00
N LEU B 88 26.45 -28.55 2.54
CA LEU B 88 26.76 -28.87 3.93
C LEU B 88 27.89 -29.87 4.04
N SER B 89 28.71 -30.00 2.98
CA SER B 89 29.63 -31.16 2.91
C SER B 89 30.97 -30.93 3.63
N ALA B 90 31.27 -29.69 4.02
CA ALA B 90 32.56 -29.35 4.59
C ALA B 90 32.54 -28.12 5.43
N GLU B 91 33.33 -28.10 6.52
CA GLU B 91 33.50 -26.93 7.32
C GLU B 91 34.15 -25.80 6.53
N GLY B 92 33.52 -24.63 6.57
CA GLY B 92 33.98 -23.51 5.77
C GLY B 92 33.39 -23.34 4.39
N LYS B 93 32.62 -24.32 3.91
CA LYS B 93 32.14 -24.30 2.53
C LYS B 93 31.14 -23.17 2.40
N GLU B 94 31.39 -22.30 1.42
CA GLU B 94 30.56 -21.14 1.14
C GLU B 94 29.62 -21.37 -0.04
N THR B 95 28.39 -20.88 0.08
CA THR B 95 27.38 -20.93 -1.01
C THR B 95 26.70 -19.57 -1.12
N PRO B 96 26.58 -19.02 -2.34
CA PRO B 96 25.83 -17.76 -2.44
C PRO B 96 24.35 -17.93 -2.10
N MET B 97 23.76 -16.85 -1.62
CA MET B 97 22.36 -16.84 -1.23
C MET B 97 21.64 -15.58 -1.73
N PHE B 98 20.33 -15.71 -1.90
CA PHE B 98 19.42 -14.59 -2.04
C PHE B 98 18.24 -14.87 -1.11
N THR B 99 17.85 -13.85 -0.36
CA THR B 99 16.78 -13.94 0.61
C THR B 99 15.77 -12.84 0.40
N ARG B 100 14.49 -13.21 0.45
CA ARG B 100 13.39 -12.24 0.40
C ARG B 100 12.53 -12.42 1.67
N PHE B 101 12.26 -11.28 2.31
CA PHE B 101 11.37 -11.13 3.45
C PHE B 101 10.09 -10.47 2.96
N SER B 102 8.98 -10.70 3.66
CA SER B 102 7.69 -10.18 3.10
C SER B 102 6.62 -10.18 4.17
N THR B 103 5.49 -9.53 3.91
CA THR B 103 4.27 -9.85 4.59
C THR B 103 3.56 -10.92 3.72
N VAL B 104 2.28 -11.17 3.99
CA VAL B 104 1.50 -12.18 3.32
C VAL B 104 0.31 -11.62 2.56
N ALA B 105 -0.55 -10.87 3.26
CA ALA B 105 -1.88 -10.51 2.69
C ALA B 105 -1.90 -9.29 1.78
N GLY B 106 -1.09 -8.30 2.10
CA GLY B 106 -1.11 -7.02 1.39
C GLY B 106 -0.61 -7.14 -0.05
N SER B 107 -1.15 -6.27 -0.92
CA SER B 107 -0.65 -6.11 -2.27
C SER B 107 0.70 -5.35 -2.26
N ARG B 108 1.38 -5.17 -3.40
N ARG B 108 1.30 -5.31 -3.44
CA ARG B 108 2.84 -4.80 -3.39
CA ARG B 108 2.33 -4.37 -3.74
C ARG B 108 3.36 -3.34 -2.98
C ARG B 108 1.82 -2.99 -3.38
N GLY B 109 2.46 -2.49 -2.46
CA GLY B 109 2.51 -1.09 -2.25
C GLY B 109 1.93 -0.94 -0.87
N SER B 110 1.40 -2.00 -0.26
CA SER B 110 0.92 -1.93 1.13
C SER B 110 2.06 -1.71 2.14
N ALA B 111 1.71 -1.31 3.35
CA ALA B 111 2.71 -0.87 4.34
C ALA B 111 3.50 -2.05 4.83
N ASP B 112 4.81 -1.84 5.00
CA ASP B 112 5.69 -2.84 5.60
C ASP B 112 5.16 -3.30 6.96
N THR B 113 4.70 -2.33 7.79
CA THR B 113 4.33 -2.60 9.17
C THR B 113 2.87 -2.91 9.40
N ALA B 114 2.20 -3.46 8.38
CA ALA B 114 0.96 -4.18 8.61
C ALA B 114 1.17 -5.31 9.58
N ARG B 115 0.18 -5.66 10.36
CA ARG B 115 0.32 -6.86 11.19
C ARG B 115 0.12 -8.05 10.29
N ASP B 116 1.06 -8.98 10.30
CA ASP B 116 0.88 -10.20 9.45
C ASP B 116 1.93 -11.25 9.82
N VAL B 117 1.73 -12.45 9.31
CA VAL B 117 2.82 -13.40 9.25
C VAL B 117 3.83 -12.83 8.25
N HIS B 118 5.13 -13.11 8.44
CA HIS B 118 6.14 -12.62 7.52
C HIS B 118 6.85 -13.78 6.86
N GLY B 119 7.09 -13.62 5.57
CA GLY B 119 7.88 -14.59 4.82
C GLY B 119 9.37 -14.41 5.07
N PHE B 120 10.10 -15.51 4.94
CA PHE B 120 11.53 -15.59 5.18
C PHE B 120 12.04 -16.70 4.24
N ALA B 121 12.30 -16.31 3.00
CA ALA B 121 12.58 -17.20 1.91
C ALA B 121 14.05 -17.12 1.58
N THR B 122 14.79 -18.24 1.74
CA THR B 122 16.21 -18.26 1.54
C THR B 122 16.60 -19.27 0.44
N ARG B 123 17.27 -18.79 -0.62
CA ARG B 123 17.81 -19.57 -1.67
C ARG B 123 19.31 -19.75 -1.44
N PHE B 124 19.73 -20.99 -1.54
CA PHE B 124 21.12 -21.40 -1.63
C PHE B 124 21.40 -21.81 -3.08
N TYR B 125 22.31 -21.09 -3.72
CA TYR B 125 22.74 -21.43 -5.07
C TYR B 125 23.85 -22.49 -4.97
N THR B 126 23.45 -23.70 -4.65
CA THR B 126 24.44 -24.74 -4.35
C THR B 126 25.07 -25.28 -5.59
N ASP B 127 26.23 -25.93 -5.39
CA ASP B 127 26.94 -26.54 -6.49
C ASP B 127 26.31 -27.82 -7.03
N GLU B 128 25.21 -28.27 -6.43
N GLU B 128 25.19 -28.23 -6.45
CA GLU B 128 24.38 -29.36 -6.98
CA GLU B 128 24.38 -29.32 -6.94
C GLU B 128 22.91 -28.92 -7.15
C GLU B 128 22.91 -28.92 -7.14
N GLY B 129 22.72 -27.63 -7.42
CA GLY B 129 21.38 -27.10 -7.74
C GLY B 129 20.90 -26.07 -6.73
N ASN B 130 19.95 -25.29 -7.17
CA ASN B 130 19.28 -24.34 -6.27
C ASN B 130 18.48 -25.10 -5.22
N PHE B 131 18.68 -24.70 -3.97
CA PHE B 131 17.91 -25.22 -2.85
C PHE B 131 17.24 -24.06 -2.14
N ASP B 132 15.90 -24.10 -2.09
CA ASP B 132 15.13 -23.03 -1.47
C ASP B 132 14.45 -23.54 -0.20
N ILE B 133 14.63 -22.83 0.90
CA ILE B 133 13.82 -23.09 2.12
C ILE B 133 12.90 -21.88 2.20
N VAL B 134 11.65 -22.12 1.85
CA VAL B 134 10.65 -21.04 1.69
C VAL B 134 9.89 -21.02 3.01
N GLY B 135 10.42 -20.26 3.96
CA GLY B 135 9.90 -20.21 5.32
C GLY B 135 9.21 -18.93 5.74
N ASN B 136 8.90 -18.80 7.03
CA ASN B 136 8.19 -17.65 7.62
C ASN B 136 8.86 -17.32 8.93
N ASN B 137 8.50 -16.19 9.52
CA ASN B 137 9.04 -15.81 10.86
C ASN B 137 8.29 -16.43 12.02
N ILE B 138 7.35 -17.33 11.72
CA ILE B 138 6.51 -18.03 12.68
C ILE B 138 6.58 -19.53 12.32
N PRO B 139 6.77 -20.44 13.31
CA PRO B 139 7.06 -21.84 12.98
C PRO B 139 5.90 -22.73 12.64
N VAL B 140 4.70 -22.19 12.78
CA VAL B 140 3.47 -22.94 12.57
C VAL B 140 2.60 -22.16 11.57
N PHE B 141 1.81 -22.89 10.81
CA PHE B 141 0.93 -22.28 9.84
C PHE B 141 -0.53 -22.47 10.20
N PHE B 142 -1.40 -21.70 9.56
CA PHE B 142 -2.81 -21.65 9.91
C PHE B 142 -3.62 -22.94 9.62
N ILE B 143 -3.24 -23.67 8.55
CA ILE B 143 -4.06 -24.76 8.01
C ILE B 143 -3.20 -25.98 7.83
N GLN B 144 -3.88 -27.12 7.75
CA GLN B 144 -3.24 -28.44 7.76
C GLN B 144 -3.20 -29.13 6.39
N ASP B 145 -3.82 -28.55 5.39
CA ASP B 145 -3.87 -29.15 4.05
C ASP B 145 -3.79 -28.01 3.06
N ALA B 146 -2.91 -28.15 2.09
CA ALA B 146 -2.69 -27.17 1.04
C ALA B 146 -4.00 -26.85 0.28
N ILE B 147 -4.92 -27.78 0.23
CA ILE B 147 -6.16 -27.55 -0.54
C ILE B 147 -6.98 -26.42 0.06
N LEU B 148 -6.77 -26.16 1.35
CA LEU B 148 -7.44 -25.07 2.07
C LEU B 148 -6.82 -23.69 1.82
N PHE B 149 -5.73 -23.62 1.10
CA PHE B 149 -5.04 -22.33 0.98
C PHE B 149 -5.93 -21.21 0.40
N PRO B 150 -6.68 -21.47 -0.67
CA PRO B 150 -7.56 -20.41 -1.23
C PRO B 150 -8.64 -19.98 -0.22
N ASP B 151 -9.05 -20.89 0.68
CA ASP B 151 -10.06 -20.55 1.68
C ASP B 151 -9.48 -19.57 2.69
N LEU B 152 -8.31 -19.93 3.22
CA LEU B 152 -7.63 -19.05 4.15
C LEU B 152 -7.34 -17.71 3.53
N ILE B 153 -6.79 -17.71 2.35
CA ILE B 153 -6.35 -16.46 1.77
C ILE B 153 -7.53 -15.62 1.29
N HIS B 154 -8.57 -16.24 0.68
CA HIS B 154 -9.75 -15.46 0.35
C HIS B 154 -10.40 -14.84 1.60
N ALA B 155 -10.34 -15.52 2.73
CA ALA B 155 -10.96 -14.98 3.97
C ALA B 155 -10.16 -13.83 4.52
N VAL B 156 -8.82 -13.89 4.43
CA VAL B 156 -7.95 -12.88 5.02
C VAL B 156 -7.84 -11.67 4.13
N LYS B 157 -7.78 -11.89 2.82
CA LYS B 157 -7.67 -10.80 1.88
C LYS B 157 -8.99 -9.99 1.83
N PRO B 158 -8.95 -8.84 1.12
CA PRO B 158 -10.10 -7.93 1.11
C PRO B 158 -11.41 -8.58 0.61
N ARG B 159 -12.54 -8.06 1.06
CA ARG B 159 -13.85 -8.55 0.66
C ARG B 159 -13.99 -8.54 -0.85
N GLY B 160 -14.71 -9.52 -1.38
CA GLY B 160 -14.85 -9.65 -2.83
C GLY B 160 -15.60 -8.54 -3.54
N ASP B 161 -16.48 -7.83 -2.82
CA ASP B 161 -17.31 -6.83 -3.46
C ASP B 161 -16.59 -5.50 -3.61
N ASN B 162 -15.87 -5.08 -2.55
CA ASN B 162 -15.28 -3.73 -2.51
C ASN B 162 -13.79 -3.67 -2.32
N GLN B 163 -13.14 -4.81 -2.20
CA GLN B 163 -11.71 -4.91 -1.94
C GLN B 163 -11.30 -4.05 -0.76
N ILE B 164 -12.04 -4.19 0.32
CA ILE B 164 -11.68 -3.62 1.64
C ILE B 164 -11.71 -4.77 2.65
N PRO B 165 -10.75 -4.79 3.61
CA PRO B 165 -9.68 -3.89 3.86
C PRO B 165 -8.30 -4.43 3.41
N GLN B 166 -7.41 -3.50 3.12
CA GLN B 166 -6.06 -3.83 2.67
C GLN B 166 -5.22 -4.38 3.82
N ALA B 167 -4.50 -5.46 3.56
CA ALA B 167 -3.41 -5.95 4.42
C ALA B 167 -3.84 -6.05 5.88
N ALA B 168 -4.98 -6.73 6.10
CA ALA B 168 -5.55 -6.77 7.42
C ALA B 168 -6.45 -7.92 7.63
N THR B 169 -6.37 -8.47 8.86
CA THR B 169 -7.31 -9.50 9.29
C THR B 169 -8.51 -8.94 10.07
N ALA B 170 -8.56 -7.62 10.31
CA ALA B 170 -9.59 -6.99 11.14
C ALA B 170 -10.91 -6.79 10.38
N HIS B 171 -11.52 -7.91 9.93
CA HIS B 171 -12.78 -7.87 9.23
C HIS B 171 -13.45 -9.23 9.35
N ASP B 172 -14.77 -9.23 9.15
CA ASP B 172 -15.63 -10.41 9.43
C ASP B 172 -15.11 -11.69 8.82
N SER B 173 -14.71 -11.69 7.52
CA SER B 173 -14.41 -12.98 6.86
C SER B 173 -13.23 -13.70 7.49
N ALA B 174 -12.25 -12.92 7.90
CA ALA B 174 -11.02 -13.51 8.40
C ALA B 174 -11.34 -14.25 9.70
N TRP B 175 -12.03 -13.56 10.60
CA TRP B 175 -12.37 -14.11 11.91
C TRP B 175 -13.45 -15.20 11.79
N ASP B 176 -14.29 -15.13 10.75
CA ASP B 176 -15.24 -16.19 10.42
C ASP B 176 -14.39 -17.45 10.14
N PHE B 177 -13.39 -17.31 9.27
CA PHE B 177 -12.55 -18.47 8.93
C PHE B 177 -11.79 -19.00 10.17
N PHE B 178 -11.23 -18.11 10.95
CA PHE B 178 -10.39 -18.56 12.10
C PHE B 178 -11.27 -19.38 13.07
N SER B 179 -12.52 -18.94 13.24
CA SER B 179 -13.42 -19.58 14.22
C SER B 179 -14.05 -20.86 13.69
N GLN B 180 -14.20 -20.93 12.37
CA GLN B 180 -14.69 -22.12 11.70
C GLN B 180 -13.62 -23.17 11.50
N GLN B 181 -12.35 -22.73 11.54
CA GLN B 181 -11.24 -23.64 11.21
C GLN B 181 -10.21 -23.39 12.34
N PRO B 182 -10.46 -23.95 13.50
CA PRO B 182 -9.64 -23.68 14.71
C PRO B 182 -8.18 -24.17 14.64
N SER B 183 -7.82 -24.95 13.62
CA SER B 183 -6.39 -25.21 13.34
C SER B 183 -5.60 -23.89 13.30
N VAL B 184 -6.27 -22.83 12.86
CA VAL B 184 -5.69 -21.50 12.74
C VAL B 184 -5.16 -20.86 14.00
N LEU B 185 -5.59 -21.36 15.15
CA LEU B 185 -5.39 -20.63 16.39
C LEU B 185 -3.94 -20.48 16.81
N HIS B 186 -3.10 -21.48 16.53
CA HIS B 186 -1.71 -21.36 16.95
C HIS B 186 -0.99 -20.21 16.24
N THR B 187 -1.05 -20.19 14.89
CA THR B 187 -0.45 -19.12 14.14
C THR B 187 -1.11 -17.79 14.51
N LEU B 188 -2.41 -17.81 14.70
CA LEU B 188 -3.11 -16.55 15.09
C LEU B 188 -2.49 -15.92 16.34
N LEU B 189 -2.29 -16.71 17.38
CA LEU B 189 -1.65 -16.19 18.59
C LEU B 189 -0.25 -15.66 18.35
N TRP B 190 0.57 -16.39 17.59
CA TRP B 190 1.89 -15.88 17.20
C TRP B 190 1.81 -14.52 16.52
N ALA B 191 0.92 -14.39 15.55
CA ALA B 191 0.80 -13.15 14.76
C ALA B 191 0.20 -11.98 15.55
N ALA B 193 0.65 -11.76 18.89
CA ALA B 193 1.74 -11.38 19.77
C ALA B 193 2.71 -10.45 18.99
N GLY B 194 3.93 -10.21 19.47
CA GLY B 194 4.78 -9.29 18.76
C GLY B 194 5.26 -9.75 17.37
N HIS B 195 5.20 -11.03 17.12
CA HIS B 195 5.73 -11.60 15.89
C HIS B 195 5.03 -11.08 14.65
N GLY B 196 3.79 -10.62 14.81
CA GLY B 196 3.04 -9.97 13.74
C GLY B 196 3.50 -8.59 13.32
N ILE B 197 4.23 -7.92 14.21
CA ILE B 197 4.67 -6.54 14.02
C ILE B 197 6.13 -6.31 14.45
N PRO B 198 7.08 -6.99 13.78
CA PRO B 198 8.48 -6.85 14.07
C PRO B 198 9.07 -5.50 13.70
N ARG B 199 10.10 -5.11 14.43
CA ARG B 199 10.80 -3.87 14.24
C ARG B 199 11.53 -3.81 12.92
N SER B 200 12.05 -4.96 12.48
CA SER B 200 12.83 -4.99 11.21
C SER B 200 12.92 -6.46 10.78
N PHE B 201 13.34 -6.68 9.56
CA PHE B 201 13.57 -8.03 9.11
C PHE B 201 14.81 -8.63 9.77
N ARG B 202 15.67 -7.78 10.35
CA ARG B 202 16.84 -8.28 11.03
C ARG B 202 16.56 -8.77 12.44
N HIS B 203 15.39 -8.45 12.97
CA HIS B 203 14.98 -8.71 14.35
C HIS B 203 13.82 -9.73 14.40
N VAL B 204 13.90 -10.70 13.50
CA VAL B 204 13.09 -11.91 13.52
C VAL B 204 13.92 -13.17 13.30
N ASN B 205 13.37 -14.32 13.64
CA ASN B 205 13.89 -15.62 13.29
C ASN B 205 13.14 -16.14 12.08
N GLY B 206 13.69 -17.19 11.49
CA GLY B 206 12.95 -17.89 10.44
C GLY B 206 12.73 -19.35 10.76
N PHE B 207 11.76 -19.93 10.06
CA PHE B 207 11.38 -21.30 10.23
C PHE B 207 10.95 -21.91 8.91
N GLY B 208 11.38 -23.16 8.67
CA GLY B 208 10.85 -23.92 7.52
C GLY B 208 9.39 -24.36 7.67
N VAL B 209 8.92 -24.42 8.93
CA VAL B 209 7.59 -24.83 9.34
C VAL B 209 7.38 -26.33 9.28
N HIS B 210 7.48 -26.92 8.10
CA HIS B 210 7.22 -28.35 7.95
C HIS B 210 8.39 -29.18 8.50
N THR B 211 8.05 -30.41 8.84
CA THR B 211 9.05 -31.42 9.01
C THR B 211 9.55 -31.85 7.61
N PHE B 212 10.87 -31.93 7.43
CA PHE B 212 11.49 -32.44 6.20
C PHE B 212 12.33 -33.64 6.57
N ARG B 213 12.87 -34.30 5.57
CA ARG B 213 13.83 -35.39 5.79
C ARG B 213 15.19 -34.91 5.37
N LEU B 214 16.21 -35.29 6.13
CA LEU B 214 17.57 -35.24 5.65
C LEU B 214 17.97 -36.70 5.37
N VAL B 215 18.72 -36.89 4.31
CA VAL B 215 18.99 -38.22 3.79
C VAL B 215 20.47 -38.33 3.47
N THR B 216 21.16 -39.37 3.96
CA THR B 216 22.60 -39.57 3.63
C THR B 216 22.72 -40.33 2.29
N ASP B 217 23.93 -40.44 1.77
CA ASP B 217 24.15 -41.10 0.49
C ASP B 217 23.74 -42.54 0.57
N ASP B 218 23.79 -43.14 1.75
CA ASP B 218 23.34 -44.52 1.87
C ASP B 218 21.90 -44.65 2.32
N GLY B 219 21.10 -43.59 2.20
CA GLY B 219 19.65 -43.70 2.35
C GLY B 219 19.12 -43.57 3.75
N LYS B 220 19.97 -43.31 4.74
CA LYS B 220 19.50 -43.14 6.13
C LYS B 220 18.88 -41.78 6.31
N THR B 221 17.81 -41.71 7.11
CA THR B 221 17.07 -40.47 7.25
C THR B 221 16.98 -40.02 8.72
N LYS B 222 16.81 -38.71 8.86
CA LYS B 222 16.33 -38.06 10.04
C LYS B 222 15.17 -37.16 9.62
N LEU B 223 14.24 -36.96 10.55
CA LEU B 223 13.22 -35.93 10.44
C LEU B 223 13.77 -34.63 11.07
N VAL B 224 13.56 -33.50 10.41
CA VAL B 224 14.04 -32.24 10.91
C VAL B 224 13.06 -31.08 10.79
N LYS B 225 13.18 -30.14 11.72
CA LYS B 225 12.66 -28.79 11.56
C LYS B 225 13.82 -27.85 11.28
N PHE B 226 13.70 -27.02 10.22
CA PHE B 226 14.66 -26.01 9.94
C PHE B 226 14.38 -24.72 10.71
N HIS B 227 15.45 -24.12 11.21
CA HIS B 227 15.46 -22.87 11.93
C HIS B 227 16.50 -21.90 11.36
N TRP B 228 16.17 -20.61 11.39
CA TRP B 228 17.09 -19.54 11.16
C TRP B 228 17.09 -18.73 12.44
N LYS B 229 18.14 -18.88 13.25
CA LYS B 229 18.26 -18.20 14.55
C LYS B 229 18.98 -16.87 14.36
N GLY B 230 18.26 -15.77 14.50
CA GLY B 230 18.83 -14.47 14.25
C GLY B 230 19.83 -14.03 15.29
N LEU B 231 20.87 -13.35 14.85
CA LEU B 231 21.95 -12.94 15.76
C LEU B 231 21.88 -11.49 16.20
N GLN B 232 20.79 -10.79 15.88
CA GLN B 232 20.59 -9.40 16.25
C GLN B 232 19.69 -9.35 17.50
N GLY B 233 18.64 -10.16 17.49
CA GLY B 233 17.67 -10.29 18.57
C GLY B 233 16.26 -9.93 18.14
N LYS B 234 15.29 -10.65 18.70
CA LYS B 234 13.88 -10.36 18.44
C LYS B 234 13.57 -8.96 18.96
N ALA B 235 12.86 -8.18 18.13
CA ALA B 235 12.37 -6.86 18.53
C ALA B 235 11.08 -6.60 17.77
N SER B 236 10.06 -6.16 18.51
CA SER B 236 8.74 -5.90 17.96
C SER B 236 8.09 -4.63 18.49
N PHE B 237 7.14 -4.14 17.70
CA PHE B 237 6.37 -2.94 18.02
C PHE B 237 5.15 -3.28 18.88
N VAL B 238 4.47 -2.21 19.38
CA VAL B 238 3.05 -2.31 19.76
C VAL B 238 2.16 -1.82 18.58
N TRP B 239 0.91 -2.25 18.58
CA TRP B 239 0.03 -2.04 17.44
C TRP B 239 -0.02 -0.56 17.00
N GLU B 240 -0.25 0.31 17.97
CA GLU B 240 -0.40 1.74 17.67
C GLU B 240 0.83 2.34 16.99
N GLU B 241 1.99 1.84 17.35
CA GLU B 241 3.24 2.29 16.76
C GLU B 241 3.45 1.68 15.36
N ALA B 242 3.04 0.43 15.15
CA ALA B 242 3.01 -0.14 13.80
C ALA B 242 2.07 0.65 12.82
N GLN B 243 0.91 1.04 13.32
CA GLN B 243 -0.02 1.87 12.56
C GLN B 243 0.60 3.21 12.20
N GLN B 244 1.16 3.89 13.19
CA GLN B 244 1.74 5.18 12.92
C GLN B 244 2.86 5.05 11.89
N THR B 245 3.66 3.99 11.97
CA THR B 245 4.75 3.79 11.04
C THR B 245 4.20 3.58 9.62
N ALA B 246 3.08 2.90 9.53
CA ALA B 246 2.46 2.68 8.20
C ALA B 246 2.11 4.02 7.53
N GLY B 247 1.67 4.98 8.34
CA GLY B 247 1.31 6.30 7.83
C GLY B 247 2.49 7.20 7.49
N LYS B 248 3.59 7.03 8.20
CA LYS B 248 4.75 7.90 8.08
C LYS B 248 5.84 7.36 7.13
N ASN B 249 6.01 6.05 7.10
CA ASN B 249 7.00 5.44 6.25
C ASN B 249 6.61 4.00 5.91
N ALA B 250 5.90 3.87 4.80
CA ALA B 250 5.44 2.56 4.34
C ALA B 250 6.59 1.62 4.02
N ASP B 251 7.78 2.18 3.80
CA ASP B 251 8.96 1.42 3.44
C ASP B 251 9.89 1.22 4.65
N PHE B 252 9.38 1.41 5.87
CA PHE B 252 10.30 1.45 7.03
C PHE B 252 11.23 0.22 7.14
N ARG B 254 11.85 -2.23 4.78
CA ARG B 254 12.71 -2.32 3.57
C ARG B 254 13.91 -1.36 3.64
N GLN B 255 13.65 -0.15 4.12
CA GLN B 255 14.66 0.90 4.28
C GLN B 255 15.68 0.52 5.32
N ASP B 256 15.21 -0.04 6.43
CA ASP B 256 16.09 -0.50 7.48
C ASP B 256 17.11 -1.50 6.93
N LEU B 257 16.65 -2.49 6.16
CA LEU B 257 17.56 -3.52 5.66
C LEU B 257 18.53 -2.93 4.66
N PHE B 258 18.06 -2.09 3.71
CA PHE B 258 18.92 -1.51 2.72
C PHE B 258 20.02 -0.70 3.38
N GLN B 259 19.60 0.15 4.31
CA GLN B 259 20.57 1.02 5.01
C GLN B 259 21.59 0.26 5.84
N SER B 260 21.13 -0.80 6.52
CA SER B 260 22.02 -1.58 7.42
C SER B 260 23.12 -2.20 6.55
N ILE B 261 22.72 -2.70 5.37
CA ILE B 261 23.73 -3.32 4.50
C ILE B 261 24.69 -2.29 3.92
N GLN B 262 24.19 -1.14 3.53
CA GLN B 262 25.04 -0.08 2.97
C GLN B 262 25.97 0.39 4.04
N ALA B 263 25.57 0.30 5.30
CA ALA B 263 26.44 0.67 6.45
C ALA B 263 27.46 -0.38 6.88
N GLY B 264 27.44 -1.53 6.24
CA GLY B 264 28.24 -2.65 6.64
C GLY B 264 27.78 -3.40 7.86
N ARG B 265 26.56 -3.14 8.31
CA ARG B 265 25.98 -3.80 9.46
C ARG B 265 25.23 -5.03 9.05
N PHE B 266 25.99 -6.05 8.63
CA PHE B 266 25.37 -7.15 7.94
C PHE B 266 24.61 -8.06 8.90
N PRO B 267 23.28 -8.23 8.70
CA PRO B 267 22.54 -9.14 9.62
C PRO B 267 22.87 -10.60 9.35
N GLU B 268 22.87 -11.40 10.41
CA GLU B 268 23.19 -12.82 10.35
C GLU B 268 22.15 -13.67 11.06
N TRP B 269 22.04 -14.91 10.60
CA TRP B 269 21.24 -15.95 11.15
C TRP B 269 22.02 -17.24 11.08
N GLU B 270 21.88 -18.09 12.10
CA GLU B 270 22.44 -19.41 12.03
C GLU B 270 21.36 -20.41 11.59
N LEU B 271 21.69 -21.22 10.61
CA LEU B 271 20.82 -22.29 10.19
C LEU B 271 20.94 -23.41 11.20
N GLY B 272 19.81 -23.93 11.62
CA GLY B 272 19.78 -25.03 12.56
C GLY B 272 18.73 -26.02 12.21
N VAL B 273 18.88 -27.21 12.78
CA VAL B 273 17.87 -28.24 12.63
C VAL B 273 17.55 -28.90 13.98
N GLN B 274 16.28 -29.15 14.23
CA GLN B 274 15.86 -30.08 15.28
C GLN B 274 15.89 -31.46 14.69
N ILE B 275 16.82 -32.29 15.16
CA ILE B 275 17.05 -33.60 14.56
C ILE B 275 16.29 -34.67 15.32
N MET B 276 15.44 -35.38 14.59
CA MET B 276 14.55 -36.40 15.09
C MET B 276 14.63 -37.68 14.26
N GLN B 277 14.12 -38.78 14.82
CA GLN B 277 14.05 -40.05 14.15
C GLN B 277 12.71 -40.25 13.46
N GLU B 278 12.70 -41.13 12.47
CA GLU B 278 11.46 -41.52 11.80
C GLU B 278 10.40 -41.98 12.76
N GLN B 279 10.85 -42.67 13.82
CA GLN B 279 9.97 -43.23 14.85
C GLN B 279 9.39 -42.18 15.82
N ASP B 280 9.78 -40.92 15.67
CA ASP B 280 9.30 -39.86 16.51
C ASP B 280 8.05 -39.16 16.03
N GLN B 281 7.50 -39.59 14.90
CA GLN B 281 6.37 -38.85 14.25
C GLN B 281 5.13 -38.69 15.07
N LEU B 282 4.81 -39.69 15.90
CA LEU B 282 3.66 -39.62 16.77
C LEU B 282 3.99 -39.83 18.24
N LYS B 283 5.24 -39.69 18.65
CA LYS B 283 5.71 -40.02 20.01
C LYS B 283 5.49 -38.89 21.00
N PHE B 284 5.47 -37.65 20.51
CA PHE B 284 5.53 -36.46 21.35
C PHE B 284 4.15 -35.88 21.73
N GLY B 285 3.08 -36.56 21.38
CA GLY B 285 1.72 -36.15 21.72
C GLY B 285 1.03 -35.34 20.64
N PHE B 286 1.76 -35.12 19.54
CA PHE B 286 1.22 -34.49 18.34
C PHE B 286 1.93 -35.11 17.16
N ASP B 287 1.46 -34.78 15.96
CA ASP B 287 1.97 -35.42 14.75
C ASP B 287 3.03 -34.53 14.11
N LEU B 288 4.25 -35.05 13.85
CA LEU B 288 5.27 -34.23 13.16
C LEU B 288 4.81 -33.86 11.74
N LEU B 289 3.82 -34.54 11.17
CA LEU B 289 3.29 -34.11 9.85
C LEU B 289 2.34 -32.92 9.93
N ASP B 290 1.99 -32.47 11.15
CA ASP B 290 1.02 -31.42 11.34
C ASP B 290 1.76 -30.08 11.44
N PRO B 291 1.57 -29.18 10.45
CA PRO B 291 2.27 -27.88 10.43
C PRO B 291 1.73 -26.83 11.36
N THR B 292 0.73 -27.17 12.16
CA THR B 292 0.21 -26.26 13.18
C THR B 292 0.89 -26.51 14.56
N LYS B 293 1.86 -27.43 14.57
CA LYS B 293 2.55 -27.89 15.80
C LYS B 293 4.05 -27.54 15.77
N ILE B 294 4.53 -26.98 16.88
CA ILE B 294 5.98 -26.83 17.09
C ILE B 294 6.53 -28.05 17.82
N VAL B 295 7.82 -28.29 17.65
CA VAL B 295 8.58 -29.14 18.56
C VAL B 295 9.28 -28.26 19.58
N PRO B 296 8.84 -28.28 20.85
CA PRO B 296 9.50 -27.44 21.83
C PRO B 296 10.98 -27.74 21.93
N GLU B 297 11.80 -26.69 22.07
CA GLU B 297 13.24 -26.88 22.17
C GLU B 297 13.68 -27.65 23.42
N GLU B 298 12.84 -27.65 24.45
CA GLU B 298 13.08 -28.53 25.60
C GLU B 298 13.02 -30.02 25.23
N LEU B 299 12.25 -30.38 24.19
CA LEU B 299 12.19 -31.77 23.77
C LEU B 299 13.29 -32.17 22.77
N VAL B 300 13.57 -31.26 21.84
CA VAL B 300 14.59 -31.52 20.81
C VAL B 300 15.33 -30.22 20.59
N PRO B 301 16.62 -30.15 20.95
CA PRO B 301 17.35 -28.90 20.78
C PRO B 301 17.66 -28.64 19.31
N VAL B 302 18.00 -27.40 19.02
CA VAL B 302 18.40 -26.99 17.67
C VAL B 302 19.89 -27.23 17.49
N THR B 303 20.26 -28.06 16.51
CA THR B 303 21.67 -28.28 16.18
C THR B 303 22.06 -27.30 15.09
N ILE B 304 23.10 -26.53 15.33
CA ILE B 304 23.46 -25.45 14.40
C ILE B 304 24.39 -25.95 13.31
N LEU B 305 24.03 -25.68 12.06
CA LEU B 305 24.72 -26.20 10.88
C LEU B 305 25.68 -25.20 10.24
N GLY B 306 25.39 -23.91 10.34
CA GLY B 306 26.17 -22.90 9.63
C GLY B 306 25.51 -21.55 9.71
N LYS B 307 26.01 -20.59 8.97
CA LYS B 307 25.57 -19.20 9.12
C LYS B 307 25.28 -18.52 7.76
N MET B 308 24.17 -17.81 7.73
CA MET B 308 23.82 -16.88 6.60
C MET B 308 24.16 -15.46 7.03
N GLN B 309 24.83 -14.71 6.16
CA GLN B 309 25.02 -13.29 6.30
C GLN B 309 24.46 -12.62 5.06
N LEU B 310 23.64 -11.58 5.23
CA LEU B 310 23.15 -10.74 4.12
C LEU B 310 24.01 -9.50 4.03
N ASN B 311 24.61 -9.29 2.86
CA ASN B 311 25.67 -8.32 2.71
C ASN B 311 25.71 -7.55 1.42
N ARG B 312 24.73 -7.70 0.53
CA ARG B 312 24.67 -6.87 -0.66
C ARG B 312 23.23 -6.60 -1.09
N ASN B 313 22.93 -5.34 -1.32
CA ASN B 313 21.64 -4.96 -1.84
C ASN B 313 21.61 -5.23 -3.35
N PRO B 314 20.39 -5.46 -3.88
CA PRO B 314 20.28 -5.55 -5.34
C PRO B 314 20.76 -4.28 -6.05
N ASN B 316 19.16 -3.69 -9.21
CA ASN B 316 17.86 -3.32 -9.77
C ASN B 316 16.80 -4.18 -9.07
N TYR B 317 15.96 -3.53 -8.32
CA TYR B 317 14.91 -4.22 -7.56
C TYR B 317 14.01 -5.09 -8.40
N PHE B 318 13.52 -4.54 -9.52
CA PHE B 318 12.63 -5.34 -10.33
C PHE B 318 13.31 -6.62 -10.85
N ALA B 319 14.47 -6.45 -11.43
CA ALA B 319 15.13 -7.55 -12.13
C ALA B 319 15.50 -8.67 -11.11
N GLU B 320 15.87 -8.26 -9.89
CA GLU B 320 16.37 -9.18 -8.85
C GLU B 320 15.31 -9.60 -7.83
N THR B 321 14.79 -8.65 -7.07
CA THR B 321 13.82 -8.94 -6.05
C THR B 321 12.44 -9.26 -6.58
N GLU B 322 11.91 -8.45 -7.48
CA GLU B 322 10.55 -8.71 -7.91
C GLU B 322 10.46 -10.05 -8.65
N GLN B 323 11.47 -10.37 -9.46
CA GLN B 323 11.45 -11.57 -10.31
C GLN B 323 11.98 -12.84 -9.64
N VAL B 324 12.49 -12.78 -8.42
CA VAL B 324 12.96 -14.06 -7.81
C VAL B 324 11.74 -14.95 -7.54
N MET B 325 11.87 -16.22 -7.95
CA MET B 325 10.76 -17.16 -7.92
C MET B 325 11.16 -18.41 -7.12
N PHE B 326 10.84 -18.36 -5.86
CA PHE B 326 11.17 -19.44 -4.93
C PHE B 326 10.23 -20.63 -5.12
N GLN B 327 10.72 -21.81 -4.78
CA GLN B 327 9.91 -23.03 -4.79
C GLN B 327 10.43 -24.05 -3.80
N PRO B 328 9.53 -24.63 -2.97
CA PRO B 328 9.98 -25.77 -2.17
C PRO B 328 10.41 -26.96 -3.01
N GLY B 329 9.98 -27.02 -4.27
CA GLY B 329 10.44 -28.06 -5.13
C GLY B 329 11.86 -27.90 -5.64
N HIS B 330 12.46 -26.74 -5.37
CA HIS B 330 13.88 -26.57 -5.58
C HIS B 330 14.61 -27.26 -4.42
N ILE B 331 14.73 -28.57 -4.55
CA ILE B 331 15.32 -29.44 -3.52
C ILE B 331 16.56 -30.09 -4.11
N VAL B 332 17.47 -30.48 -3.22
CA VAL B 332 18.71 -31.08 -3.66
C VAL B 332 18.88 -32.45 -3.00
N ARG B 333 19.73 -33.25 -3.61
CA ARG B 333 20.16 -34.54 -3.07
C ARG B 333 20.56 -34.36 -1.64
N GLY B 334 19.99 -35.16 -0.79
CA GLY B 334 20.32 -35.04 0.64
C GLY B 334 19.19 -34.52 1.48
N VAL B 335 18.11 -34.04 0.81
CA VAL B 335 16.92 -33.54 1.50
C VAL B 335 15.75 -34.23 0.80
N ASP B 336 14.70 -34.47 1.53
CA ASP B 336 13.47 -35.05 0.96
C ASP B 336 12.23 -34.50 1.71
N PHE B 337 11.04 -34.79 1.17
CA PHE B 337 9.80 -34.27 1.68
C PHE B 337 9.25 -35.24 2.74
N THR B 338 8.22 -34.77 3.43
CA THR B 338 7.37 -35.60 4.26
C THR B 338 5.92 -35.42 3.75
N GLU B 339 5.07 -36.26 4.32
CA GLU B 339 3.68 -36.37 3.98
C GLU B 339 2.77 -35.34 4.69
N ASP B 340 3.36 -34.27 5.20
CA ASP B 340 2.64 -33.09 5.69
C ASP B 340 1.79 -32.60 4.48
N PRO B 341 0.45 -32.64 4.58
CA PRO B 341 -0.41 -32.34 3.41
C PRO B 341 -0.34 -30.91 2.98
N LEU B 342 0.21 -30.06 3.83
CA LEU B 342 0.42 -28.67 3.45
C LEU B 342 1.62 -28.57 2.55
N LEU B 343 2.74 -29.14 3.00
CA LEU B 343 3.92 -29.23 2.16
C LEU B 343 3.64 -29.90 0.80
N GLN B 344 2.93 -31.01 0.84
CA GLN B 344 2.66 -31.82 -0.32
C GLN B 344 2.07 -30.96 -1.41
N GLY B 345 1.09 -30.15 -1.07
CA GLY B 345 0.44 -29.36 -2.09
C GLY B 345 1.16 -28.08 -2.49
N ARG B 346 1.93 -27.51 -1.58
CA ARG B 346 2.82 -26.43 -1.90
C ARG B 346 3.68 -26.80 -3.12
N LEU B 347 4.15 -28.03 -3.16
CA LEU B 347 5.05 -28.43 -4.24
C LEU B 347 4.41 -28.12 -5.60
N PHE B 348 3.13 -28.41 -5.75
CA PHE B 348 2.43 -28.11 -7.01
C PHE B 348 2.35 -26.60 -7.26
N SER B 349 1.96 -25.85 -6.24
CA SER B 349 1.63 -24.44 -6.42
C SER B 349 2.78 -23.62 -6.88
N TYR B 350 3.96 -23.81 -6.30
CA TYR B 350 5.03 -22.87 -6.60
C TYR B 350 5.63 -23.11 -7.96
N LEU B 351 5.44 -24.28 -8.57
CA LEU B 351 5.93 -24.49 -9.94
C LEU B 351 4.91 -23.80 -10.88
N ASP B 352 3.64 -24.06 -10.63
CA ASP B 352 2.55 -23.54 -11.45
C ASP B 352 2.50 -22.00 -11.45
N THR B 353 2.57 -21.40 -10.29
CA THR B 353 2.33 -19.96 -10.19
C THR B 353 3.35 -19.12 -10.96
N GLN B 354 4.58 -19.61 -11.13
CA GLN B 354 5.58 -18.81 -11.87
C GLN B 354 5.16 -18.60 -13.33
N LEU B 355 4.30 -19.51 -13.84
CA LEU B 355 3.74 -19.33 -15.21
C LEU B 355 2.94 -18.04 -15.28
N ASN B 356 2.22 -17.77 -14.20
CA ASN B 356 1.41 -16.54 -14.14
C ASN B 356 2.32 -15.32 -14.10
N ARG B 357 3.35 -15.39 -13.26
CA ARG B 357 4.18 -14.23 -12.97
C ARG B 357 5.07 -13.90 -14.15
N HIS B 358 5.64 -14.93 -14.75
CA HIS B 358 6.59 -14.83 -15.85
C HIS B 358 5.92 -14.76 -17.21
N GLY B 359 4.69 -15.29 -17.27
CA GLY B 359 3.93 -15.34 -18.51
C GLY B 359 4.39 -16.40 -19.49
N GLY B 360 5.22 -17.35 -19.01
CA GLY B 360 5.68 -18.42 -19.84
C GLY B 360 6.54 -19.38 -19.02
N PRO B 361 7.09 -20.42 -19.67
CA PRO B 361 7.70 -21.55 -18.96
C PRO B 361 9.16 -21.41 -18.58
N ASN B 362 9.85 -20.39 -19.10
CA ASN B 362 11.31 -20.28 -18.96
C ASN B 362 11.80 -19.35 -17.88
N PHE B 363 11.00 -19.29 -16.81
CA PHE B 363 11.32 -18.44 -15.67
C PHE B 363 12.60 -18.82 -14.95
N GLU B 364 13.00 -20.09 -15.01
CA GLU B 364 14.29 -20.48 -14.36
C GLU B 364 15.49 -19.91 -15.11
N GLN B 365 15.28 -19.32 -16.30
CA GLN B 365 16.37 -18.70 -17.07
C GLN B 365 16.62 -17.24 -16.69
N LEU B 366 15.75 -16.63 -15.88
CA LEU B 366 16.02 -15.26 -15.41
C LEU B 366 17.30 -15.29 -14.60
N PRO B 367 18.15 -14.28 -14.76
CA PRO B 367 19.40 -14.30 -14.04
C PRO B 367 19.31 -14.68 -12.54
N ILE B 368 18.37 -14.07 -11.82
CA ILE B 368 18.23 -14.29 -10.37
C ILE B 368 17.76 -15.74 -10.07
N ASN B 369 17.15 -16.42 -11.05
CA ASN B 369 16.68 -17.81 -10.86
C ASN B 369 17.67 -18.85 -11.38
N ARG B 370 18.67 -18.41 -12.14
N ARG B 370 18.65 -18.43 -12.16
CA ARG B 370 19.64 -19.36 -12.67
CA ARG B 370 19.58 -19.42 -12.70
C ARG B 370 20.40 -20.08 -11.54
C ARG B 370 20.47 -20.03 -11.61
N PRO B 371 20.83 -21.31 -11.80
CA PRO B 371 21.72 -21.99 -10.86
C PRO B 371 23.18 -21.57 -11.10
N ARG B 372 24.04 -21.94 -10.14
CA ARG B 372 25.50 -21.80 -10.27
C ARG B 372 26.10 -23.19 -10.34
N ALA B 373 25.52 -24.00 -11.22
CA ALA B 373 25.85 -25.42 -11.43
C ALA B 373 25.44 -25.70 -12.84
N PRO B 374 26.03 -26.72 -13.48
CA PRO B 374 25.67 -27.02 -14.87
C PRO B 374 24.23 -27.41 -15.08
N ILE B 375 23.69 -27.05 -16.23
CA ILE B 375 22.33 -27.44 -16.68
C ILE B 375 22.50 -28.20 -17.97
N HIS B 376 21.93 -29.41 -18.00
CA HIS B 376 21.95 -30.27 -19.17
C HIS B 376 20.69 -31.14 -19.16
N ASN B 377 19.74 -30.87 -20.07
CA ASN B 377 18.59 -31.73 -20.13
C ASN B 377 17.88 -31.65 -21.46
N ASN B 378 16.82 -32.43 -21.58
CA ASN B 378 16.10 -32.51 -22.85
C ASN B 378 14.86 -31.65 -22.92
N ASN B 379 14.71 -30.77 -21.95
CA ASN B 379 13.62 -29.78 -22.01
C ASN B 379 13.91 -28.85 -23.18
N ARG B 380 12.87 -28.40 -23.89
CA ARG B 380 13.05 -27.57 -25.06
C ARG B 380 12.02 -26.44 -25.19
N ASP B 381 12.44 -25.40 -25.90
CA ASP B 381 11.55 -24.41 -26.44
C ASP B 381 10.80 -23.66 -25.33
N GLY B 382 9.55 -23.30 -25.57
CA GLY B 382 8.84 -22.37 -24.72
C GLY B 382 9.12 -20.93 -25.06
N ALA B 383 8.11 -20.08 -24.90
CA ALA B 383 8.33 -18.64 -25.06
C ALA B 383 9.51 -18.20 -24.23
N GLY B 384 10.22 -17.20 -24.72
CA GLY B 384 11.34 -16.68 -23.99
C GLY B 384 12.50 -17.64 -23.80
N GLN B 385 12.77 -18.48 -24.80
CA GLN B 385 13.88 -19.42 -24.73
C GLN B 385 15.17 -18.63 -24.96
N MET B 386 15.96 -18.53 -23.89
CA MET B 386 17.19 -17.74 -23.91
C MET B 386 18.41 -18.50 -24.28
N PHE B 387 18.34 -19.84 -24.26
CA PHE B 387 19.47 -20.71 -24.56
C PHE B 387 19.31 -21.29 -25.95
N ILE B 388 20.40 -21.85 -26.47
CA ILE B 388 20.41 -22.46 -27.77
C ILE B 388 20.97 -23.88 -27.58
N PRO B 389 20.09 -24.86 -27.45
CA PRO B 389 20.55 -26.25 -27.29
C PRO B 389 21.24 -26.78 -28.51
N LEU B 390 22.45 -27.30 -28.35
CA LEU B 390 23.20 -27.85 -29.47
C LEU B 390 22.74 -29.27 -29.84
N ASP B 391 22.15 -30.01 -28.90
CA ASP B 391 21.76 -31.39 -29.20
C ASP B 391 20.42 -31.38 -29.93
N PRO B 392 20.37 -31.82 -31.20
CA PRO B 392 19.11 -31.86 -31.94
C PRO B 392 18.22 -33.06 -31.66
N ASN B 393 18.70 -33.97 -30.81
CA ASN B 393 18.08 -35.24 -30.49
C ASN B 393 17.71 -35.27 -29.01
N ALA B 394 16.65 -34.57 -28.65
CA ALA B 394 16.41 -34.24 -27.24
C ALA B 394 15.48 -35.27 -26.60
N TYR B 395 15.96 -36.51 -26.53
CA TYR B 395 15.15 -37.61 -25.97
C TYR B 395 16.11 -38.63 -25.35
N SER B 396 15.56 -39.38 -24.39
CA SER B 396 16.18 -40.60 -23.89
C SER B 396 15.24 -41.78 -24.12
N PRO B 397 15.80 -42.98 -24.31
CA PRO B 397 17.19 -43.28 -24.54
C PRO B 397 17.53 -42.96 -25.95
N ASN B 398 18.72 -42.45 -26.18
CA ASN B 398 19.16 -42.16 -27.54
C ASN B 398 20.49 -42.84 -27.83
N THR B 399 20.72 -43.14 -29.12
CA THR B 399 22.06 -43.38 -29.61
C THR B 399 22.58 -42.22 -30.44
N GLU B 400 21.67 -41.41 -31.00
CA GLU B 400 22.10 -40.33 -31.91
C GLU B 400 22.90 -39.25 -31.18
N ASN B 401 22.75 -39.15 -29.85
CA ASN B 401 23.62 -38.30 -29.01
C ASN B 401 24.42 -39.10 -28.04
N LYS B 402 24.69 -40.35 -28.39
CA LYS B 402 25.52 -41.26 -27.61
C LYS B 402 25.06 -41.49 -26.17
N GLY B 403 23.75 -41.41 -25.94
CA GLY B 403 23.17 -41.72 -24.65
C GLY B 403 23.27 -40.59 -23.65
N SER B 404 23.56 -39.41 -24.13
CA SER B 404 23.66 -38.21 -23.32
C SER B 404 22.49 -37.24 -23.64
N PRO B 405 22.03 -36.47 -22.62
CA PRO B 405 22.43 -36.54 -21.19
C PRO B 405 22.07 -37.87 -20.51
N LYS B 406 22.92 -38.27 -19.58
CA LYS B 406 22.88 -39.51 -18.88
C LYS B 406 22.05 -39.42 -17.59
N GLN B 407 21.25 -40.42 -17.32
CA GLN B 407 20.45 -40.48 -16.09
C GLN B 407 21.35 -40.38 -14.82
N ALA B 408 20.91 -39.61 -13.82
CA ALA B 408 21.61 -39.50 -12.52
C ALA B 408 20.63 -39.95 -11.44
N ASN B 409 21.11 -40.82 -10.54
CA ASN B 409 20.27 -41.38 -9.51
C ASN B 409 21.10 -41.57 -8.24
N GLU B 410 20.65 -42.42 -7.34
CA GLU B 410 21.34 -42.56 -6.07
C GLU B 410 22.79 -42.96 -6.25
N THR B 411 23.03 -43.91 -7.15
CA THR B 411 24.34 -44.48 -7.29
C THR B 411 25.25 -43.93 -8.38
N VAL B 412 24.73 -43.19 -9.36
N VAL B 412 24.72 -43.11 -9.28
CA VAL B 412 25.61 -42.54 -10.36
CA VAL B 412 25.53 -42.58 -10.37
C VAL B 412 25.14 -41.12 -10.62
C VAL B 412 25.13 -41.13 -10.66
N GLY B 413 26.10 -40.19 -10.71
CA GLY B 413 25.84 -38.84 -11.17
C GLY B 413 25.26 -37.89 -10.13
N LYS B 414 25.24 -38.36 -8.86
CA LYS B 414 24.72 -37.59 -7.75
C LYS B 414 23.28 -37.14 -7.97
N GLY B 415 22.46 -38.04 -8.49
CA GLY B 415 21.04 -37.74 -8.67
C GLY B 415 20.29 -37.51 -7.38
N PHE B 416 19.25 -36.68 -7.46
CA PHE B 416 18.23 -36.65 -6.44
C PHE B 416 17.67 -38.07 -6.24
N PHE B 417 17.28 -38.42 -5.01
CA PHE B 417 16.49 -39.60 -4.79
C PHE B 417 15.57 -39.44 -3.59
N THR B 418 14.39 -40.00 -3.75
CA THR B 418 13.41 -40.10 -2.67
C THR B 418 13.98 -41.06 -1.63
N ALA B 419 13.78 -40.76 -0.37
CA ALA B 419 14.35 -41.62 0.69
C ALA B 419 13.74 -42.98 0.51
N PRO B 420 14.58 -44.01 0.37
CA PRO B 420 14.10 -45.27 -0.19
C PRO B 420 13.28 -46.13 0.70
N GLU B 421 13.30 -45.85 1.99
CA GLU B 421 12.44 -46.61 2.92
C GLU B 421 11.04 -46.03 3.15
N ARG B 422 10.73 -44.88 2.54
CA ARG B 422 9.42 -44.32 2.61
C ARG B 422 8.39 -45.27 1.95
N THR B 423 7.21 -45.40 2.57
CA THR B 423 6.17 -46.30 2.06
C THR B 423 4.83 -45.59 2.10
N ALA B 424 3.90 -46.14 1.34
CA ALA B 424 2.50 -45.76 1.38
C ALA B 424 1.73 -47.02 1.81
N SER B 425 0.60 -46.82 2.49
CA SER B 425 -0.26 -47.91 2.90
C SER B 425 -1.63 -47.37 3.21
N GLY B 426 -2.67 -48.00 2.70
CA GLY B 426 -4.03 -47.68 3.10
C GLY B 426 -4.91 -47.34 1.94
N LYS B 427 -6.16 -47.06 2.26
CA LYS B 427 -7.12 -46.75 1.22
C LYS B 427 -6.90 -45.34 0.74
N LEU B 428 -7.11 -45.14 -0.56
CA LEU B 428 -7.11 -43.80 -1.11
C LEU B 428 -8.30 -43.05 -0.59
N GLN B 429 -8.09 -41.83 -0.09
CA GLN B 429 -9.14 -41.14 0.67
C GLN B 429 -8.90 -39.65 0.75
N ARG B 430 -10.00 -38.92 0.92
CA ARG B 430 -9.95 -37.48 1.21
C ARG B 430 -10.43 -37.30 2.64
N THR B 431 -9.52 -37.32 3.58
CA THR B 431 -9.90 -37.30 4.99
C THR B 431 -8.98 -36.47 5.79
N LEU B 432 -9.44 -35.97 6.92
CA LEU B 432 -8.57 -35.27 7.87
C LEU B 432 -8.02 -36.29 8.86
N SER B 433 -6.73 -36.37 8.98
CA SER B 433 -6.13 -37.32 9.92
C SER B 433 -6.63 -37.08 11.33
N THR B 434 -7.00 -38.16 12.02
CA THR B 434 -7.40 -37.98 13.42
C THR B 434 -6.28 -37.46 14.33
N THR B 435 -5.04 -37.64 13.89
CA THR B 435 -3.87 -37.18 14.65
C THR B 435 -3.69 -35.65 14.63
N PHE B 436 -4.49 -35.01 13.82
CA PHE B 436 -4.43 -33.57 13.60
C PHE B 436 -5.47 -32.78 14.43
N GLU B 437 -6.22 -33.45 15.29
CA GLU B 437 -7.43 -32.85 15.80
C GLU B 437 -7.30 -31.96 17.04
N ASN B 438 -6.16 -31.94 17.75
CA ASN B 438 -6.02 -31.01 18.87
C ASN B 438 -5.52 -29.67 18.37
N ASN B 439 -6.46 -28.74 18.21
CA ASN B 439 -6.18 -27.40 17.72
C ASN B 439 -5.85 -26.39 18.80
N TRP B 440 -5.88 -26.81 20.07
CA TRP B 440 -5.92 -25.86 21.20
C TRP B 440 -4.76 -25.97 22.26
N SER B 441 -4.23 -27.16 22.47
CA SER B 441 -3.16 -27.36 23.51
C SER B 441 -1.91 -26.56 23.23
N GLN B 442 -1.48 -26.54 21.96
CA GLN B 442 -0.27 -25.79 21.66
C GLN B 442 -0.48 -24.28 21.67
N PRO B 443 -1.63 -23.77 21.14
CA PRO B 443 -1.88 -22.34 21.44
C PRO B 443 -1.82 -21.99 22.93
N ARG B 444 -2.29 -22.92 23.79
CA ARG B 444 -2.21 -22.68 25.25
C ARG B 444 -0.76 -22.72 25.73
N LEU B 445 0.04 -23.65 25.20
CA LEU B 445 1.48 -23.63 25.47
C LEU B 445 2.12 -22.28 25.17
N PHE B 446 1.80 -21.75 23.99
CA PHE B 446 2.40 -20.50 23.54
C PHE B 446 1.96 -19.38 24.52
N TRP B 447 0.65 -19.30 24.73
CA TRP B 447 0.05 -18.32 25.66
C TRP B 447 0.70 -18.37 27.06
N ASN B 448 0.88 -19.58 27.60
CA ASN B 448 1.49 -19.74 28.94
C ASN B 448 2.89 -19.20 29.04
N SER B 449 3.60 -19.19 27.91
CA SER B 449 5.03 -18.92 27.86
C SER B 449 5.40 -17.46 27.68
N LEU B 450 4.40 -16.58 27.56
CA LEU B 450 4.63 -15.16 27.30
C LEU B 450 4.75 -14.38 28.58
N VAL B 451 5.53 -13.31 28.56
CA VAL B 451 5.49 -12.37 29.70
C VAL B 451 4.10 -11.74 29.72
N ASN B 452 3.70 -11.23 30.88
CA ASN B 452 2.35 -10.68 31.00
C ASN B 452 2.03 -9.58 30.02
N ALA B 453 3.00 -8.74 29.70
CA ALA B 453 2.76 -7.66 28.76
C ALA B 453 2.38 -8.24 27.37
N GLN B 454 3.07 -9.29 26.97
CA GLN B 454 2.81 -9.83 25.63
C GLN B 454 1.48 -10.62 25.57
N LYS B 455 1.06 -11.23 26.68
CA LYS B 455 -0.29 -11.74 26.79
C LYS B 455 -1.28 -10.60 26.58
N GLU B 456 -1.00 -9.45 27.20
CA GLU B 456 -1.89 -8.28 27.10
C GLU B 456 -1.91 -7.80 25.65
N PHE B 457 -0.76 -7.84 24.99
CA PHE B 457 -0.68 -7.43 23.57
C PHE B 457 -1.57 -8.31 22.71
N ILE B 458 -1.55 -9.62 22.96
CA ILE B 458 -2.43 -10.53 22.21
C ILE B 458 -3.90 -10.15 22.50
N VAL B 459 -4.25 -9.99 23.78
CA VAL B 459 -5.60 -9.61 24.13
C VAL B 459 -6.02 -8.32 23.44
N ASP B 460 -5.15 -7.30 23.50
CA ASP B 460 -5.45 -6.01 22.97
C ASP B 460 -5.53 -6.01 21.43
N ALA B 461 -4.77 -6.90 20.80
CA ALA B 461 -4.86 -7.06 19.35
C ALA B 461 -6.21 -7.67 19.00
N ARG B 463 -8.95 -7.77 20.81
CA ARG B 463 -10.02 -6.80 21.09
C ARG B 463 -10.16 -5.78 19.95
N PHE B 464 -9.02 -5.22 19.53
CA PHE B 464 -9.04 -4.25 18.39
C PHE B 464 -9.70 -4.91 17.16
N GLU B 465 -9.19 -6.09 16.77
CA GLU B 465 -9.64 -6.76 15.56
C GLU B 465 -11.09 -7.17 15.58
N THR B 466 -11.49 -7.85 16.65
CA THR B 466 -12.84 -8.39 16.72
C THR B 466 -13.88 -7.31 17.00
N SER B 467 -13.48 -6.15 17.52
CA SER B 467 -14.42 -5.03 17.62
C SER B 467 -14.84 -4.55 16.22
N ASN B 468 -14.03 -4.87 15.21
CA ASN B 468 -14.30 -4.58 13.78
C ASN B 468 -15.06 -5.68 13.04
N VAL B 469 -15.46 -6.70 13.76
CA VAL B 469 -16.26 -7.77 13.20
C VAL B 469 -17.72 -7.42 13.46
N SER B 470 -18.51 -7.27 12.39
CA SER B 470 -19.91 -6.85 12.54
C SER B 470 -20.79 -7.98 13.02
N SER B 471 -20.53 -9.21 12.54
CA SER B 471 -21.37 -10.35 12.82
C SER B 471 -21.31 -10.80 14.26
N SER B 472 -22.46 -10.80 14.94
N SER B 472 -22.44 -10.79 14.98
CA SER B 472 -22.51 -11.29 16.31
CA SER B 472 -22.42 -11.30 16.37
C SER B 472 -22.19 -12.77 16.41
C SER B 472 -22.16 -12.80 16.42
N VAL B 473 -22.60 -13.53 15.41
CA VAL B 473 -22.35 -14.97 15.34
C VAL B 473 -20.85 -15.20 15.28
N VAL B 474 -20.18 -14.43 14.43
CA VAL B 474 -18.74 -14.61 14.33
C VAL B 474 -18.07 -14.25 15.65
N ARG B 475 -18.43 -13.12 16.25
CA ARG B 475 -17.82 -12.71 17.52
C ARG B 475 -17.98 -13.81 18.57
N ASP B 476 -19.19 -14.36 18.68
CA ASP B 476 -19.41 -15.42 19.65
C ASP B 476 -18.64 -16.68 19.34
N ASP B 477 -18.59 -17.06 18.06
CA ASP B 477 -17.82 -18.24 17.64
C ASP B 477 -16.35 -18.05 17.97
N VAL B 478 -15.82 -16.83 17.80
CA VAL B 478 -14.40 -16.58 18.15
C VAL B 478 -14.16 -16.80 19.64
N ILE B 479 -15.02 -16.23 20.48
CA ILE B 479 -14.89 -16.39 21.93
C ILE B 479 -14.98 -17.86 22.38
N ILE B 480 -15.91 -18.62 21.82
CA ILE B 480 -15.99 -20.06 22.08
C ILE B 480 -14.65 -20.77 21.78
N GLN B 481 -14.03 -20.45 20.65
CA GLN B 481 -12.79 -21.12 20.31
C GLN B 481 -11.63 -20.67 21.18
N LEU B 482 -11.53 -19.36 21.41
CA LEU B 482 -10.50 -18.86 22.32
C LEU B 482 -10.61 -19.51 23.68
N ASN B 483 -11.83 -19.69 24.12
CA ASN B 483 -12.07 -20.27 25.46
C ASN B 483 -11.58 -21.72 25.63
N ARG B 484 -11.43 -22.43 24.52
CA ARG B 484 -10.89 -23.78 24.53
C ARG B 484 -9.36 -23.74 24.69
N ILE B 485 -8.75 -22.60 24.37
CA ILE B 485 -7.33 -22.36 24.67
C ILE B 485 -7.16 -21.98 26.13
N SER B 486 -7.90 -20.95 26.55
CA SER B 486 -7.70 -20.35 27.88
C SER B 486 -8.92 -19.55 28.23
N ASP B 487 -9.54 -19.86 29.37
CA ASP B 487 -10.69 -19.06 29.80
C ASP B 487 -10.30 -17.61 30.07
N ASN B 488 -9.05 -17.39 30.47
CA ASN B 488 -8.56 -16.05 30.79
C ASN B 488 -8.50 -15.22 29.52
N LEU B 489 -7.84 -15.76 28.51
CA LEU B 489 -7.76 -15.09 27.19
C LEU B 489 -9.17 -14.73 26.68
N ALA B 490 -10.04 -15.73 26.69
CA ALA B 490 -11.40 -15.56 26.13
C ALA B 490 -12.21 -14.51 26.87
N THR B 491 -12.14 -14.55 28.19
CA THR B 491 -12.84 -13.60 29.05
C THR B 491 -12.33 -12.16 28.81
N ARG B 492 -11.00 -12.01 28.75
CA ARG B 492 -10.42 -10.70 28.57
C ARG B 492 -10.81 -10.11 27.22
N VAL B 493 -10.84 -10.95 26.18
CA VAL B 493 -11.20 -10.45 24.85
C VAL B 493 -12.71 -10.15 24.80
N ALA B 494 -13.54 -11.04 25.31
CA ALA B 494 -14.98 -10.89 25.27
C ALA B 494 -15.46 -9.59 25.86
N SER B 495 -14.76 -9.10 26.88
CA SER B 495 -15.30 -7.95 27.55
C SER B 495 -15.23 -6.68 26.72
N ALA B 496 -14.39 -6.62 25.68
CA ALA B 496 -14.36 -5.45 24.82
C ALA B 496 -15.47 -5.45 23.77
N ILE B 497 -16.05 -6.61 23.48
CA ILE B 497 -16.82 -6.80 22.25
C ILE B 497 -18.24 -7.27 22.42
N GLY B 498 -18.78 -7.08 23.61
CA GLY B 498 -20.23 -7.33 23.83
C GLY B 498 -20.62 -8.80 23.79
N VAL B 499 -19.69 -9.68 24.07
CA VAL B 499 -19.96 -11.10 24.17
C VAL B 499 -19.93 -11.51 25.64
N GLU B 500 -20.90 -12.35 26.04
CA GLU B 500 -20.96 -12.82 27.43
C GLU B 500 -19.70 -13.55 27.82
N ALA B 501 -19.27 -13.38 29.06
CA ALA B 501 -18.07 -14.10 29.56
C ALA B 501 -18.31 -15.61 29.53
N PRO B 502 -17.40 -16.38 28.90
CA PRO B 502 -17.63 -17.78 28.73
C PRO B 502 -17.32 -18.54 29.99
N LYS B 503 -17.96 -19.69 30.15
CA LYS B 503 -17.66 -20.56 31.28
C LYS B 503 -16.49 -21.41 30.85
N PRO B 504 -15.63 -21.82 31.78
CA PRO B 504 -14.48 -22.64 31.37
C PRO B 504 -14.82 -23.92 30.62
N ASN B 505 -14.01 -24.26 29.62
CA ASN B 505 -14.07 -25.52 28.94
C ASN B 505 -12.69 -26.10 28.92
N SER B 506 -12.44 -27.01 29.85
CA SER B 506 -11.10 -27.27 30.28
C SER B 506 -10.37 -28.41 29.61
N SER B 507 -10.96 -29.02 28.60
CA SER B 507 -10.35 -30.18 27.94
C SER B 507 -8.89 -30.03 27.56
N PHE B 508 -8.50 -28.85 27.09
CA PHE B 508 -7.13 -28.63 26.62
C PHE B 508 -6.30 -27.70 27.47
N TYR B 509 -6.81 -27.29 28.63
CA TYR B 509 -6.06 -26.41 29.51
C TYR B 509 -4.88 -27.17 30.14
N HIS B 510 -3.76 -26.49 30.32
CA HIS B 510 -2.61 -27.04 30.95
C HIS B 510 -1.71 -25.88 31.30
N ASP B 511 -0.66 -26.19 32.07
CA ASP B 511 0.28 -25.17 32.55
C ASP B 511 1.69 -25.26 31.97
N ASN B 512 1.90 -26.07 30.92
CA ASN B 512 3.23 -26.20 30.37
C ASN B 512 3.69 -24.95 29.66
N THR B 513 5.01 -24.77 29.63
CA THR B 513 5.64 -23.68 28.93
C THR B 513 6.80 -24.12 28.07
N THR B 514 7.20 -23.23 27.18
CA THR B 514 8.44 -23.37 26.44
C THR B 514 9.16 -22.01 26.51
N ALA B 515 10.48 -22.04 26.55
CA ALA B 515 11.27 -20.85 26.87
C ALA B 515 11.38 -19.83 25.75
N HIS B 516 11.38 -18.57 26.11
CA HIS B 516 11.72 -17.45 25.18
C HIS B 516 11.01 -17.52 23.80
N ILE B 517 9.72 -17.81 23.81
CA ILE B 517 8.96 -18.08 22.58
C ILE B 517 8.31 -16.79 22.04
N GLY B 518 8.05 -15.82 22.90
CA GLY B 518 7.48 -14.58 22.48
C GLY B 518 8.50 -13.65 21.84
N ALA B 519 8.02 -12.48 21.40
CA ALA B 519 8.88 -11.47 20.84
C ALA B 519 9.47 -10.58 21.91
N PHE B 520 8.82 -10.53 23.09
CA PHE B 520 9.19 -9.65 24.19
C PHE B 520 9.79 -10.46 25.34
N GLY B 521 10.76 -9.87 25.99
CA GLY B 521 11.26 -10.39 27.24
C GLY B 521 12.72 -10.65 27.31
N GLU B 522 13.47 -10.41 26.24
CA GLU B 522 14.92 -10.55 26.27
C GLU B 522 15.57 -9.30 25.74
N LYS B 523 16.77 -8.99 26.25
CA LYS B 523 17.53 -7.88 25.71
C LYS B 523 18.07 -8.19 24.32
N LEU B 524 18.31 -7.16 23.54
CA LEU B 524 18.81 -7.35 22.17
C LEU B 524 20.25 -7.85 22.24
N ALA B 525 20.68 -8.64 21.26
CA ALA B 525 22.07 -9.08 21.15
C ALA B 525 22.99 -8.05 20.54
N LYS B 526 22.50 -7.26 19.58
CA LYS B 526 23.25 -6.22 18.91
C LYS B 526 22.37 -4.98 18.75
N LEU B 527 22.99 -3.80 18.80
CA LEU B 527 22.27 -2.54 18.64
C LEU B 527 22.41 -1.95 17.23
N ASP B 528 23.07 -2.68 16.34
CA ASP B 528 23.31 -2.20 14.98
C ASP B 528 22.05 -1.67 14.32
N GLY B 529 22.17 -0.47 13.77
CA GLY B 529 21.17 0.18 12.92
C GLY B 529 20.06 0.87 13.72
N LEU B 530 20.10 0.78 15.05
CA LEU B 530 19.12 1.48 15.85
C LEU B 530 19.45 2.99 15.81
N LYS B 531 18.44 3.82 16.04
CA LYS B 531 18.57 5.26 15.78
C LYS B 531 18.12 6.03 17.01
N VAL B 532 18.91 7.03 17.37
CA VAL B 532 18.58 7.98 18.41
C VAL B 532 18.26 9.28 17.71
N GLY B 533 17.04 9.78 17.92
CA GLY B 533 16.64 11.08 17.41
C GLY B 533 16.93 12.11 18.48
N LEU B 534 17.84 13.02 18.17
CA LEU B 534 18.20 14.12 19.05
C LEU B 534 17.44 15.36 18.63
N LEU B 535 16.55 15.83 19.51
CA LEU B 535 15.64 16.92 19.20
C LEU B 535 16.34 18.20 19.64
N ALA B 536 16.77 18.95 18.64
CA ALA B 536 17.62 20.15 18.88
C ALA B 536 16.95 21.42 18.34
N SER B 537 17.65 22.55 18.40
CA SER B 537 17.15 23.81 17.89
C SER B 537 18.26 24.60 17.22
N VAL B 538 17.96 25.14 16.05
CA VAL B 538 18.90 25.98 15.31
C VAL B 538 19.21 27.25 16.07
N ASN B 539 18.34 27.63 16.96
CA ASN B 539 18.58 28.84 17.75
C ASN B 539 19.56 28.62 18.91
N LYS B 540 19.93 27.37 19.19
CA LYS B 540 20.92 27.02 20.21
C LYS B 540 21.91 26.07 19.59
N PRO B 541 22.93 26.62 18.93
CA PRO B 541 23.94 25.85 18.21
C PRO B 541 24.55 24.75 19.01
N ALA B 542 24.67 24.95 20.31
CA ALA B 542 25.29 23.92 21.17
C ALA B 542 24.41 22.68 21.26
N SER B 543 23.08 22.87 21.14
CA SER B 543 22.14 21.73 21.12
C SER B 543 22.43 20.84 19.90
N ILE B 544 22.69 21.46 18.76
CA ILE B 544 22.98 20.72 17.53
C ILE B 544 24.32 20.01 17.64
N ALA B 545 25.26 20.68 18.31
CA ALA B 545 26.60 20.08 18.53
C ALA B 545 26.61 18.79 19.36
N GLN B 546 25.61 18.61 20.22
CA GLN B 546 25.51 17.38 21.00
C GLN B 546 25.35 16.15 20.13
N GLY B 547 24.84 16.35 18.94
CA GLY B 547 24.66 15.23 17.99
C GLY B 547 25.97 14.49 17.74
N ALA B 548 27.00 15.20 17.28
CA ALA B 548 28.27 14.61 16.94
C ALA B 548 28.95 14.02 18.17
N LYS B 549 28.80 14.70 19.30
CA LYS B 549 29.38 14.20 20.55
C LYS B 549 28.74 12.89 20.99
N LEU B 550 27.41 12.85 20.97
CA LEU B 550 26.70 11.62 21.30
C LEU B 550 27.07 10.52 20.31
N GLN B 551 27.13 10.88 19.03
CA GLN B 551 27.46 9.92 17.97
C GLN B 551 28.79 9.24 18.28
N VAL B 552 29.76 10.02 18.73
CA VAL B 552 31.07 9.45 18.95
C VAL B 552 31.06 8.36 19.98
N ALA B 553 30.17 8.47 20.95
CA ALA B 553 30.04 7.51 22.06
C ALA B 553 29.16 6.31 21.75
N LEU B 554 28.45 6.38 20.62
CA LEU B 554 27.53 5.30 20.18
C LEU B 554 27.96 4.56 18.87
N SER B 555 28.93 5.07 18.14
CA SER B 555 29.34 4.49 16.84
C SER B 555 29.81 3.05 17.00
N SER B 556 30.49 2.78 18.11
CA SER B 556 31.12 1.48 18.31
C SER B 556 30.11 0.33 18.40
N VAL B 557 28.83 0.63 18.67
CA VAL B 557 27.79 -0.38 18.76
C VAL B 557 26.80 -0.28 17.57
N GLY B 558 27.16 0.52 16.56
CA GLY B 558 26.38 0.59 15.31
C GLY B 558 25.09 1.39 15.37
N VAL B 559 25.04 2.33 16.33
CA VAL B 559 23.83 3.16 16.57
C VAL B 559 24.06 4.53 15.95
N ASP B 560 23.07 5.07 15.26
CA ASP B 560 23.20 6.38 14.61
C ASP B 560 22.41 7.41 15.39
N VAL B 561 22.97 8.63 15.47
CA VAL B 561 22.28 9.75 16.01
C VAL B 561 21.78 10.61 14.87
N VAL B 562 20.50 10.95 14.89
CA VAL B 562 19.90 11.76 13.84
C VAL B 562 19.51 13.09 14.50
N VAL B 563 20.09 14.19 14.06
CA VAL B 563 19.79 15.49 14.62
C VAL B 563 18.55 16.08 13.95
N VAL B 564 17.53 16.33 14.75
CA VAL B 564 16.29 16.97 14.29
C VAL B 564 16.26 18.44 14.68
N ALA B 565 15.94 19.31 13.73
CA ALA B 565 15.74 20.73 14.10
C ALA B 565 14.70 21.39 13.22
N GLU B 566 14.52 22.68 13.43
CA GLU B 566 13.45 23.42 12.75
C GLU B 566 13.62 23.49 11.25
N ARG B 567 14.87 23.68 10.80
CA ARG B 567 15.24 23.78 9.41
C ARG B 567 16.62 23.16 9.19
N ALA B 569 19.89 23.44 8.96
CA ALA B 569 21.16 24.20 9.19
C ALA B 569 22.29 23.23 9.16
N ASN B 570 23.51 23.74 9.30
CA ASN B 570 24.67 22.88 9.41
C ASN B 570 24.47 21.85 10.50
N ASN B 571 24.83 20.61 10.16
CA ASN B 571 24.76 19.49 11.06
C ASN B 571 23.38 19.05 11.50
N VAL B 572 22.35 19.44 10.76
CA VAL B 572 21.00 18.99 11.03
C VAL B 572 20.74 17.88 10.03
N ASP B 573 20.16 16.78 10.47
CA ASP B 573 19.82 15.65 9.61
C ASP B 573 18.41 15.66 9.06
N GLU B 574 17.45 16.08 9.88
CA GLU B 574 16.03 16.06 9.51
C GLU B 574 15.39 17.31 10.07
N THR B 575 14.30 17.77 9.45
CA THR B 575 13.50 18.81 10.04
C THR B 575 12.42 18.18 10.95
N TYR B 576 11.91 18.97 11.91
CA TYR B 576 10.73 18.55 12.68
C TYR B 576 9.57 18.16 11.77
N SER B 577 9.33 18.92 10.70
CA SER B 577 8.19 18.64 9.81
C SER B 577 8.29 17.23 9.25
N ALA B 578 9.51 16.85 8.96
CA ALA B 578 9.81 15.57 8.30
C ALA B 578 9.98 14.42 9.28
N SER B 579 9.85 14.69 10.58
CA SER B 579 10.17 13.70 11.59
C SER B 579 8.96 13.18 12.37
N ASP B 580 9.16 12.02 12.98
CA ASP B 580 8.15 11.36 13.81
C ASP B 580 8.82 10.43 14.78
N ALA B 581 8.18 10.21 15.93
CA ALA B 581 8.73 9.23 16.90
C ALA B 581 9.05 7.88 16.29
N VAL B 582 8.22 7.45 15.34
CA VAL B 582 8.40 6.11 14.77
C VAL B 582 9.71 5.97 14.01
N GLN B 583 10.43 7.05 13.74
CA GLN B 583 11.72 6.93 13.06
C GLN B 583 12.82 6.49 13.96
N PHE B 584 12.60 6.65 15.29
CA PHE B 584 13.68 6.57 16.27
C PHE B 584 13.43 5.53 17.31
N ASP B 585 14.48 4.78 17.63
CA ASP B 585 14.44 3.80 18.66
C ASP B 585 14.57 4.42 20.04
N ALA B 586 15.20 5.58 20.09
CA ALA B 586 15.28 6.40 21.29
C ALA B 586 15.13 7.85 20.92
N VAL B 587 14.54 8.69 21.79
CA VAL B 587 14.34 10.09 21.55
C VAL B 587 14.91 10.85 22.75
N VAL B 588 15.74 11.85 22.43
CA VAL B 588 16.49 12.66 23.42
C VAL B 588 16.34 14.13 23.11
N VAL B 589 16.00 14.90 24.14
CA VAL B 589 15.89 16.33 24.04
C VAL B 589 17.27 16.93 24.32
N ALA B 590 17.81 17.68 23.35
CA ALA B 590 19.15 18.32 23.43
C ALA B 590 19.07 19.50 24.40
N ASP B 591 20.20 19.77 25.03
CA ASP B 591 20.25 20.90 25.97
C ASP B 591 20.14 22.20 25.20
N GLY B 592 19.14 23.02 25.53
CA GLY B 592 18.85 24.24 24.78
C GLY B 592 17.60 24.17 23.92
N ALA B 593 17.08 22.94 23.70
CA ALA B 593 15.90 22.77 22.81
C ALA B 593 14.59 22.82 23.58
N GLU B 594 14.66 22.86 24.93
CA GLU B 594 13.46 22.71 25.75
C GLU B 594 12.35 23.73 25.47
N GLY B 595 12.72 24.91 25.02
CA GLY B 595 11.81 25.95 24.64
C GLY B 595 10.81 25.58 23.57
N LEU B 596 11.14 24.57 22.78
CA LEU B 596 10.23 24.10 21.73
C LEU B 596 9.09 23.17 22.22
N PHE B 597 9.09 22.81 23.52
CA PHE B 597 8.29 21.71 24.05
C PHE B 597 7.19 22.15 24.99
N GLY B 598 6.74 23.38 24.85
CA GLY B 598 5.81 23.95 25.79
C GLY B 598 4.53 23.14 25.81
N ALA B 599 3.95 23.01 26.99
CA ALA B 599 2.69 22.31 27.13
C ALA B 599 1.48 22.98 26.38
N ASP B 600 1.55 24.29 26.13
CA ASP B 600 0.48 24.95 25.37
C ASP B 600 0.68 24.82 23.86
N SER B 601 1.70 24.08 23.41
CA SER B 601 2.10 24.15 21.99
C SER B 601 1.14 23.45 21.01
N PHE B 602 0.32 22.50 21.48
CA PHE B 602 -0.63 21.82 20.56
C PHE B 602 -1.78 22.74 20.13
N THR B 603 -2.19 23.64 21.03
CA THR B 603 -3.43 24.38 20.87
C THR B 603 -3.29 25.93 20.81
N VAL B 604 -2.08 26.45 21.01
N VAL B 604 -2.09 26.46 21.03
CA VAL B 604 -1.86 27.89 20.90
CA VAL B 604 -1.93 27.92 21.00
C VAL B 604 -2.35 28.41 19.55
C VAL B 604 -2.28 28.45 19.60
N GLU B 605 -2.99 29.57 19.56
CA GLU B 605 -3.45 30.17 18.34
C GLU B 605 -2.25 30.83 17.67
N PRO B 606 -1.96 30.44 16.39
CA PRO B 606 -0.75 30.86 15.67
C PRO B 606 -0.94 32.16 14.93
N SER B 607 -1.19 33.21 15.68
CA SER B 607 -1.42 34.53 15.12
C SER B 607 -0.08 35.22 14.85
N ALA B 608 -0.16 36.32 14.10
CA ALA B 608 1.03 37.15 13.79
C ALA B 608 1.88 37.42 15.04
N GLY B 609 1.25 37.62 16.20
CA GLY B 609 2.01 37.97 17.40
C GLY B 609 2.52 36.84 18.29
N SER B 610 2.23 35.58 17.90
CA SER B 610 2.39 34.42 18.79
C SER B 610 3.79 33.79 18.79
N GLY B 611 4.56 34.05 17.73
CA GLY B 611 5.80 33.35 17.52
C GLY B 611 5.67 31.85 17.18
N ALA B 612 4.48 31.40 16.73
CA ALA B 612 4.31 30.00 16.27
C ALA B 612 5.11 29.78 14.99
N SER B 613 5.74 28.62 14.87
CA SER B 613 6.60 28.35 13.71
C SER B 613 5.78 27.93 12.56
N THR B 614 6.12 28.39 11.38
CA THR B 614 5.54 27.83 10.17
C THR B 614 6.36 26.68 9.66
N LEU B 615 7.47 26.33 10.33
CA LEU B 615 8.35 25.30 9.81
C LEU B 615 7.90 23.88 10.19
N TYR B 616 6.93 23.78 11.11
CA TYR B 616 6.37 22.48 11.48
C TYR B 616 4.99 22.62 12.07
N PRO B 617 4.20 21.51 12.04
CA PRO B 617 2.88 21.61 12.68
C PRO B 617 2.94 21.93 14.15
N ALA B 618 1.89 22.62 14.63
CA ALA B 618 1.73 22.97 16.05
C ALA B 618 1.94 21.74 16.92
N GLY B 619 2.89 21.85 17.87
CA GLY B 619 3.17 20.83 18.85
C GLY B 619 4.08 19.69 18.40
N ARG B 620 4.62 19.75 17.20
CA ARG B 620 5.40 18.61 16.68
C ARG B 620 6.54 18.15 17.60
N PRO B 621 7.38 19.06 18.08
CA PRO B 621 8.44 18.55 18.94
C PRO B 621 7.88 17.78 20.18
N LEU B 622 6.92 18.33 20.91
CA LEU B 622 6.40 17.64 22.07
C LEU B 622 5.67 16.33 21.69
N ASN B 623 5.01 16.36 20.54
CA ASN B 623 4.34 15.17 20.04
C ASN B 623 5.36 14.02 19.86
N ILE B 624 6.53 14.32 19.32
CA ILE B 624 7.52 13.28 19.07
C ILE B 624 7.94 12.67 20.42
N LEU B 625 8.21 13.52 21.37
CA LEU B 625 8.61 13.05 22.72
C LEU B 625 7.52 12.24 23.40
N LEU B 626 6.28 12.72 23.37
CA LEU B 626 5.15 12.01 24.02
C LEU B 626 4.84 10.68 23.34
N ASP B 627 4.88 10.68 22.00
CA ASP B 627 4.64 9.43 21.28
C ASP B 627 5.73 8.45 21.68
N ALA B 628 7.00 8.89 21.70
CA ALA B 628 8.12 8.01 22.04
C ALA B 628 7.91 7.41 23.38
N PHE B 629 7.52 8.25 24.33
CA PHE B 629 7.23 7.72 25.67
C PHE B 629 6.08 6.71 25.69
N ARG B 630 4.97 7.04 25.06
CA ARG B 630 3.76 6.21 25.16
C ARG B 630 4.01 4.88 24.45
N PHE B 631 4.84 4.90 23.41
CA PHE B 631 5.13 3.70 22.62
C PHE B 631 6.08 2.76 23.36
N GLY B 632 6.67 3.22 24.47
CA GLY B 632 7.61 2.36 25.24
C GLY B 632 9.10 2.58 24.97
N LYS B 633 9.44 3.60 24.20
CA LYS B 633 10.80 3.81 23.77
C LYS B 633 11.66 4.44 24.89
N THR B 634 12.96 4.17 24.81
CA THR B 634 13.98 4.92 25.55
C THR B 634 13.81 6.38 25.29
N VAL B 635 13.73 7.18 26.37
CA VAL B 635 13.67 8.62 26.21
C VAL B 635 14.67 9.24 27.16
N GLY B 636 15.20 10.39 26.75
CA GLY B 636 16.23 11.08 27.55
C GLY B 636 16.21 12.55 27.34
N ALA B 637 16.99 13.23 28.18
CA ALA B 637 17.12 14.67 28.05
C ALA B 637 18.48 15.06 28.62
N LEU B 638 19.10 16.05 27.97
CA LEU B 638 20.46 16.52 28.30
C LEU B 638 20.36 17.91 28.92
N GLY B 639 20.95 18.08 30.10
CA GLY B 639 20.95 19.39 30.70
C GLY B 639 19.54 19.91 30.96
N SER B 640 19.35 21.19 30.61
N SER B 640 19.33 21.18 30.63
CA SER B 640 18.09 21.88 30.81
CA SER B 640 18.06 21.82 30.86
C SER B 640 17.04 21.27 29.88
C SER B 640 17.04 21.36 29.80
N GLY B 641 17.48 20.47 28.90
CA GLY B 641 16.52 19.70 28.07
C GLY B 641 15.50 18.95 28.89
N SER B 642 15.85 18.61 30.13
CA SER B 642 14.94 17.94 31.05
C SER B 642 13.70 18.75 31.37
N ASP B 643 13.73 20.07 31.15
CA ASP B 643 12.50 20.86 31.26
C ASP B 643 11.40 20.35 30.29
N ALA B 644 11.80 19.83 29.14
CA ALA B 644 10.85 19.30 28.16
C ALA B 644 10.17 18.07 28.77
N LEU B 645 10.90 17.28 29.52
CA LEU B 645 10.26 16.11 30.18
C LEU B 645 9.18 16.58 31.13
N GLU B 646 9.47 17.65 31.85
CA GLU B 646 8.46 18.22 32.74
C GLU B 646 7.23 18.69 31.99
N SER B 647 7.42 19.41 30.90
CA SER B 647 6.31 19.89 30.08
C SER B 647 5.45 18.74 29.61
N GLY B 648 6.08 17.62 29.30
CA GLY B 648 5.34 16.44 28.85
C GLY B 648 4.91 15.52 29.95
N GLN B 649 5.06 15.94 31.21
CA GLN B 649 4.64 15.11 32.36
C GLN B 649 5.32 13.75 32.37
N ILE B 650 6.58 13.76 31.97
CA ILE B 650 7.40 12.54 31.98
C ILE B 650 8.44 12.67 33.10
N SER B 651 8.31 11.82 34.10
CA SER B 651 9.30 11.80 35.19
C SER B 651 10.53 10.95 34.90
N SER B 652 11.70 11.47 35.22
CA SER B 652 12.95 10.73 35.07
C SER B 652 13.07 9.56 36.03
N GLU B 653 12.17 9.51 37.00
CA GLU B 653 12.10 8.37 37.88
C GLU B 653 11.57 7.13 37.18
N ARG B 654 10.87 7.29 36.04
CA ARG B 654 10.30 6.14 35.36
C ARG B 654 11.42 5.33 34.68
N GLN B 655 11.23 4.03 34.56
CA GLN B 655 12.16 3.20 33.83
C GLN B 655 12.26 3.62 32.35
N GLY B 656 13.46 3.62 31.79
CA GLY B 656 13.64 3.96 30.35
C GLY B 656 13.55 5.46 30.06
N VAL B 657 13.71 6.30 31.10
CA VAL B 657 13.79 7.72 30.96
C VAL B 657 15.09 8.10 31.64
N TYR B 658 15.96 8.77 30.89
CA TYR B 658 17.35 9.02 31.35
C TYR B 658 17.66 10.50 31.21
N THR B 659 18.25 11.10 32.25
CA THR B 659 18.75 12.48 32.13
C THR B 659 20.27 12.44 32.31
N GLY B 660 20.94 13.30 31.58
CA GLY B 660 22.38 13.41 31.59
C GLY B 660 22.81 14.86 31.60
N LYS B 661 23.95 15.11 32.25
CA LYS B 661 24.54 16.43 32.33
C LYS B 661 25.00 16.91 30.97
N ASN B 662 25.54 16.00 30.20
CA ASN B 662 26.03 16.32 28.88
C ASN B 662 26.03 15.06 28.06
N ALA B 663 26.47 15.19 26.82
CA ALA B 663 26.35 14.12 25.83
C ALA B 663 27.53 13.17 25.85
N GLY B 664 28.11 12.96 27.01
CA GLY B 664 29.29 12.12 27.16
C GLY B 664 29.01 10.65 27.42
N ASP B 665 30.06 9.93 27.77
CA ASP B 665 29.96 8.48 27.97
C ASP B 665 28.91 7.98 28.98
N ALA B 666 28.75 8.68 30.10
CA ALA B 666 27.81 8.21 31.09
C ALA B 666 26.40 8.16 30.50
N PHE B 667 26.04 9.24 29.80
CA PHE B 667 24.69 9.33 29.24
C PHE B 667 24.60 8.29 28.12
N ALA B 668 25.65 8.18 27.31
CA ALA B 668 25.70 7.18 26.22
C ALA B 668 25.49 5.76 26.75
N LYS B 669 26.09 5.47 27.91
CA LYS B 669 25.85 4.18 28.54
C LYS B 669 24.41 3.93 28.93
N ASP B 670 23.72 4.95 29.43
CA ASP B 670 22.30 4.82 29.74
C ASP B 670 21.47 4.60 28.47
N ILE B 671 21.76 5.37 27.44
CA ILE B 671 21.04 5.17 26.16
C ILE B 671 21.26 3.76 25.59
N LYS B 672 22.47 3.22 25.70
CA LYS B 672 22.71 1.83 25.25
C LYS B 672 21.93 0.80 26.08
N SER B 673 21.87 1.02 27.39
CA SER B 673 21.05 0.19 28.24
C SER B 673 19.55 0.21 27.86
N GLY B 674 19.05 1.38 27.59
CA GLY B 674 17.67 1.56 27.13
C GLY B 674 17.45 0.85 25.80
N LEU B 675 18.35 1.06 24.84
CA LEU B 675 18.20 0.41 23.52
C LEU B 675 18.19 -1.08 23.65
N SER B 676 19.05 -1.61 24.52
CA SER B 676 19.09 -3.04 24.76
C SER B 676 17.80 -3.66 25.31
N THR B 677 17.16 -2.92 26.22
CA THR B 677 15.88 -3.31 26.73
C THR B 677 14.81 -3.18 25.61
N PHE B 678 15.02 -2.13 24.84
CA PHE B 678 14.25 -1.82 23.59
C PHE B 678 12.86 -1.23 23.82
N LYS B 679 12.01 -1.96 24.56
CA LYS B 679 10.71 -1.42 24.93
C LYS B 679 10.52 -1.57 26.43
N PHE B 680 10.06 -0.48 27.05
CA PHE B 680 9.69 -0.42 28.48
C PHE B 680 8.27 -0.79 28.74
N LEU B 681 8.10 -2.06 29.12
CA LEU B 681 6.79 -2.70 29.24
C LEU B 681 5.93 -2.18 30.42
N ASP B 682 6.52 -1.46 31.38
CA ASP B 682 5.72 -0.94 32.50
C ASP B 682 4.78 0.21 32.10
N ARG B 683 4.90 0.67 30.85
CA ARG B 683 4.02 1.71 30.35
C ARG B 683 2.73 1.18 29.78
N PHE B 684 2.50 -0.13 29.87
CA PHE B 684 1.29 -0.73 29.34
C PHE B 684 0.49 -1.39 30.46
N ALA B 685 -0.77 -1.02 30.52
CA ALA B 685 -1.67 -1.55 31.53
C ALA B 685 -1.96 -3.01 31.25
N VAL B 686 -2.19 -3.77 32.31
CA VAL B 686 -2.47 -5.19 32.18
C VAL B 686 -3.73 -5.52 32.95
N ASP B 687 -4.54 -6.43 32.41
CA ASP B 687 -5.81 -6.83 33.05
C ASP B 687 -5.57 -7.44 34.41
N GLU B 688 -6.59 -7.32 35.27
CA GLU B 688 -6.58 -7.85 36.65
C GLU B 688 -7.78 -8.77 36.83
#